data_3ZJC
#
_entry.id   3ZJC
#
_cell.length_a   45.853
_cell.length_b   90.939
_cell.length_c   114.551
_cell.angle_alpha   77.30
_cell.angle_beta   85.23
_cell.angle_gamma   89.23
#
_symmetry.space_group_name_H-M   'P 1'
#
loop_
_entity.id
_entity.type
_entity.pdbx_description
1 polymer 'GTPASE IMAP FAMILY MEMBER 7'
2 non-polymer 'MAGNESIUM ION'
3 non-polymer 'PHOSPHOAMINOPHOSPHONIC ACID-GUANYLATE ESTER'
4 water water
#
_entity_poly.entity_id   1
_entity_poly.type   'polypeptide(L)'
_entity_poly.pdbx_seq_one_letter_code
;GPLGSMAESEDRSLRIVLVGKTGSGKSATANTILGEEIFDSRIAAQAVTKNCQKASREWQGRDLLVVDTPGLFDTKESLD
TTCKEISRCIISSCPGPHAIVLVLQLGRYTEEEQKTVALIKAVFGKSAMKHMVILFTRKEELEGQSFHDFIADADVGLKS
IVKECGNRCCAFSNSKKTSKAEKESQVQELVELIEKMVQCNEGAYFSDDIYKDTEERLKQREEVLRKIYTDQLNEEIKLV
EEDKHKSEEEKEKEIKLLKLKYDEKIKNIREEAERNIFKDVFNRIWKMLSEIWHRFLSKCKFYSS
;
_entity_poly.pdbx_strand_id   A,B,C,D,E,F
#
loop_
_chem_comp.id
_chem_comp.type
_chem_comp.name
_chem_comp.formula
GNP non-polymer 'PHOSPHOAMINOPHOSPHONIC ACID-GUANYLATE ESTER' 'C10 H17 N6 O13 P3'
MG non-polymer 'MAGNESIUM ION' 'Mg 2'
#
# COMPACT_ATOMS: atom_id res chain seq x y z
N SER A 13 7.96 -16.34 26.66
CA SER A 13 8.47 -15.88 25.38
C SER A 13 7.34 -15.56 24.42
N LEU A 14 7.51 -14.48 23.66
CA LEU A 14 6.51 -14.05 22.69
C LEU A 14 7.14 -13.81 21.33
N ARG A 15 6.54 -14.40 20.30
CA ARG A 15 7.09 -14.26 18.96
C ARG A 15 6.06 -13.46 18.18
N ILE A 16 6.43 -12.25 17.77
CA ILE A 16 5.49 -11.42 17.04
C ILE A 16 6.07 -11.02 15.71
N VAL A 17 5.23 -11.08 14.69
CA VAL A 17 5.67 -10.69 13.37
C VAL A 17 4.97 -9.45 12.86
N LEU A 18 5.73 -8.49 12.34
CA LEU A 18 5.14 -7.25 11.89
C LEU A 18 5.13 -7.25 10.37
N VAL A 19 3.93 -7.32 9.80
CA VAL A 19 3.80 -7.30 8.34
C VAL A 19 2.97 -6.10 7.96
N GLY A 20 3.06 -5.68 6.70
CA GLY A 20 2.35 -4.49 6.29
C GLY A 20 2.91 -3.88 5.04
N LYS A 21 2.38 -2.72 4.68
CA LYS A 21 2.82 -2.00 3.50
C LYS A 21 4.20 -1.37 3.75
N THR A 22 4.74 -0.70 2.74
CA THR A 22 6.00 -0.01 2.94
C THR A 22 5.70 1.42 3.36
N GLY A 23 6.26 1.85 4.48
CA GLY A 23 6.04 3.21 4.93
C GLY A 23 4.98 3.30 6.01
N SER A 24 4.52 2.14 6.47
CA SER A 24 3.41 2.10 7.40
C SER A 24 3.86 2.35 8.83
N GLY A 25 5.17 2.31 9.07
CA GLY A 25 5.72 2.50 10.40
C GLY A 25 6.03 1.20 11.13
N LYS A 26 6.27 0.14 10.38
CA LYS A 26 6.61 -1.15 10.97
C LYS A 26 7.85 -1.05 11.85
N SER A 27 8.91 -0.49 11.28
CA SER A 27 10.19 -0.40 11.96
C SER A 27 10.09 0.48 13.19
N ALA A 28 9.40 1.62 13.05
CA ALA A 28 9.10 2.49 14.18
C ALA A 28 8.38 1.72 15.29
N THR A 29 7.34 0.99 14.87
CA THR A 29 6.57 0.14 15.79
C THR A 29 7.45 -0.87 16.51
N ALA A 30 8.36 -1.49 15.76
CA ALA A 30 9.33 -2.40 16.32
C ALA A 30 10.20 -1.72 17.38
N ASN A 31 10.66 -0.51 17.07
CA ASN A 31 11.48 0.26 17.99
C ASN A 31 10.74 0.54 19.30
N THR A 32 9.48 0.97 19.19
CA THR A 32 8.69 1.28 20.37
C THR A 32 8.36 0.05 21.20
N ILE A 33 8.40 -1.12 20.57
CA ILE A 33 8.28 -2.36 21.31
C ILE A 33 9.59 -2.68 22.02
N LEU A 34 10.69 -2.47 21.31
CA LEU A 34 12.00 -2.84 21.83
C LEU A 34 12.64 -1.84 22.79
N GLY A 35 12.02 -0.67 22.97
CA GLY A 35 12.44 0.24 24.01
C GLY A 35 13.57 1.16 23.58
N GLU A 36 14.30 0.73 22.55
CA GLU A 36 15.37 1.53 21.97
C GLU A 36 15.34 1.30 20.46
N GLU A 37 16.03 2.14 19.69
CA GLU A 37 15.97 2.03 18.24
C GLU A 37 17.04 1.11 17.67
N ILE A 38 16.58 0.01 17.09
CA ILE A 38 17.48 -1.02 16.57
C ILE A 38 17.40 -0.96 15.06
N PHE A 39 16.20 -1.18 14.55
CA PHE A 39 15.94 -1.12 13.12
C PHE A 39 15.90 0.31 12.59
N ASP A 40 15.99 0.41 11.27
CA ASP A 40 16.09 1.70 10.60
C ASP A 40 14.69 2.27 10.32
N SER A 41 14.34 3.37 10.97
CA SER A 41 13.07 4.03 10.68
C SER A 41 13.25 5.48 10.24
N ARG A 42 12.92 5.76 8.99
CA ARG A 42 12.97 7.12 8.45
C ARG A 42 12.04 7.26 7.26
N ILE A 43 11.87 8.50 6.79
CA ILE A 43 10.96 8.75 5.68
C ILE A 43 11.74 8.58 4.39
N ALA A 44 11.15 7.89 3.44
CA ALA A 44 11.86 7.56 2.22
C ALA A 44 10.96 7.41 1.01
N ALA A 45 11.55 7.60 -0.16
CA ALA A 45 10.91 7.33 -1.43
C ALA A 45 11.32 5.95 -1.91
N GLN A 46 12.06 5.23 -1.08
CA GLN A 46 12.45 3.84 -1.33
C GLN A 46 12.05 2.97 -0.16
N ALA A 47 12.24 1.68 -0.30
CA ALA A 47 12.06 0.78 0.83
C ALA A 47 13.29 0.92 1.74
N VAL A 48 13.06 1.27 2.99
CA VAL A 48 14.17 1.38 3.94
C VAL A 48 14.56 0.00 4.50
N THR A 49 13.60 -0.93 4.53
CA THR A 49 13.86 -2.28 5.01
C THR A 49 13.78 -3.21 3.81
N LYS A 50 14.93 -3.73 3.41
CA LYS A 50 15.01 -4.63 2.28
C LYS A 50 15.09 -6.09 2.71
N ASN A 51 15.22 -6.30 4.02
CA ASN A 51 15.49 -7.63 4.56
C ASN A 51 14.76 -7.92 5.86
N CYS A 52 14.26 -9.14 6.02
CA CYS A 52 13.66 -9.56 7.29
C CYS A 52 14.69 -9.42 8.41
N GLN A 53 14.28 -8.75 9.48
CA GLN A 53 15.15 -8.51 10.63
C GLN A 53 14.50 -8.92 11.95
N LYS A 54 15.30 -9.41 12.88
CA LYS A 54 14.78 -9.88 14.16
C LYS A 54 15.57 -9.33 15.34
N ALA A 55 14.91 -9.21 16.49
CA ALA A 55 15.54 -8.70 17.70
C ALA A 55 14.85 -9.27 18.94
N SER A 56 15.38 -8.95 20.12
CA SER A 56 14.79 -9.39 21.38
C SER A 56 14.79 -8.27 22.42
N ARG A 57 13.87 -8.36 23.38
CA ARG A 57 13.84 -7.38 24.47
C ARG A 57 13.53 -7.97 25.84
N GLU A 58 14.21 -7.44 26.85
CA GLU A 58 13.90 -7.76 28.24
C GLU A 58 12.66 -6.97 28.59
N TRP A 59 11.62 -7.68 29.02
CA TRP A 59 10.37 -7.07 29.42
C TRP A 59 10.02 -7.37 30.87
N GLN A 60 8.95 -6.76 31.34
CA GLN A 60 8.40 -7.00 32.66
C GLN A 60 8.44 -8.49 33.02
N GLY A 61 7.89 -9.33 32.15
CA GLY A 61 7.90 -10.76 32.40
C GLY A 61 8.48 -11.67 31.33
N ARG A 62 8.54 -11.21 30.08
CA ARG A 62 8.94 -12.08 28.97
C ARG A 62 10.05 -11.55 28.08
N ASP A 63 10.56 -12.42 27.22
CA ASP A 63 11.48 -12.03 26.17
C ASP A 63 10.66 -11.82 24.91
N LEU A 64 10.62 -10.58 24.45
CA LEU A 64 9.82 -10.25 23.27
C LEU A 64 10.67 -10.35 22.02
N LEU A 65 10.19 -11.09 21.02
CA LEU A 65 10.93 -11.27 19.79
C LEU A 65 10.17 -10.68 18.62
N VAL A 66 10.75 -9.66 18.01
CA VAL A 66 10.08 -8.85 17.01
C VAL A 66 10.65 -9.06 15.61
N VAL A 67 9.81 -9.50 14.69
CA VAL A 67 10.25 -9.70 13.32
C VAL A 67 9.77 -8.54 12.44
N ASP A 68 10.70 -7.73 11.96
CA ASP A 68 10.36 -6.62 11.09
C ASP A 68 10.54 -7.11 9.66
N THR A 69 9.60 -6.79 8.80
CA THR A 69 9.60 -7.31 7.44
C THR A 69 9.72 -6.16 6.46
N PRO A 70 10.22 -6.44 5.26
CA PRO A 70 10.20 -5.42 4.21
C PRO A 70 8.76 -5.19 3.79
N GLY A 71 8.45 -3.99 3.29
CA GLY A 71 7.12 -3.68 2.82
C GLY A 71 6.66 -4.72 1.82
N LEU A 72 5.47 -5.26 2.02
CA LEU A 72 5.04 -6.44 1.29
C LEU A 72 4.94 -6.15 -0.20
N PHE A 73 4.34 -5.02 -0.53
CA PHE A 73 4.19 -4.68 -1.94
C PHE A 73 4.93 -3.39 -2.29
N ASP A 74 5.60 -3.39 -3.44
CA ASP A 74 6.46 -2.29 -3.85
C ASP A 74 5.85 -1.47 -4.99
N SER A 78 7.42 -8.87 -7.34
CA SER A 78 8.40 -9.91 -7.65
C SER A 78 8.06 -11.20 -6.90
N LEU A 79 7.76 -12.25 -7.66
CA LEU A 79 7.42 -13.53 -7.06
C LEU A 79 8.62 -14.08 -6.32
N ASP A 80 9.80 -13.83 -6.88
CA ASP A 80 11.04 -14.27 -6.28
C ASP A 80 11.26 -13.60 -4.93
N THR A 81 11.27 -12.26 -4.93
CA THR A 81 11.52 -11.49 -3.72
C THR A 81 10.50 -11.76 -2.62
N THR A 82 9.22 -11.77 -2.99
CA THR A 82 8.15 -12.08 -2.05
C THR A 82 8.40 -13.44 -1.39
N CYS A 83 8.69 -14.44 -2.23
CA CYS A 83 8.98 -15.77 -1.73
C CYS A 83 10.19 -15.79 -0.79
N LYS A 84 11.22 -15.01 -1.13
CA LYS A 84 12.42 -14.94 -0.32
C LYS A 84 12.11 -14.42 1.08
N GLU A 85 11.47 -13.25 1.12
CA GLU A 85 11.21 -12.57 2.37
C GLU A 85 10.19 -13.32 3.25
N ILE A 86 9.15 -13.85 2.63
CA ILE A 86 8.19 -14.69 3.36
C ILE A 86 8.89 -15.87 4.01
N SER A 87 9.68 -16.58 3.22
CA SER A 87 10.42 -17.75 3.69
C SER A 87 11.31 -17.36 4.86
N ARG A 88 11.99 -16.23 4.72
CA ARG A 88 12.86 -15.73 5.78
C ARG A 88 12.04 -15.47 7.03
N CYS A 89 10.90 -14.84 6.83
CA CYS A 89 9.96 -14.54 7.90
C CYS A 89 9.50 -15.82 8.62
N ILE A 90 9.15 -16.84 7.85
CA ILE A 90 8.75 -18.13 8.41
C ILE A 90 9.84 -18.74 9.29
N ILE A 91 11.07 -18.79 8.77
CA ILE A 91 12.20 -19.35 9.50
C ILE A 91 12.44 -18.63 10.83
N SER A 92 12.45 -17.30 10.77
CA SER A 92 12.66 -16.48 11.97
C SER A 92 11.55 -16.70 12.99
N SER A 93 10.34 -16.93 12.49
CA SER A 93 9.18 -17.04 13.36
C SER A 93 8.96 -18.45 13.91
N CYS A 94 9.77 -19.41 13.47
CA CYS A 94 9.63 -20.78 13.95
C CYS A 94 9.77 -20.83 15.46
N PRO A 95 9.12 -21.81 16.11
CA PRO A 95 8.25 -22.85 15.53
C PRO A 95 6.91 -22.28 15.07
N GLY A 96 6.55 -21.12 15.59
CA GLY A 96 5.39 -20.39 15.14
C GLY A 96 5.25 -19.05 15.85
N PRO A 97 4.62 -18.07 15.19
CA PRO A 97 4.41 -16.75 15.78
C PRO A 97 3.24 -16.76 16.76
N HIS A 98 3.30 -15.92 17.78
CA HIS A 98 2.18 -15.75 18.68
C HIS A 98 1.18 -14.75 18.12
N ALA A 99 1.69 -13.64 17.59
CA ALA A 99 0.83 -12.65 16.98
C ALA A 99 1.40 -12.19 15.64
N ILE A 100 0.56 -12.20 14.62
CA ILE A 100 0.87 -11.55 13.37
C ILE A 100 0.18 -10.21 13.36
N VAL A 101 0.98 -9.16 13.43
CA VAL A 101 0.47 -7.80 13.49
C VAL A 101 0.54 -7.12 12.13
N LEU A 102 -0.64 -6.81 11.60
CA LEU A 102 -0.77 -6.07 10.36
C LEU A 102 -0.70 -4.58 10.68
N VAL A 103 0.29 -3.91 10.13
CA VAL A 103 0.52 -2.50 10.43
C VAL A 103 0.00 -1.58 9.34
N LEU A 104 -0.91 -0.68 9.72
CA LEU A 104 -1.44 0.34 8.81
C LEU A 104 -1.17 1.73 9.33
N GLN A 105 -1.09 2.67 8.40
CA GLN A 105 -1.12 4.07 8.77
C GLN A 105 -2.55 4.35 9.18
N LEU A 106 -2.75 5.37 10.00
CA LEU A 106 -4.08 5.69 10.47
C LEU A 106 -4.99 6.06 9.28
N GLY A 107 -6.23 5.59 9.34
CA GLY A 107 -7.21 5.74 8.27
C GLY A 107 -7.47 4.47 7.46
N ARG A 108 -7.83 4.62 6.19
CA ARG A 108 -8.41 3.53 5.40
C ARG A 108 -7.61 2.22 5.32
N TYR A 109 -8.34 1.15 5.07
CA TYR A 109 -7.77 -0.17 4.82
C TYR A 109 -7.72 -0.25 3.32
N THR A 110 -6.51 -0.35 2.79
CA THR A 110 -6.28 -0.13 1.36
C THR A 110 -5.85 -1.37 0.60
N GLU A 111 -5.72 -1.24 -0.72
CA GLU A 111 -5.51 -2.39 -1.59
C GLU A 111 -4.24 -3.20 -1.28
N GLU A 112 -3.16 -2.52 -0.93
CA GLU A 112 -1.92 -3.23 -0.61
C GLU A 112 -2.06 -4.08 0.65
N GLU A 113 -2.80 -3.58 1.62
CA GLU A 113 -3.11 -4.33 2.84
C GLU A 113 -4.08 -5.47 2.53
N GLN A 114 -4.97 -5.22 1.57
CA GLN A 114 -5.92 -6.24 1.11
C GLN A 114 -5.17 -7.43 0.53
N LYS A 115 -4.22 -7.15 -0.36
CA LYS A 115 -3.40 -8.18 -0.98
C LYS A 115 -2.51 -8.87 0.05
N THR A 116 -2.04 -8.10 1.03
CA THR A 116 -1.20 -8.62 2.11
C THR A 116 -1.98 -9.63 2.94
N VAL A 117 -3.18 -9.25 3.33
CA VAL A 117 -4.10 -10.12 4.05
C VAL A 117 -4.43 -11.35 3.20
N ALA A 118 -4.66 -11.12 1.91
CA ALA A 118 -4.89 -12.21 0.97
C ALA A 118 -3.73 -13.20 0.98
N LEU A 119 -2.50 -12.67 0.95
CA LEU A 119 -1.29 -13.49 0.95
C LEU A 119 -1.16 -14.37 2.20
N ILE A 120 -1.28 -13.78 3.38
CA ILE A 120 -1.22 -14.54 4.63
C ILE A 120 -2.26 -15.66 4.63
N LYS A 121 -3.48 -15.31 4.24
CA LYS A 121 -4.56 -16.27 4.07
C LYS A 121 -4.21 -17.40 3.11
N ALA A 122 -3.66 -17.03 1.96
CA ALA A 122 -3.33 -18.00 0.92
C ALA A 122 -2.22 -18.96 1.31
N VAL A 123 -1.14 -18.43 1.85
CA VAL A 123 0.02 -19.24 2.22
C VAL A 123 -0.18 -20.00 3.52
N PHE A 124 -0.73 -19.33 4.53
CA PHE A 124 -0.77 -19.90 5.87
C PHE A 124 -2.15 -20.42 6.23
N GLY A 125 -3.09 -20.26 5.31
CA GLY A 125 -4.46 -20.69 5.50
C GLY A 125 -5.31 -19.57 6.07
N LYS A 126 -6.61 -19.81 6.19
CA LYS A 126 -7.51 -18.88 6.87
C LYS A 126 -7.33 -19.00 8.38
N SER A 127 -6.73 -20.12 8.80
CA SER A 127 -6.56 -20.44 10.21
C SER A 127 -5.56 -19.50 10.90
N ALA A 128 -4.90 -18.68 10.10
CA ALA A 128 -3.93 -17.70 10.60
C ALA A 128 -4.60 -16.44 11.15
N MET A 129 -5.83 -16.19 10.74
CA MET A 129 -6.52 -14.95 11.07
C MET A 129 -6.97 -14.87 12.51
N LYS A 130 -6.80 -15.95 13.26
CA LYS A 130 -7.08 -15.92 14.68
C LYS A 130 -5.96 -15.20 15.41
N HIS A 131 -4.76 -15.30 14.85
CA HIS A 131 -3.59 -14.69 15.46
C HIS A 131 -3.21 -13.33 14.90
N MET A 132 -4.02 -12.80 13.98
CA MET A 132 -3.75 -11.48 13.43
C MET A 132 -4.32 -10.38 14.31
N VAL A 133 -3.52 -9.35 14.54
CA VAL A 133 -4.00 -8.14 15.20
C VAL A 133 -3.76 -6.94 14.29
N ILE A 134 -4.64 -5.95 14.35
CA ILE A 134 -4.46 -4.77 13.52
C ILE A 134 -3.85 -3.66 14.35
N LEU A 135 -2.77 -3.08 13.86
CA LEU A 135 -2.11 -1.98 14.56
C LEU A 135 -1.96 -0.79 13.65
N PHE A 136 -2.37 0.38 14.15
CA PHE A 136 -2.31 1.62 13.41
C PHE A 136 -1.15 2.45 13.93
N THR A 137 -0.57 3.28 13.07
CA THR A 137 0.47 4.21 13.52
C THR A 137 -0.08 5.63 13.37
N ARG A 138 0.70 6.62 13.79
CA ARG A 138 0.27 8.01 13.77
C ARG A 138 -0.97 8.28 14.64
N LYS A 139 -1.02 7.63 15.81
CA LYS A 139 -2.14 7.80 16.73
C LYS A 139 -2.34 9.27 17.11
N GLU A 140 -1.25 10.02 17.17
CA GLU A 140 -1.31 11.41 17.60
C GLU A 140 -1.99 12.31 16.58
N GLU A 141 -2.30 11.77 15.40
CA GLU A 141 -2.85 12.58 14.32
C GLU A 141 -4.37 12.79 14.37
N LEU A 142 -5.08 11.96 15.14
CA LEU A 142 -6.53 12.08 15.22
C LEU A 142 -7.02 13.24 16.09
N GLU A 143 -6.14 13.71 16.98
CA GLU A 143 -6.40 14.85 17.86
C GLU A 143 -7.55 14.64 18.84
N GLY A 144 -8.62 15.43 18.71
CA GLY A 144 -9.75 15.35 19.61
C GLY A 144 -10.67 14.15 19.49
N GLN A 145 -10.46 13.34 18.46
CA GLN A 145 -11.32 12.17 18.24
C GLN A 145 -10.82 10.92 18.97
N SER A 146 -11.74 10.12 19.47
CA SER A 146 -11.44 8.86 20.17
C SER A 146 -11.09 7.77 19.16
N PHE A 147 -10.16 6.89 19.51
CA PHE A 147 -9.85 5.77 18.61
C PHE A 147 -11.11 4.92 18.43
N HIS A 148 -11.90 4.79 19.49
CA HIS A 148 -13.21 4.12 19.42
C HIS A 148 -14.07 4.78 18.36
N ASP A 149 -14.22 6.09 18.48
CA ASP A 149 -14.94 6.90 17.51
C ASP A 149 -14.33 6.71 16.12
N PHE A 150 -13.03 6.50 16.09
CA PHE A 150 -12.32 6.33 14.83
C PHE A 150 -12.75 5.06 14.09
N ILE A 151 -12.69 3.93 14.80
CA ILE A 151 -13.04 2.64 14.22
C ILE A 151 -14.55 2.47 14.07
N ALA A 152 -15.29 3.39 14.68
CA ALA A 152 -16.74 3.40 14.56
C ALA A 152 -17.22 4.01 13.26
N ASP A 153 -16.43 4.91 12.70
CA ASP A 153 -16.78 5.55 11.43
C ASP A 153 -16.21 4.75 10.25
N ALA A 154 -15.68 3.57 10.52
CA ALA A 154 -14.95 2.83 9.51
C ALA A 154 -15.85 2.32 8.38
N ASP A 155 -15.24 1.67 7.41
CA ASP A 155 -15.94 1.21 6.22
C ASP A 155 -16.14 -0.29 6.24
N VAL A 156 -16.74 -0.80 5.17
CA VAL A 156 -17.12 -2.20 5.09
C VAL A 156 -15.88 -3.09 5.18
N GLY A 157 -14.85 -2.73 4.42
CA GLY A 157 -13.64 -3.52 4.38
C GLY A 157 -12.86 -3.52 5.69
N LEU A 158 -12.66 -2.34 6.28
CA LEU A 158 -11.99 -2.26 7.57
C LEU A 158 -12.77 -2.98 8.66
N LYS A 159 -14.10 -2.79 8.67
CA LYS A 159 -14.97 -3.47 9.62
C LYS A 159 -14.88 -4.99 9.44
N SER A 160 -14.85 -5.42 8.19
CA SER A 160 -14.73 -6.82 7.86
C SER A 160 -13.46 -7.45 8.42
N ILE A 161 -12.32 -6.84 8.11
CA ILE A 161 -11.04 -7.39 8.55
C ILE A 161 -10.89 -7.31 10.08
N VAL A 162 -11.41 -6.25 10.67
CA VAL A 162 -11.42 -6.15 12.13
C VAL A 162 -12.20 -7.31 12.73
N LYS A 163 -13.35 -7.59 12.13
CA LYS A 163 -14.19 -8.72 12.53
C LYS A 163 -13.42 -10.04 12.45
N GLU A 164 -12.74 -10.27 11.33
CA GLU A 164 -11.94 -11.49 11.15
C GLU A 164 -10.85 -11.60 12.20
N CYS A 165 -10.29 -10.46 12.59
CA CYS A 165 -9.19 -10.41 13.53
C CYS A 165 -9.65 -10.41 14.99
N GLY A 166 -10.97 -10.51 15.20
CA GLY A 166 -11.50 -10.67 16.55
C GLY A 166 -11.58 -9.37 17.34
N ASN A 167 -11.76 -8.26 16.61
CA ASN A 167 -11.77 -6.92 17.21
C ASN A 167 -10.50 -6.64 18.01
N ARG A 168 -9.37 -7.06 17.46
CA ARG A 168 -8.07 -6.72 18.03
C ARG A 168 -7.44 -5.57 17.26
N CYS A 169 -7.47 -4.39 17.85
CA CYS A 169 -6.97 -3.18 17.20
C CYS A 169 -6.20 -2.27 18.15
N CYS A 170 -5.13 -1.65 17.65
CA CYS A 170 -4.36 -0.71 18.43
C CYS A 170 -4.02 0.53 17.63
N ALA A 171 -3.65 1.59 18.35
CA ALA A 171 -3.10 2.77 17.72
C ALA A 171 -1.79 3.08 18.41
N PHE A 172 -0.79 3.53 17.66
CA PHE A 172 0.53 3.77 18.22
C PHE A 172 0.97 5.19 17.93
N SER A 173 1.65 5.81 18.87
CA SER A 173 2.34 7.08 18.61
C SER A 173 3.84 6.95 18.77
N ASN A 174 4.56 6.94 17.64
CA ASN A 174 6.01 6.87 17.67
C ASN A 174 6.64 8.24 17.42
N SER A 175 7.08 8.92 18.48
CA SER A 175 7.63 10.27 18.33
C SER A 175 8.45 10.69 19.55
N THR A 178 6.50 12.04 21.43
CA THR A 178 5.76 11.15 22.33
C THR A 178 6.69 10.39 23.29
N SER A 179 6.36 10.46 24.58
CA SER A 179 7.22 9.99 25.65
C SER A 179 7.31 8.48 25.80
N LYS A 180 8.34 8.05 26.51
CA LYS A 180 8.60 6.64 26.81
C LYS A 180 7.46 6.00 27.58
N ALA A 181 6.92 6.72 28.56
CA ALA A 181 5.90 6.16 29.44
C ALA A 181 4.62 5.88 28.68
N GLU A 182 4.25 6.79 27.77
CA GLU A 182 3.15 6.53 26.86
C GLU A 182 3.45 5.33 25.97
N LYS A 183 4.63 5.35 25.37
CA LYS A 183 5.07 4.27 24.48
C LYS A 183 5.04 2.90 25.13
N GLU A 184 5.65 2.79 26.31
CA GLU A 184 5.67 1.53 27.04
C GLU A 184 4.28 1.11 27.50
N SER A 185 3.41 2.08 27.71
CA SER A 185 2.01 1.80 28.05
C SER A 185 1.32 1.15 26.85
N GLN A 186 1.60 1.65 25.66
CA GLN A 186 1.09 1.07 24.41
C GLN A 186 1.60 -0.36 24.30
N VAL A 187 2.85 -0.55 24.69
CA VAL A 187 3.45 -1.87 24.72
C VAL A 187 2.66 -2.77 25.66
N GLN A 188 2.25 -2.25 26.82
CA GLN A 188 1.44 -3.02 27.76
C GLN A 188 0.15 -3.45 27.11
N GLU A 189 -0.48 -2.50 26.40
CA GLU A 189 -1.71 -2.79 25.66
C GLU A 189 -1.52 -3.90 24.64
N LEU A 190 -0.53 -3.74 23.77
CA LEU A 190 -0.25 -4.71 22.73
C LEU A 190 0.06 -6.10 23.28
N VAL A 191 1.02 -6.18 24.19
CA VAL A 191 1.42 -7.46 24.76
C VAL A 191 0.26 -8.16 25.48
N GLU A 192 -0.49 -7.42 26.27
CA GLU A 192 -1.63 -7.97 27.00
C GLU A 192 -2.70 -8.55 26.08
N LEU A 193 -3.12 -7.75 25.10
CA LEU A 193 -4.08 -8.21 24.11
C LEU A 193 -3.57 -9.47 23.38
N ILE A 194 -2.29 -9.49 23.05
CA ILE A 194 -1.69 -10.66 22.39
C ILE A 194 -1.82 -11.88 23.28
N GLU A 195 -1.54 -11.71 24.56
CA GLU A 195 -1.66 -12.79 25.53
C GLU A 195 -3.12 -13.21 25.66
N LYS A 196 -4.03 -12.25 25.64
CA LYS A 196 -5.46 -12.54 25.62
C LYS A 196 -5.81 -13.41 24.42
N MET A 197 -5.41 -12.93 23.25
CA MET A 197 -5.66 -13.63 21.99
C MET A 197 -5.13 -15.06 21.98
N VAL A 198 -3.89 -15.23 22.41
CA VAL A 198 -3.26 -16.55 22.48
C VAL A 198 -3.98 -17.49 23.44
N GLN A 199 -4.35 -16.97 24.61
CA GLN A 199 -5.07 -17.77 25.60
C GLN A 199 -6.41 -18.24 25.04
N CYS A 200 -7.15 -17.34 24.42
CA CYS A 200 -8.41 -17.69 23.77
C CYS A 200 -8.18 -18.60 22.56
N ASN A 201 -6.93 -18.63 22.10
CA ASN A 201 -6.52 -19.43 20.94
C ASN A 201 -6.03 -20.82 21.29
N GLU A 202 -6.41 -21.29 22.48
CA GLU A 202 -6.00 -22.58 23.04
C GLU A 202 -4.56 -22.55 23.56
N GLY A 203 -4.05 -21.35 23.83
CA GLY A 203 -2.85 -21.17 24.63
C GLY A 203 -1.54 -21.51 23.96
N ALA A 204 -1.52 -21.53 22.63
CA ALA A 204 -0.32 -21.91 21.89
C ALA A 204 -0.02 -21.00 20.71
N TYR A 205 1.19 -21.12 20.16
CA TYR A 205 1.57 -20.29 19.03
C TYR A 205 0.82 -20.73 17.79
N PHE A 206 1.10 -20.08 16.67
CA PHE A 206 0.49 -20.47 15.40
C PHE A 206 1.27 -21.63 14.78
N SER A 207 0.56 -22.67 14.40
CA SER A 207 1.20 -23.85 13.80
C SER A 207 0.52 -24.24 12.49
N ASP A 208 1.33 -24.33 11.44
CA ASP A 208 0.85 -24.66 10.12
C ASP A 208 1.59 -25.86 9.53
N ASP A 209 1.12 -26.36 8.39
CA ASP A 209 1.79 -27.46 7.69
C ASP A 209 3.22 -27.04 7.38
N ILE A 210 3.34 -25.81 6.91
CA ILE A 210 4.62 -25.16 6.67
C ILE A 210 5.46 -25.18 7.94
N TYR A 211 4.95 -24.49 8.95
CA TYR A 211 5.64 -24.35 10.23
C TYR A 211 6.08 -25.69 10.83
N LYS A 212 5.23 -26.72 10.77
CA LYS A 212 5.64 -28.03 11.28
C LYS A 212 6.84 -28.60 10.54
N ASP A 213 6.73 -28.62 9.22
CA ASP A 213 7.79 -29.10 8.35
C ASP A 213 9.06 -28.28 8.56
N THR A 214 8.94 -26.97 8.40
CA THR A 214 10.08 -26.06 8.47
C THR A 214 10.77 -26.11 9.83
N GLU A 215 10.01 -26.36 10.89
CA GLU A 215 10.59 -26.55 12.21
C GLU A 215 11.34 -27.88 12.32
N GLU A 216 10.71 -28.94 11.79
CA GLU A 216 11.31 -30.26 11.79
C GLU A 216 12.66 -30.25 11.09
N ARG A 217 12.70 -29.59 9.93
CA ARG A 217 13.95 -29.40 9.21
C ARG A 217 14.96 -28.68 10.11
N LEU A 218 14.52 -27.58 10.70
CA LEU A 218 15.34 -26.79 11.62
C LEU A 218 15.93 -27.63 12.75
N LYS A 219 15.10 -28.44 13.38
CA LYS A 219 15.57 -29.31 14.46
C LYS A 219 16.55 -30.37 13.96
N GLN A 220 16.22 -30.98 12.83
CA GLN A 220 17.08 -31.99 12.20
C GLN A 220 18.48 -31.45 11.94
N ARG A 221 18.56 -30.31 11.27
CA ARG A 221 19.85 -29.70 10.97
C ARG A 221 20.60 -29.23 12.22
N GLU A 222 19.89 -28.71 13.23
CA GLU A 222 20.57 -28.32 14.46
C GLU A 222 21.23 -29.51 15.14
N GLU A 223 20.51 -30.62 15.24
CA GLU A 223 21.05 -31.83 15.85
C GLU A 223 22.25 -32.32 15.04
N VAL A 224 22.14 -32.22 13.72
CA VAL A 224 23.23 -32.55 12.81
C VAL A 224 24.48 -31.72 13.10
N LEU A 225 24.33 -30.40 13.14
CA LEU A 225 25.44 -29.50 13.47
C LEU A 225 26.02 -29.80 14.86
N ARG A 226 25.18 -30.31 15.76
CA ARG A 226 25.64 -30.71 17.08
C ARG A 226 26.57 -31.91 16.94
N LYS A 227 26.19 -32.82 16.05
CA LYS A 227 27.01 -33.99 15.73
C LYS A 227 28.34 -33.53 15.12
N ILE A 228 28.26 -32.58 14.20
CA ILE A 228 29.44 -32.00 13.57
C ILE A 228 30.39 -31.31 14.54
N TYR A 229 29.87 -30.32 15.26
CA TYR A 229 30.72 -29.52 16.14
C TYR A 229 31.35 -30.31 17.29
N THR A 230 30.61 -31.26 17.83
CA THR A 230 31.13 -32.12 18.89
C THR A 230 32.25 -33.02 18.37
N ASP A 231 32.03 -33.64 17.22
CA ASP A 231 33.03 -34.52 16.63
C ASP A 231 34.27 -33.75 16.21
N GLN A 232 34.10 -32.46 15.91
CA GLN A 232 35.23 -31.58 15.64
C GLN A 232 36.02 -31.30 16.93
N LEU A 233 35.32 -31.06 18.03
CA LEU A 233 35.97 -30.72 19.29
C LEU A 233 36.58 -31.95 19.97
N ASN A 234 35.95 -33.10 19.85
CA ASN A 234 36.48 -34.34 20.43
C ASN A 234 37.71 -34.83 19.68
N GLU A 235 37.90 -34.32 18.46
CA GLU A 235 39.03 -34.74 17.62
C GLU A 235 40.19 -33.83 17.97
N GLU A 236 39.95 -32.53 17.92
CA GLU A 236 40.96 -31.55 18.28
C GLU A 236 41.50 -31.83 19.69
N ILE A 237 40.63 -32.26 20.59
CA ILE A 237 41.06 -32.67 21.92
C ILE A 237 41.96 -33.92 21.87
N LYS A 238 41.55 -34.90 21.08
CA LYS A 238 42.30 -36.15 20.95
C LYS A 238 43.76 -35.97 20.53
N LEU A 239 44.02 -35.02 19.64
CA LEU A 239 45.38 -34.72 19.24
C LEU A 239 46.19 -34.27 20.45
N VAL A 240 45.62 -33.34 21.20
CA VAL A 240 46.31 -32.70 22.32
C VAL A 240 46.66 -33.68 23.45
N GLU A 241 45.78 -34.65 23.66
CA GLU A 241 45.97 -35.64 24.70
C GLU A 241 47.18 -36.53 24.41
N GLU A 242 47.14 -37.22 23.28
CA GLU A 242 48.19 -38.16 22.91
C GLU A 242 49.38 -37.48 22.24
N ASP A 243 49.36 -36.15 22.20
CA ASP A 243 50.52 -35.39 21.74
C ASP A 243 51.56 -35.35 22.84
N LYS A 244 52.78 -35.73 22.49
CA LYS A 244 53.90 -35.63 23.42
C LYS A 244 54.68 -34.36 23.10
N HIS A 245 55.81 -34.19 23.77
CA HIS A 245 56.67 -33.02 23.59
C HIS A 245 56.02 -31.71 24.04
N LYS A 246 54.73 -31.75 24.36
CA LYS A 246 54.02 -30.60 24.90
C LYS A 246 53.88 -30.71 26.40
N SER A 247 54.06 -29.59 27.10
CA SER A 247 53.85 -29.55 28.54
C SER A 247 52.38 -29.80 28.83
N GLU A 248 52.08 -30.29 30.04
CA GLU A 248 50.69 -30.50 30.43
C GLU A 248 49.95 -29.18 30.49
N GLU A 249 50.64 -28.13 30.89
CA GLU A 249 50.04 -26.80 30.93
C GLU A 249 49.67 -26.34 29.53
N GLU A 250 50.49 -26.71 28.54
CA GLU A 250 50.20 -26.39 27.15
C GLU A 250 48.95 -27.13 26.69
N LYS A 251 48.88 -28.42 27.01
CA LYS A 251 47.71 -29.25 26.73
C LYS A 251 46.45 -28.63 27.32
N GLU A 252 46.54 -28.24 28.59
CA GLU A 252 45.41 -27.68 29.31
C GLU A 252 44.99 -26.32 28.77
N LYS A 253 45.95 -25.45 28.48
CA LYS A 253 45.66 -24.15 27.91
C LYS A 253 44.97 -24.25 26.56
N GLU A 254 45.50 -25.12 25.71
CA GLU A 254 44.93 -25.38 24.39
C GLU A 254 43.50 -25.91 24.45
N ILE A 255 43.31 -27.00 25.19
CA ILE A 255 41.99 -27.59 25.39
C ILE A 255 41.00 -26.59 25.98
N LYS A 256 41.44 -25.80 26.97
CA LYS A 256 40.57 -24.78 27.55
C LYS A 256 40.08 -23.80 26.49
N LEU A 257 41.00 -23.28 25.68
CA LEU A 257 40.62 -22.40 24.56
C LEU A 257 39.69 -23.07 23.57
N LEU A 258 40.02 -24.30 23.19
CA LEU A 258 39.16 -25.08 22.30
C LEU A 258 37.73 -25.16 22.85
N LYS A 259 37.61 -25.57 24.11
CA LYS A 259 36.30 -25.66 24.74
C LYS A 259 35.59 -24.31 24.74
N LEU A 260 36.35 -23.23 24.90
CA LEU A 260 35.78 -21.90 24.82
C LEU A 260 35.21 -21.63 23.42
N LYS A 261 36.02 -21.88 22.40
CA LYS A 261 35.56 -21.74 21.01
C LYS A 261 34.36 -22.65 20.74
N TYR A 262 34.35 -23.83 21.35
CA TYR A 262 33.22 -24.73 21.20
C TYR A 262 31.94 -24.12 21.79
N ASP A 263 32.03 -23.61 23.02
CA ASP A 263 30.87 -23.03 23.70
C ASP A 263 30.34 -21.80 22.98
N GLU A 264 31.23 -21.16 22.22
CA GLU A 264 30.90 -20.02 21.40
C GLU A 264 30.25 -20.49 20.10
N LYS A 265 30.64 -21.68 19.66
CA LYS A 265 30.12 -22.24 18.41
C LYS A 265 28.78 -22.95 18.57
N ILE A 266 28.33 -23.17 19.80
CA ILE A 266 27.01 -23.78 20.00
C ILE A 266 25.94 -22.69 19.99
N LYS A 267 26.36 -21.52 20.48
CA LYS A 267 25.61 -20.29 20.42
C LYS A 267 25.25 -19.89 19.00
N ASN A 268 26.06 -20.39 18.07
CA ASN A 268 25.96 -20.07 16.65
C ASN A 268 24.96 -20.91 15.86
N ILE A 269 24.65 -22.10 16.34
CA ILE A 269 23.87 -23.08 15.58
C ILE A 269 22.55 -22.56 15.04
N ARG A 270 21.85 -21.76 15.84
CA ARG A 270 20.52 -21.30 15.45
C ARG A 270 20.55 -20.45 14.19
N GLU A 271 21.43 -19.45 14.15
CA GLU A 271 21.57 -18.60 12.98
C GLU A 271 22.03 -19.39 11.75
N GLU A 272 23.03 -20.24 11.95
CA GLU A 272 23.54 -21.10 10.89
C GLU A 272 22.52 -22.09 10.37
N ALA A 273 21.70 -22.65 11.26
CA ALA A 273 20.63 -23.55 10.86
C ALA A 273 19.59 -22.85 9.99
N GLU A 274 19.19 -21.66 10.41
CA GLU A 274 18.19 -20.86 9.70
C GLU A 274 18.61 -20.58 8.27
N ARG A 275 19.91 -20.48 8.04
CA ARG A 275 20.47 -20.22 6.72
C ARG A 275 20.45 -21.44 5.80
N ASN A 276 20.52 -22.64 6.36
CA ASN A 276 20.62 -23.84 5.54
C ASN A 276 19.31 -24.21 4.85
N ILE A 277 18.21 -24.02 5.55
CA ILE A 277 16.90 -24.42 5.06
C ILE A 277 16.27 -23.46 4.05
N PHE A 278 16.83 -22.26 3.94
CA PHE A 278 16.21 -21.20 3.13
C PHE A 278 15.72 -21.68 1.79
N LYS A 279 16.63 -22.19 0.98
CA LYS A 279 16.31 -22.57 -0.38
C LYS A 279 15.26 -23.69 -0.42
N ASP A 280 15.28 -24.57 0.58
CA ASP A 280 14.28 -25.62 0.63
C ASP A 280 12.87 -25.08 0.87
N VAL A 281 12.72 -24.23 1.88
CA VAL A 281 11.42 -23.65 2.17
C VAL A 281 11.01 -22.72 1.03
N PHE A 282 11.99 -21.99 0.50
CA PHE A 282 11.79 -21.12 -0.65
C PHE A 282 11.18 -21.91 -1.80
N ASN A 283 11.76 -23.06 -2.10
CA ASN A 283 11.27 -23.90 -3.18
C ASN A 283 9.85 -24.40 -2.89
N ARG A 284 9.62 -24.83 -1.66
CA ARG A 284 8.29 -25.26 -1.23
C ARG A 284 7.25 -24.15 -1.38
N ILE A 285 7.60 -22.96 -0.90
CA ILE A 285 6.71 -21.81 -1.04
C ILE A 285 6.57 -21.46 -2.51
N TRP A 286 7.65 -21.59 -3.27
CA TRP A 286 7.63 -21.25 -4.69
C TRP A 286 6.71 -22.16 -5.49
N LYS A 287 6.74 -23.45 -5.19
CA LYS A 287 5.80 -24.41 -5.77
C LYS A 287 4.39 -23.88 -5.57
N MET A 288 4.05 -23.64 -4.30
CA MET A 288 2.73 -23.16 -3.92
C MET A 288 2.37 -21.82 -4.57
N LEU A 289 3.23 -20.82 -4.36
CA LEU A 289 2.93 -19.45 -4.77
C LEU A 289 2.89 -19.14 -6.27
N SER A 290 3.58 -19.91 -7.09
CA SER A 290 3.65 -19.62 -8.52
C SER A 290 2.28 -19.65 -9.21
N GLU A 291 1.48 -20.65 -8.84
CA GLU A 291 0.12 -20.85 -9.32
C GLU A 291 -0.78 -19.70 -8.88
N ILE A 292 -0.57 -19.30 -7.63
CA ILE A 292 -1.46 -18.37 -6.94
C ILE A 292 -1.30 -16.94 -7.42
N TRP A 293 -0.09 -16.60 -7.87
CA TRP A 293 0.27 -15.20 -8.12
C TRP A 293 -0.66 -14.45 -9.09
N HIS A 294 -1.54 -15.18 -9.77
CA HIS A 294 -2.48 -14.55 -10.70
C HIS A 294 -3.44 -13.65 -9.93
N ARG A 295 -3.54 -13.94 -8.63
CA ARG A 295 -4.39 -13.21 -7.69
C ARG A 295 -3.79 -11.88 -7.26
N PHE A 296 -2.47 -11.82 -7.24
CA PHE A 296 -1.76 -10.67 -6.70
C PHE A 296 -1.06 -9.83 -7.75
N LEU A 297 -1.46 -9.98 -9.02
CA LEU A 297 -0.90 -9.15 -10.08
C LEU A 297 -1.59 -7.78 -10.06
N SER A 298 -0.94 -6.77 -10.63
CA SER A 298 -1.52 -5.42 -10.57
C SER A 298 -2.37 -5.04 -11.77
N LYS A 299 -2.96 -6.05 -12.42
CA LYS A 299 -3.78 -5.84 -13.62
C LYS A 299 -3.26 -4.70 -14.51
N CYS A 300 -4.17 -3.82 -14.92
CA CYS A 300 -3.82 -2.62 -15.68
C CYS A 300 -2.91 -2.87 -16.89
N ARG B 12 -5.04 35.11 -15.70
CA ARG B 12 -6.22 35.68 -15.05
C ARG B 12 -7.16 34.61 -14.55
N SER B 13 -7.64 33.75 -15.44
CA SER B 13 -8.42 32.62 -14.98
C SER B 13 -7.50 31.41 -14.92
N LEU B 14 -7.47 30.75 -13.77
CA LEU B 14 -6.63 29.58 -13.59
C LEU B 14 -7.45 28.47 -12.97
N ARG B 15 -7.48 27.32 -13.61
CA ARG B 15 -8.31 26.22 -13.16
C ARG B 15 -7.50 25.00 -12.78
N ILE B 16 -7.58 24.61 -11.52
CA ILE B 16 -6.83 23.46 -11.07
C ILE B 16 -7.76 22.44 -10.41
N VAL B 17 -7.61 21.17 -10.80
CA VAL B 17 -8.40 20.12 -10.16
C VAL B 17 -7.48 19.17 -9.43
N LEU B 18 -7.87 18.81 -8.22
CA LEU B 18 -7.04 17.98 -7.35
C LEU B 18 -7.54 16.54 -7.31
N VAL B 19 -6.74 15.63 -7.86
CA VAL B 19 -7.11 14.23 -7.84
C VAL B 19 -6.09 13.37 -7.09
N GLY B 20 -6.54 12.20 -6.66
CA GLY B 20 -5.70 11.29 -5.90
C GLY B 20 -6.59 10.34 -5.11
N LYS B 21 -5.99 9.45 -4.33
CA LYS B 21 -6.74 8.49 -3.51
C LYS B 21 -7.36 9.15 -2.29
N THR B 22 -7.99 8.33 -1.44
CA THR B 22 -8.62 8.83 -0.23
C THR B 22 -7.60 8.91 0.89
N GLY B 23 -7.51 10.09 1.52
CA GLY B 23 -6.62 10.29 2.64
C GLY B 23 -5.31 10.95 2.31
N SER B 24 -5.16 11.39 1.06
CA SER B 24 -3.88 11.92 0.59
C SER B 24 -3.65 13.39 0.96
N GLY B 25 -4.70 14.07 1.41
CA GLY B 25 -4.60 15.48 1.75
C GLY B 25 -5.08 16.41 0.66
N LYS B 26 -5.95 15.91 -0.21
CA LYS B 26 -6.53 16.72 -1.29
C LYS B 26 -7.26 17.95 -0.77
N SER B 27 -8.20 17.76 0.15
CA SER B 27 -9.02 18.86 0.67
C SER B 27 -8.17 19.85 1.46
N ALA B 28 -7.26 19.32 2.27
CA ALA B 28 -6.30 20.14 2.99
C ALA B 28 -5.52 21.05 2.05
N THR B 29 -4.97 20.44 1.00
CA THR B 29 -4.24 21.17 -0.03
C THR B 29 -5.12 22.25 -0.67
N ALA B 30 -6.37 21.91 -0.95
CA ALA B 30 -7.31 22.89 -1.49
C ALA B 30 -7.45 24.08 -0.55
N ASN B 31 -7.62 23.79 0.74
CA ASN B 31 -7.76 24.83 1.74
C ASN B 31 -6.57 25.77 1.81
N THR B 32 -5.37 25.21 1.87
CA THR B 32 -4.17 26.04 1.99
C THR B 32 -3.92 26.84 0.73
N ILE B 33 -4.46 26.37 -0.39
CA ILE B 33 -4.41 27.12 -1.64
C ILE B 33 -5.41 28.27 -1.55
N LEU B 34 -6.57 27.99 -0.97
CA LEU B 34 -7.64 28.99 -0.86
C LEU B 34 -7.44 29.94 0.32
N GLY B 35 -6.41 29.69 1.12
CA GLY B 35 -6.01 30.63 2.15
C GLY B 35 -6.76 30.48 3.45
N GLU B 36 -7.95 29.87 3.39
CA GLU B 36 -8.72 29.62 4.59
C GLU B 36 -9.46 28.29 4.49
N GLU B 37 -10.08 27.87 5.59
CA GLU B 37 -10.69 26.55 5.65
C GLU B 37 -12.11 26.60 5.09
N ILE B 38 -12.27 26.01 3.91
CA ILE B 38 -13.53 26.04 3.18
C ILE B 38 -14.08 24.64 3.08
N PHE B 39 -13.36 23.77 2.38
CA PHE B 39 -13.75 22.36 2.28
C PHE B 39 -13.41 21.63 3.57
N ASP B 40 -13.99 20.45 3.77
CA ASP B 40 -13.77 19.68 4.98
C ASP B 40 -12.57 18.77 4.84
N SER B 41 -11.53 19.05 5.62
CA SER B 41 -10.36 18.20 5.67
C SER B 41 -10.15 17.70 7.09
N ARG B 42 -10.29 16.40 7.27
CA ARG B 42 -10.07 15.77 8.56
C ARG B 42 -9.68 14.31 8.36
N ILE B 43 -9.29 13.66 9.45
CA ILE B 43 -8.85 12.27 9.38
C ILE B 43 -10.00 11.31 9.62
N ALA B 44 -10.11 10.28 8.78
CA ALA B 44 -11.26 9.39 8.83
C ALA B 44 -10.91 8.02 8.28
N ALA B 45 -11.71 7.02 8.63
CA ALA B 45 -11.56 5.69 8.05
C ALA B 45 -12.47 5.54 6.85
N GLN B 46 -13.16 6.63 6.50
CA GLN B 46 -13.99 6.71 5.31
C GLN B 46 -13.63 7.94 4.51
N ALA B 47 -14.28 8.09 3.36
CA ALA B 47 -14.09 9.28 2.55
C ALA B 47 -14.76 10.47 3.20
N VAL B 48 -14.00 11.53 3.43
CA VAL B 48 -14.55 12.75 3.99
C VAL B 48 -15.26 13.55 2.89
N THR B 49 -14.78 13.37 1.67
CA THR B 49 -15.37 13.99 0.49
C THR B 49 -15.97 12.91 -0.41
N LYS B 50 -17.29 12.87 -0.47
CA LYS B 50 -17.96 11.92 -1.37
C LYS B 50 -18.40 12.60 -2.66
N ASN B 51 -18.23 13.92 -2.72
CA ASN B 51 -18.75 14.72 -3.82
C ASN B 51 -17.79 15.83 -4.23
N CYS B 52 -17.66 16.05 -5.54
CA CYS B 52 -16.83 17.14 -6.03
C CYS B 52 -17.27 18.48 -5.47
N GLN B 53 -16.31 19.22 -4.93
CA GLN B 53 -16.58 20.54 -4.40
C GLN B 53 -15.58 21.53 -4.96
N LYS B 54 -16.04 22.74 -5.25
CA LYS B 54 -15.17 23.72 -5.87
C LYS B 54 -15.32 25.08 -5.22
N ALA B 55 -14.28 25.90 -5.33
CA ALA B 55 -14.28 27.23 -4.75
C ALA B 55 -13.36 28.13 -5.56
N SER B 56 -13.30 29.40 -5.18
CA SER B 56 -12.42 30.32 -5.87
C SER B 56 -11.67 31.20 -4.89
N ARG B 57 -10.49 31.65 -5.31
CA ARG B 57 -9.73 32.63 -4.57
C ARG B 57 -9.07 33.53 -5.59
N GLU B 58 -9.08 34.83 -5.31
CA GLU B 58 -8.38 35.77 -6.16
C GLU B 58 -6.91 35.79 -5.74
N TRP B 59 -6.00 35.48 -6.67
CA TRP B 59 -4.58 35.54 -6.35
C TRP B 59 -3.93 36.52 -7.32
N GLN B 60 -3.01 37.33 -6.79
CA GLN B 60 -2.20 38.30 -7.54
C GLN B 60 -2.71 38.75 -8.91
N GLY B 61 -4.02 38.98 -9.04
CA GLY B 61 -4.53 39.42 -10.32
C GLY B 61 -5.29 38.30 -11.00
N ARG B 62 -5.09 37.08 -10.52
CA ARG B 62 -5.64 35.91 -11.16
C ARG B 62 -6.79 35.39 -10.31
N ASP B 63 -7.73 34.72 -10.96
CA ASP B 63 -8.79 34.05 -10.23
C ASP B 63 -8.45 32.57 -10.18
N LEU B 64 -8.21 32.05 -8.99
CA LEU B 64 -7.87 30.65 -8.84
C LEU B 64 -9.14 29.86 -8.57
N LEU B 65 -9.35 28.82 -9.35
CA LEU B 65 -10.53 27.98 -9.21
C LEU B 65 -10.08 26.58 -8.86
N VAL B 66 -10.44 26.14 -7.67
CA VAL B 66 -9.94 24.88 -7.15
C VAL B 66 -11.04 23.83 -7.09
N VAL B 67 -10.87 22.74 -7.82
CA VAL B 67 -11.85 21.67 -7.82
C VAL B 67 -11.35 20.52 -6.97
N ASP B 68 -12.01 20.28 -5.83
CA ASP B 68 -11.62 19.20 -4.94
C ASP B 68 -12.46 17.97 -5.27
N THR B 69 -11.83 16.81 -5.34
CA THR B 69 -12.53 15.60 -5.75
C THR B 69 -12.56 14.55 -4.66
N PRO B 70 -13.56 13.67 -4.71
CA PRO B 70 -13.59 12.50 -3.84
C PRO B 70 -12.51 11.52 -4.28
N GLY B 71 -12.04 10.69 -3.35
CA GLY B 71 -11.08 9.66 -3.64
C GLY B 71 -11.61 8.86 -4.82
N LEU B 72 -10.72 8.56 -5.75
CA LEU B 72 -11.11 8.06 -7.07
C LEU B 72 -11.93 6.79 -7.02
N PHE B 73 -11.60 5.89 -6.11
CA PHE B 73 -12.33 4.63 -6.06
C PHE B 73 -13.18 4.55 -4.81
N ASP B 74 -14.40 4.06 -4.99
CA ASP B 74 -15.35 4.01 -3.91
C ASP B 74 -14.96 2.85 -3.01
N THR B 75 -15.70 2.66 -1.92
CA THR B 75 -15.47 1.54 -1.01
C THR B 75 -15.61 0.25 -1.81
N LYS B 76 -16.76 0.15 -2.47
CA LYS B 76 -17.05 -0.89 -3.45
C LYS B 76 -16.59 -0.34 -4.76
N GLU B 77 -15.91 -1.13 -5.59
CA GLU B 77 -15.40 -0.53 -6.81
C GLU B 77 -16.64 -0.35 -7.64
N SER B 78 -17.11 0.90 -7.69
CA SER B 78 -18.39 1.22 -8.28
C SER B 78 -18.27 2.09 -9.53
N LEU B 79 -18.68 1.53 -10.66
CA LEU B 79 -18.61 2.23 -11.93
C LEU B 79 -19.54 3.43 -11.93
N ASP B 80 -20.68 3.28 -11.25
CA ASP B 80 -21.69 4.32 -11.16
C ASP B 80 -21.17 5.57 -10.47
N THR B 81 -20.70 5.40 -9.24
CA THR B 81 -20.17 6.52 -8.47
C THR B 81 -18.98 7.14 -9.17
N THR B 82 -18.09 6.28 -9.67
CA THR B 82 -16.92 6.71 -10.42
C THR B 82 -17.28 7.59 -11.62
N CYS B 83 -18.24 7.13 -12.43
CA CYS B 83 -18.71 7.89 -13.58
C CYS B 83 -19.32 9.22 -13.16
N LYS B 84 -20.07 9.19 -12.06
CA LYS B 84 -20.73 10.37 -11.55
C LYS B 84 -19.73 11.46 -11.15
N GLU B 85 -18.77 11.09 -10.31
CA GLU B 85 -17.80 12.06 -9.81
C GLU B 85 -16.87 12.57 -10.89
N ILE B 86 -16.44 11.68 -11.80
CA ILE B 86 -15.66 12.10 -12.96
C ILE B 86 -16.42 13.14 -13.75
N SER B 87 -17.70 12.86 -14.04
CA SER B 87 -18.54 13.78 -14.79
C SER B 87 -18.62 15.15 -14.11
N ARG B 88 -18.83 15.13 -12.80
CA ARG B 88 -18.90 16.36 -12.01
C ARG B 88 -17.60 17.15 -12.05
N CYS B 89 -16.48 16.44 -11.94
CA CYS B 89 -15.18 17.08 -12.03
C CYS B 89 -14.99 17.77 -13.37
N ILE B 90 -15.33 17.06 -14.44
CA ILE B 90 -15.27 17.60 -15.79
C ILE B 90 -16.12 18.87 -15.94
N ILE B 91 -17.37 18.80 -15.50
CA ILE B 91 -18.30 19.93 -15.59
C ILE B 91 -17.78 21.15 -14.82
N SER B 92 -17.36 20.94 -13.59
CA SER B 92 -16.83 22.04 -12.76
C SER B 92 -15.58 22.66 -13.36
N SER B 93 -14.75 21.84 -13.99
CA SER B 93 -13.46 22.28 -14.50
C SER B 93 -13.54 22.86 -15.91
N CYS B 94 -14.74 22.82 -16.51
CA CYS B 94 -14.96 23.35 -17.85
C CYS B 94 -14.55 24.82 -17.92
N PRO B 95 -14.12 25.29 -19.11
CA PRO B 95 -13.95 24.59 -20.39
C PRO B 95 -12.77 23.63 -20.39
N GLY B 96 -11.83 23.82 -19.48
CA GLY B 96 -10.76 22.87 -19.27
C GLY B 96 -9.88 23.31 -18.12
N PRO B 97 -9.26 22.35 -17.43
CA PRO B 97 -8.37 22.68 -16.32
C PRO B 97 -7.03 23.13 -16.86
N HIS B 98 -6.37 24.03 -16.14
CA HIS B 98 -5.02 24.42 -16.48
C HIS B 98 -4.07 23.38 -15.90
N ALA B 99 -4.37 22.90 -14.71
CA ALA B 99 -3.57 21.86 -14.08
C ALA B 99 -4.38 20.73 -13.46
N ILE B 100 -3.97 19.51 -13.76
CA ILE B 100 -4.42 18.34 -13.02
C ILE B 100 -3.38 18.01 -11.98
N VAL B 101 -3.71 18.22 -10.72
CA VAL B 101 -2.75 18.02 -9.64
C VAL B 101 -2.95 16.67 -8.97
N LEU B 102 -1.96 15.81 -9.12
CA LEU B 102 -2.00 14.50 -8.48
C LEU B 102 -1.42 14.63 -7.08
N VAL B 103 -2.24 14.40 -6.07
CA VAL B 103 -1.82 14.59 -4.69
C VAL B 103 -1.43 13.27 -4.03
N LEU B 104 -0.17 13.18 -3.60
CA LEU B 104 0.33 11.99 -2.94
C LEU B 104 0.89 12.37 -1.57
N GLN B 105 0.93 11.42 -0.66
CA GLN B 105 1.62 11.60 0.59
C GLN B 105 3.10 11.59 0.24
N LEU B 106 3.93 12.24 1.07
CA LEU B 106 5.36 12.31 0.81
C LEU B 106 5.94 10.91 0.80
N GLY B 107 6.75 10.61 -0.20
CA GLY B 107 7.23 9.25 -0.28
C GLY B 107 6.45 8.43 -1.27
N ARG B 108 5.91 7.31 -0.78
CA ARG B 108 5.39 6.23 -1.60
C ARG B 108 4.35 6.57 -2.66
N TYR B 109 4.44 5.83 -3.76
CA TYR B 109 3.49 5.85 -4.88
C TYR B 109 2.74 4.53 -4.84
N THR B 110 1.42 4.57 -4.67
CA THR B 110 0.66 3.34 -4.43
C THR B 110 -0.35 2.98 -5.53
N GLU B 111 -0.98 1.81 -5.37
CA GLU B 111 -1.84 1.23 -6.39
C GLU B 111 -3.06 2.09 -6.75
N GLU B 112 -3.65 2.75 -5.77
CA GLU B 112 -4.79 3.62 -6.04
C GLU B 112 -4.35 4.79 -6.91
N GLU B 113 -3.13 5.28 -6.69
CA GLU B 113 -2.57 6.35 -7.52
C GLU B 113 -2.21 5.87 -8.92
N GLN B 114 -1.74 4.63 -9.04
CA GLN B 114 -1.47 4.06 -10.34
C GLN B 114 -2.75 3.99 -11.14
N LYS B 115 -3.79 3.45 -10.51
CA LYS B 115 -5.09 3.27 -11.14
C LYS B 115 -5.70 4.62 -11.49
N THR B 116 -5.46 5.60 -10.63
CA THR B 116 -5.93 6.96 -10.85
C THR B 116 -5.29 7.58 -12.07
N VAL B 117 -3.96 7.50 -12.14
CA VAL B 117 -3.22 7.98 -13.30
C VAL B 117 -3.63 7.22 -14.55
N ALA B 118 -3.74 5.90 -14.42
CA ALA B 118 -4.19 5.05 -15.52
C ALA B 118 -5.56 5.46 -16.04
N LEU B 119 -6.50 5.68 -15.12
CA LEU B 119 -7.86 6.07 -15.48
C LEU B 119 -7.89 7.41 -16.21
N ILE B 120 -7.21 8.40 -15.66
CA ILE B 120 -7.13 9.72 -16.26
C ILE B 120 -6.63 9.63 -17.70
N LYS B 121 -5.57 8.87 -17.90
CA LYS B 121 -5.05 8.57 -19.23
C LYS B 121 -6.16 7.94 -20.09
N ALA B 122 -6.88 6.98 -19.52
CA ALA B 122 -7.90 6.24 -20.27
C ALA B 122 -9.04 7.15 -20.72
N VAL B 123 -9.50 8.00 -19.81
CA VAL B 123 -10.62 8.89 -20.10
C VAL B 123 -10.18 10.07 -20.97
N PHE B 124 -9.03 10.65 -20.65
CA PHE B 124 -8.59 11.88 -21.32
C PHE B 124 -7.47 11.71 -22.38
N GLY B 125 -6.56 10.75 -22.16
CA GLY B 125 -5.47 10.54 -23.09
C GLY B 125 -4.11 10.68 -22.45
N LYS B 126 -3.06 10.47 -23.25
CA LYS B 126 -1.70 10.71 -22.80
C LYS B 126 -1.40 12.21 -22.75
N SER B 127 -2.18 12.98 -23.52
CA SER B 127 -1.98 14.42 -23.60
C SER B 127 -2.42 15.11 -22.31
N ALA B 128 -3.07 14.35 -21.44
CA ALA B 128 -3.53 14.87 -20.17
C ALA B 128 -2.38 14.94 -19.18
N MET B 129 -1.37 14.10 -19.41
CA MET B 129 -0.23 14.02 -18.50
C MET B 129 0.77 15.15 -18.72
N LYS B 130 0.54 15.95 -19.76
CA LYS B 130 1.32 17.16 -19.96
C LYS B 130 0.83 18.26 -19.03
N HIS B 131 -0.45 18.21 -18.68
CA HIS B 131 -1.04 19.20 -17.80
C HIS B 131 -1.08 18.73 -16.36
N MET B 132 -0.52 17.56 -16.12
CA MET B 132 -0.45 17.03 -14.77
C MET B 132 0.78 17.55 -14.04
N VAL B 133 0.60 17.98 -12.80
CA VAL B 133 1.73 18.25 -11.92
C VAL B 133 1.57 17.40 -10.66
N ILE B 134 2.68 17.02 -10.05
CA ILE B 134 2.66 16.19 -8.86
C ILE B 134 2.83 17.03 -7.59
N LEU B 135 1.97 16.79 -6.62
CA LEU B 135 2.08 17.48 -5.33
C LEU B 135 2.17 16.47 -4.21
N PHE B 136 3.15 16.65 -3.34
CA PHE B 136 3.31 15.79 -2.18
C PHE B 136 2.84 16.55 -0.96
N THR B 137 2.30 15.83 0.02
CA THR B 137 1.89 16.44 1.28
C THR B 137 2.78 15.94 2.39
N ARG B 138 2.56 16.41 3.60
CA ARG B 138 3.39 16.05 4.75
C ARG B 138 4.86 16.41 4.52
N LYS B 139 5.07 17.57 3.88
CA LYS B 139 6.42 18.08 3.61
C LYS B 139 7.24 18.24 4.88
N GLU B 140 6.57 18.57 5.99
CA GLU B 140 7.26 18.85 7.23
C GLU B 140 7.85 17.57 7.83
N GLU B 141 7.57 16.43 7.20
CA GLU B 141 7.97 15.14 7.75
C GLU B 141 9.44 14.82 7.51
N LEU B 142 10.04 15.46 6.51
CA LEU B 142 11.46 15.26 6.24
C LEU B 142 12.29 16.12 7.19
N GLU B 143 11.66 17.16 7.71
CA GLU B 143 12.24 18.01 8.74
C GLU B 143 13.48 18.77 8.26
N GLY B 144 13.30 19.66 7.29
CA GLY B 144 14.38 20.49 6.78
C GLY B 144 15.22 19.93 5.66
N GLN B 145 14.97 18.68 5.29
CA GLN B 145 15.74 18.01 4.27
C GLN B 145 15.20 18.47 2.93
N SER B 146 16.03 18.47 1.89
CA SER B 146 15.58 18.98 0.60
C SER B 146 14.59 18.03 -0.04
N PHE B 147 13.52 18.59 -0.56
CA PHE B 147 12.50 17.84 -1.28
C PHE B 147 13.00 17.16 -2.56
N HIS B 148 13.75 17.92 -3.35
CA HIS B 148 14.32 17.38 -4.59
C HIS B 148 15.27 16.22 -4.32
N ASP B 149 16.20 16.41 -3.39
CA ASP B 149 17.13 15.36 -3.02
C ASP B 149 16.35 14.14 -2.56
N PHE B 150 15.22 14.38 -1.90
CA PHE B 150 14.37 13.32 -1.37
C PHE B 150 13.79 12.48 -2.48
N ILE B 151 13.17 13.14 -3.46
CA ILE B 151 12.61 12.44 -4.60
C ILE B 151 13.71 12.03 -5.58
N ALA B 152 14.93 12.46 -5.30
CA ALA B 152 16.08 11.99 -6.07
C ALA B 152 16.45 10.61 -5.56
N ASP B 153 16.14 10.32 -4.31
CA ASP B 153 16.44 9.01 -3.73
C ASP B 153 15.32 8.04 -4.06
N ALA B 154 14.45 8.46 -4.96
CA ALA B 154 13.20 7.75 -5.18
C ALA B 154 13.33 6.36 -5.80
N ASP B 155 12.18 5.73 -5.97
CA ASP B 155 12.11 4.35 -6.46
C ASP B 155 11.65 4.36 -7.91
N VAL B 156 11.52 3.17 -8.50
CA VAL B 156 11.28 3.05 -9.93
C VAL B 156 9.96 3.63 -10.39
N GLY B 157 8.88 3.27 -9.69
CA GLY B 157 7.55 3.72 -10.05
C GLY B 157 7.37 5.20 -9.87
N LEU B 158 7.83 5.71 -8.73
CA LEU B 158 7.77 7.14 -8.46
C LEU B 158 8.62 7.91 -9.47
N LYS B 159 9.80 7.38 -9.80
CA LYS B 159 10.66 7.98 -10.80
C LYS B 159 9.97 8.04 -12.16
N SER B 160 9.31 6.95 -12.52
CA SER B 160 8.58 6.86 -13.78
C SER B 160 7.48 7.92 -13.93
N ILE B 161 6.59 7.98 -12.94
CA ILE B 161 5.46 8.90 -12.99
C ILE B 161 5.90 10.36 -12.95
N VAL B 162 6.95 10.65 -12.20
CA VAL B 162 7.52 11.99 -12.17
C VAL B 162 8.01 12.38 -13.57
N LYS B 163 8.66 11.44 -14.24
CA LYS B 163 9.10 11.62 -15.62
C LYS B 163 7.93 11.98 -16.53
N GLU B 164 6.86 11.20 -16.43
CA GLU B 164 5.66 11.42 -17.24
C GLU B 164 5.10 12.82 -17.03
N CYS B 165 5.21 13.29 -15.80
CA CYS B 165 4.71 14.61 -15.44
C CYS B 165 5.75 15.68 -15.73
N GLY B 166 6.87 15.27 -16.29
CA GLY B 166 7.85 16.23 -16.76
C GLY B 166 8.68 16.82 -15.65
N ASN B 167 8.87 16.04 -14.59
CA ASN B 167 9.56 16.51 -13.40
C ASN B 167 8.94 17.77 -12.83
N ARG B 168 7.61 17.82 -12.84
CA ARG B 168 6.88 18.89 -12.19
C ARG B 168 6.39 18.39 -10.85
N CYS B 169 7.08 18.82 -9.79
CA CYS B 169 6.75 18.37 -8.45
C CYS B 169 6.86 19.50 -7.45
N CYS B 170 5.91 19.57 -6.53
CA CYS B 170 6.00 20.53 -5.44
C CYS B 170 5.55 19.81 -4.18
N ALA B 171 5.92 20.36 -3.03
CA ALA B 171 5.47 19.79 -1.78
C ALA B 171 4.79 20.84 -0.93
N PHE B 172 3.77 20.41 -0.19
CA PHE B 172 2.96 21.27 0.65
C PHE B 172 3.02 20.77 2.07
N SER B 173 3.02 21.70 3.01
CA SER B 173 2.76 21.38 4.40
C SER B 173 1.44 22.02 4.78
N ASN B 174 0.39 21.20 4.95
CA ASN B 174 -0.91 21.70 5.33
C ASN B 174 -1.12 21.50 6.81
N SER B 175 -0.12 21.86 7.59
CA SER B 175 -0.17 21.59 9.01
C SER B 175 -0.57 22.86 9.71
N LYS B 176 -1.20 22.74 10.87
CA LYS B 176 -1.69 23.92 11.54
C LYS B 176 -0.51 24.64 12.16
N LYS B 177 0.57 23.91 12.36
CA LYS B 177 1.80 24.47 12.92
C LYS B 177 2.69 25.04 11.83
N THR B 178 2.20 25.00 10.60
CA THR B 178 2.94 25.56 9.48
C THR B 178 2.37 26.93 9.19
N SER B 179 3.24 27.92 9.04
CA SER B 179 2.82 29.31 9.05
C SER B 179 2.00 29.71 7.83
N LYS B 180 1.30 30.83 7.98
CA LYS B 180 0.50 31.40 6.91
C LYS B 180 1.40 31.76 5.74
N ALA B 181 2.51 32.42 6.05
CA ALA B 181 3.42 32.93 5.03
C ALA B 181 4.16 31.82 4.32
N GLU B 182 4.58 30.81 5.08
CA GLU B 182 5.19 29.62 4.50
C GLU B 182 4.20 28.95 3.54
N LYS B 183 2.96 28.75 3.98
CA LYS B 183 1.89 28.18 3.17
C LYS B 183 1.65 28.97 1.89
N GLU B 184 1.55 30.30 2.00
CA GLU B 184 1.34 31.13 0.83
C GLU B 184 2.52 31.05 -0.14
N SER B 185 3.70 30.82 0.40
CA SER B 185 4.89 30.61 -0.43
C SER B 185 4.76 29.30 -1.19
N GLN B 186 4.24 28.27 -0.50
CA GLN B 186 3.99 26.99 -1.14
C GLN B 186 2.98 27.13 -2.27
N VAL B 187 1.94 27.92 -2.01
CA VAL B 187 0.92 28.20 -3.01
C VAL B 187 1.49 28.90 -4.23
N GLN B 188 2.33 29.91 -3.99
CA GLN B 188 2.99 30.63 -5.07
C GLN B 188 3.89 29.69 -5.87
N GLU B 189 4.59 28.81 -5.15
CA GLU B 189 5.43 27.79 -5.79
C GLU B 189 4.60 27.01 -6.79
N LEU B 190 3.45 26.50 -6.34
CA LEU B 190 2.51 25.76 -7.18
C LEU B 190 2.01 26.58 -8.36
N VAL B 191 1.52 27.79 -8.10
CA VAL B 191 0.98 28.66 -9.13
C VAL B 191 2.02 28.96 -10.20
N GLU B 192 3.24 29.26 -9.77
CA GLU B 192 4.35 29.50 -10.68
C GLU B 192 4.62 28.28 -11.54
N LEU B 193 4.67 27.11 -10.89
CA LEU B 193 4.87 25.84 -11.59
C LEU B 193 3.85 25.60 -12.70
N ILE B 194 2.59 25.84 -12.38
CA ILE B 194 1.48 25.69 -13.32
C ILE B 194 1.57 26.67 -14.47
N GLU B 195 1.86 27.93 -14.16
CA GLU B 195 2.00 28.94 -15.20
C GLU B 195 3.15 28.65 -16.15
N LYS B 196 4.25 28.13 -15.59
CA LYS B 196 5.39 27.66 -16.36
C LYS B 196 4.93 26.56 -17.31
N MET B 197 4.29 25.54 -16.74
CA MET B 197 3.76 24.42 -17.52
C MET B 197 2.80 24.87 -18.63
N VAL B 198 1.88 25.76 -18.31
CA VAL B 198 0.91 26.26 -19.28
C VAL B 198 1.54 27.00 -20.46
N GLN B 199 2.52 27.86 -20.18
CA GLN B 199 3.23 28.57 -21.24
C GLN B 199 4.00 27.59 -22.14
N CYS B 200 4.68 26.62 -21.51
CA CYS B 200 5.39 25.60 -22.29
C CYS B 200 4.42 24.73 -23.06
N ASN B 201 3.15 24.77 -22.66
CA ASN B 201 2.09 24.05 -23.35
C ASN B 201 1.38 24.92 -24.39
N GLU B 202 2.01 26.04 -24.72
CA GLU B 202 1.48 27.04 -25.66
C GLU B 202 0.33 27.89 -25.08
N GLY B 203 0.27 28.00 -23.75
CA GLY B 203 -0.53 29.02 -23.12
C GLY B 203 -2.03 28.76 -23.02
N ALA B 204 -2.42 27.50 -23.11
CA ALA B 204 -3.84 27.18 -23.03
C ALA B 204 -4.08 25.99 -22.11
N TYR B 205 -5.32 25.85 -21.64
CA TYR B 205 -5.68 24.79 -20.71
C TYR B 205 -5.77 23.43 -21.40
N PHE B 206 -6.14 22.42 -20.64
CA PHE B 206 -6.36 21.10 -21.22
C PHE B 206 -7.77 20.99 -21.80
N SER B 207 -7.86 20.76 -23.10
CA SER B 207 -9.14 20.61 -23.75
C SER B 207 -9.12 19.45 -24.73
N ASP B 208 -10.04 18.51 -24.56
CA ASP B 208 -10.13 17.36 -25.44
C ASP B 208 -11.52 17.25 -26.01
N ASP B 209 -11.77 16.19 -26.78
CA ASP B 209 -13.09 15.97 -27.36
C ASP B 209 -14.18 16.04 -26.31
N ILE B 210 -13.95 15.43 -25.14
CA ILE B 210 -14.86 15.55 -24.02
C ILE B 210 -15.14 17.00 -23.61
N TYR B 211 -14.10 17.69 -23.14
CA TYR B 211 -14.24 19.07 -22.67
C TYR B 211 -14.88 20.01 -23.68
N LYS B 212 -14.46 19.90 -24.94
CA LYS B 212 -15.04 20.71 -26.03
C LYS B 212 -16.53 20.41 -26.18
N ASP B 213 -16.87 19.13 -26.17
CA ASP B 213 -18.25 18.68 -26.26
C ASP B 213 -19.10 19.28 -25.14
N THR B 214 -18.76 18.95 -23.90
CA THR B 214 -19.54 19.38 -22.75
C THR B 214 -19.54 20.89 -22.57
N GLU B 215 -18.51 21.55 -23.06
CA GLU B 215 -18.49 23.02 -23.04
C GLU B 215 -19.53 23.55 -24.02
N GLU B 216 -19.58 22.97 -25.21
CA GLU B 216 -20.59 23.33 -26.20
C GLU B 216 -21.99 23.12 -25.65
N ARG B 217 -22.19 21.97 -24.99
CA ARG B 217 -23.46 21.67 -24.34
C ARG B 217 -23.81 22.74 -23.31
N LEU B 218 -22.86 23.04 -22.44
CA LEU B 218 -23.04 24.08 -21.43
C LEU B 218 -23.52 25.38 -22.05
N LYS B 219 -22.88 25.78 -23.13
CA LYS B 219 -23.25 27.01 -23.81
C LYS B 219 -24.67 26.93 -24.38
N GLN B 220 -25.00 25.79 -24.98
CA GLN B 220 -26.34 25.57 -25.52
C GLN B 220 -27.44 25.76 -24.47
N ARG B 221 -27.30 25.05 -23.35
CA ARG B 221 -28.30 25.12 -22.30
C ARG B 221 -28.35 26.52 -21.71
N GLU B 222 -27.20 27.18 -21.68
CA GLU B 222 -27.11 28.56 -21.22
C GLU B 222 -27.94 29.49 -22.12
N GLU B 223 -27.80 29.35 -23.43
CA GLU B 223 -28.57 30.18 -24.37
C GLU B 223 -30.06 29.88 -24.30
N VAL B 224 -30.40 28.59 -24.18
CA VAL B 224 -31.79 28.17 -24.02
C VAL B 224 -32.42 28.80 -22.78
N LEU B 225 -31.77 28.63 -21.64
CA LEU B 225 -32.25 29.22 -20.39
C LEU B 225 -32.34 30.74 -20.47
N ARG B 226 -31.47 31.34 -21.28
CA ARG B 226 -31.49 32.79 -21.49
C ARG B 226 -32.72 33.21 -22.29
N LYS B 227 -33.06 32.41 -23.31
CA LYS B 227 -34.25 32.63 -24.10
C LYS B 227 -35.51 32.52 -23.25
N ILE B 228 -35.56 31.49 -22.41
CA ILE B 228 -36.66 31.30 -21.47
C ILE B 228 -36.77 32.48 -20.50
N TYR B 229 -35.65 32.81 -19.84
CA TYR B 229 -35.64 33.84 -18.81
C TYR B 229 -36.08 35.20 -19.37
N THR B 230 -35.72 35.47 -20.61
CA THR B 230 -36.17 36.69 -21.29
C THR B 230 -37.69 36.66 -21.49
N ASP B 231 -38.19 35.52 -21.95
CA ASP B 231 -39.62 35.34 -22.19
C ASP B 231 -40.45 35.44 -20.92
N GLN B 232 -39.82 35.21 -19.77
CA GLN B 232 -40.47 35.40 -18.48
C GLN B 232 -40.80 36.87 -18.26
N ASP B 263 -35.53 36.89 -16.85
CA ASP B 263 -34.36 37.73 -16.63
C ASP B 263 -34.34 38.28 -15.22
N GLU B 264 -34.97 37.57 -14.30
CA GLU B 264 -34.91 37.97 -12.91
C GLU B 264 -33.53 37.58 -12.41
N LYS B 265 -33.38 36.31 -12.04
CA LYS B 265 -32.10 35.74 -11.64
C LYS B 265 -31.41 34.98 -12.78
N ILE B 266 -30.74 35.71 -13.67
CA ILE B 266 -29.95 35.08 -14.72
C ILE B 266 -28.57 34.69 -14.14
N LYS B 267 -28.16 35.32 -13.04
CA LYS B 267 -26.86 35.00 -12.43
C LYS B 267 -26.72 33.49 -12.18
N ASN B 268 -27.82 32.78 -12.01
CA ASN B 268 -27.74 31.35 -11.76
C ASN B 268 -27.78 30.48 -13.02
N ILE B 269 -27.80 31.14 -14.18
CA ILE B 269 -28.04 30.45 -15.45
C ILE B 269 -27.05 29.31 -15.74
N ARG B 270 -25.78 29.53 -15.41
CA ARG B 270 -24.73 28.55 -15.66
C ARG B 270 -24.98 27.30 -14.83
N GLU B 271 -25.38 27.50 -13.59
CA GLU B 271 -25.63 26.38 -12.67
C GLU B 271 -26.66 25.39 -13.22
N GLU B 272 -27.80 25.92 -13.69
CA GLU B 272 -28.83 25.07 -14.28
C GLU B 272 -28.31 24.36 -15.52
N ALA B 273 -27.45 25.03 -16.26
CA ALA B 273 -26.80 24.39 -17.40
C ALA B 273 -25.95 23.23 -16.92
N GLU B 274 -25.14 23.47 -15.90
CA GLU B 274 -24.29 22.43 -15.33
C GLU B 274 -25.09 21.24 -14.82
N ARG B 275 -26.29 21.51 -14.31
CA ARG B 275 -27.18 20.47 -13.79
C ARG B 275 -27.88 19.67 -14.88
N ASN B 276 -28.21 20.35 -15.97
CA ASN B 276 -28.94 19.71 -17.06
C ASN B 276 -28.07 18.86 -17.98
N ILE B 277 -26.81 19.28 -18.16
CA ILE B 277 -25.92 18.60 -19.08
C ILE B 277 -25.45 17.27 -18.46
N PHE B 278 -25.65 17.16 -17.15
CA PHE B 278 -25.08 16.07 -16.35
C PHE B 278 -25.31 14.65 -16.92
N LYS B 279 -26.57 14.24 -17.07
CA LYS B 279 -26.86 12.86 -17.45
C LYS B 279 -26.28 12.51 -18.82
N ASP B 280 -26.19 13.50 -19.69
CA ASP B 280 -25.56 13.34 -21.00
C ASP B 280 -24.08 13.03 -20.81
N VAL B 281 -23.43 13.79 -19.93
CA VAL B 281 -22.02 13.58 -19.61
C VAL B 281 -21.79 12.22 -18.94
N PHE B 282 -22.69 11.84 -18.04
CA PHE B 282 -22.61 10.55 -17.37
C PHE B 282 -22.60 9.40 -18.38
N ASN B 283 -23.53 9.44 -19.32
CA ASN B 283 -23.63 8.41 -20.35
C ASN B 283 -22.37 8.35 -21.21
N ARG B 284 -21.86 9.52 -21.58
CA ARG B 284 -20.62 9.61 -22.35
C ARG B 284 -19.44 8.92 -21.66
N ILE B 285 -19.24 9.23 -20.39
CA ILE B 285 -18.18 8.59 -19.61
C ILE B 285 -18.47 7.11 -19.44
N TRP B 286 -19.76 6.80 -19.28
CA TRP B 286 -20.18 5.42 -19.04
C TRP B 286 -19.81 4.52 -20.21
N LYS B 287 -19.93 5.06 -21.43
CA LYS B 287 -19.48 4.38 -22.64
C LYS B 287 -18.05 3.88 -22.52
N MET B 288 -17.13 4.81 -22.29
CA MET B 288 -15.72 4.51 -22.20
C MET B 288 -15.39 3.54 -21.07
N LEU B 289 -15.77 3.92 -19.85
CA LEU B 289 -15.35 3.17 -18.67
C LEU B 289 -15.96 1.79 -18.54
N SER B 290 -17.17 1.59 -19.06
CA SER B 290 -17.84 0.28 -18.91
C SER B 290 -17.06 -0.83 -19.61
N GLU B 291 -16.55 -0.54 -20.80
CA GLU B 291 -15.66 -1.47 -21.50
C GLU B 291 -14.36 -1.69 -20.72
N ILE B 292 -13.81 -0.60 -20.18
CA ILE B 292 -12.51 -0.61 -19.52
C ILE B 292 -12.55 -1.14 -18.08
N TRP B 293 -13.69 -0.95 -17.41
CA TRP B 293 -13.76 -1.04 -15.94
C TRP B 293 -13.20 -2.30 -15.28
N HIS B 294 -13.10 -3.39 -16.02
CA HIS B 294 -12.58 -4.63 -15.44
C HIS B 294 -11.09 -4.50 -15.12
N ARG B 295 -10.46 -3.49 -15.72
CA ARG B 295 -9.02 -3.29 -15.63
C ARG B 295 -8.54 -2.80 -14.27
N PHE B 296 -9.36 -2.00 -13.61
CA PHE B 296 -8.99 -1.52 -12.29
C PHE B 296 -9.97 -2.08 -11.27
N LEU B 297 -9.51 -3.06 -10.50
CA LEU B 297 -10.34 -3.69 -9.49
C LEU B 297 -9.51 -4.50 -8.47
N SER B 298 -10.08 -4.72 -7.29
CA SER B 298 -9.40 -5.46 -6.24
C SER B 298 -9.73 -6.94 -6.34
N SER C 13 -29.22 -17.92 36.65
CA SER C 13 -29.42 -17.87 35.20
C SER C 13 -30.64 -17.02 34.88
N LEU C 14 -30.54 -16.23 33.82
CA LEU C 14 -31.60 -15.29 33.46
C LEU C 14 -32.01 -15.32 31.98
N ARG C 15 -33.33 -15.34 31.74
CA ARG C 15 -33.90 -15.44 30.40
C ARG C 15 -34.67 -14.19 29.97
N ILE C 16 -34.23 -13.58 28.88
CA ILE C 16 -34.85 -12.37 28.35
C ILE C 16 -35.35 -12.52 26.92
N VAL C 17 -36.58 -12.09 26.64
CA VAL C 17 -37.03 -12.05 25.25
C VAL C 17 -37.29 -10.60 24.87
N LEU C 18 -36.84 -10.22 23.68
CA LEU C 18 -36.98 -8.84 23.23
C LEU C 18 -38.05 -8.71 22.17
N VAL C 19 -39.15 -8.03 22.50
CA VAL C 19 -40.24 -7.84 21.55
C VAL C 19 -40.49 -6.37 21.26
N GLY C 20 -41.15 -6.09 20.15
CA GLY C 20 -41.40 -4.72 19.73
C GLY C 20 -41.70 -4.70 18.25
N LYS C 21 -41.92 -3.52 17.69
CA LYS C 21 -42.20 -3.43 16.27
C LYS C 21 -40.93 -3.64 15.48
N THR C 22 -41.01 -3.54 14.16
CA THR C 22 -39.84 -3.72 13.33
C THR C 22 -39.11 -2.40 13.18
N GLY C 23 -37.81 -2.42 13.49
CA GLY C 23 -36.98 -1.23 13.33
C GLY C 23 -36.72 -0.45 14.61
N SER C 24 -37.16 -1.00 15.73
CA SER C 24 -37.06 -0.29 17.01
C SER C 24 -35.69 -0.39 17.66
N GLY C 25 -34.84 -1.28 17.13
CA GLY C 25 -33.53 -1.53 17.70
C GLY C 25 -33.44 -2.77 18.58
N LYS C 26 -34.31 -3.74 18.33
CA LYS C 26 -34.31 -4.99 19.07
C LYS C 26 -32.98 -5.73 18.99
N SER C 27 -32.54 -5.99 17.76
CA SER C 27 -31.33 -6.76 17.50
C SER C 27 -30.08 -6.05 18.02
N ALA C 28 -30.03 -4.74 17.78
CA ALA C 28 -28.97 -3.89 18.31
C ALA C 28 -28.88 -4.02 19.83
N THR C 29 -30.03 -3.89 20.48
CA THR C 29 -30.14 -4.04 21.92
C THR C 29 -29.65 -5.43 22.34
N ALA C 30 -30.02 -6.44 21.58
CA ALA C 30 -29.52 -7.80 21.80
C ALA C 30 -27.99 -7.85 21.71
N ASN C 31 -27.44 -7.19 20.70
CA ASN C 31 -25.98 -7.15 20.52
C ASN C 31 -25.26 -6.52 21.71
N THR C 32 -25.71 -5.33 22.13
CA THR C 32 -25.05 -4.61 23.22
C THR C 32 -25.24 -5.28 24.58
N ILE C 33 -26.28 -6.10 24.71
CA ILE C 33 -26.48 -6.90 25.91
C ILE C 33 -25.46 -8.03 25.94
N LEU C 34 -25.22 -8.63 24.79
CA LEU C 34 -24.31 -9.77 24.67
C LEU C 34 -22.85 -9.33 24.58
N GLY C 35 -22.62 -8.03 24.49
CA GLY C 35 -21.28 -7.47 24.55
C GLY C 35 -20.55 -7.36 23.22
N GLU C 36 -20.99 -8.12 22.23
CA GLU C 36 -20.41 -8.05 20.89
C GLU C 36 -21.48 -8.24 19.82
N GLU C 37 -21.10 -8.08 18.55
CA GLU C 37 -22.08 -8.12 17.46
C GLU C 37 -22.34 -9.56 17.03
N ILE C 38 -23.53 -10.06 17.36
CA ILE C 38 -23.88 -11.45 17.08
C ILE C 38 -25.03 -11.52 16.08
N PHE C 39 -26.18 -10.98 16.46
CA PHE C 39 -27.31 -10.90 15.54
C PHE C 39 -27.09 -9.75 14.56
N ASP C 40 -27.83 -9.75 13.46
CA ASP C 40 -27.67 -8.73 12.43
C ASP C 40 -28.56 -7.54 12.71
N SER C 41 -27.93 -6.42 13.03
CA SER C 41 -28.64 -5.16 13.23
C SER C 41 -28.17 -4.13 12.24
N ARG C 42 -29.08 -3.73 11.36
CA ARG C 42 -28.80 -2.69 10.38
C ARG C 42 -30.09 -2.00 10.00
N ILE C 43 -29.97 -0.93 9.22
CA ILE C 43 -31.13 -0.16 8.80
C ILE C 43 -31.68 -0.64 7.46
N ALA C 44 -33.00 -0.81 7.40
CA ALA C 44 -33.65 -1.38 6.22
C ALA C 44 -35.09 -0.87 6.12
N ALA C 45 -35.66 -0.95 4.92
CA ALA C 45 -37.08 -0.62 4.75
C ALA C 45 -37.97 -1.86 4.86
N GLN C 46 -37.33 -3.00 5.12
CA GLN C 46 -38.03 -4.25 5.40
C GLN C 46 -37.47 -4.80 6.71
N ALA C 47 -38.00 -5.93 7.17
CA ALA C 47 -37.48 -6.56 8.37
C ALA C 47 -36.11 -7.18 8.17
N VAL C 48 -35.17 -6.78 9.02
CA VAL C 48 -33.84 -7.34 8.99
C VAL C 48 -33.87 -8.70 9.68
N THR C 49 -34.79 -8.87 10.61
CA THR C 49 -34.96 -10.13 11.31
C THR C 49 -36.29 -10.77 10.93
N LYS C 50 -36.24 -11.86 10.18
CA LYS C 50 -37.46 -12.60 9.83
C LYS C 50 -37.68 -13.83 10.71
N ASN C 51 -36.69 -14.14 11.54
CA ASN C 51 -36.73 -15.37 12.33
C ASN C 51 -36.18 -15.15 13.72
N CYS C 52 -36.84 -15.75 14.71
CA CYS C 52 -36.35 -15.70 16.07
C CYS C 52 -34.95 -16.26 16.16
N GLN C 53 -34.07 -15.48 16.76
CA GLN C 53 -32.70 -15.90 16.97
C GLN C 53 -32.38 -15.71 18.43
N LYS C 54 -31.56 -16.61 18.95
CA LYS C 54 -31.23 -16.57 20.36
C LYS C 54 -29.73 -16.80 20.59
N ALA C 55 -29.23 -16.32 21.72
CA ALA C 55 -27.82 -16.48 22.07
C ALA C 55 -27.66 -16.50 23.59
N SER C 56 -26.44 -16.70 24.05
CA SER C 56 -26.16 -16.67 25.48
C SER C 56 -24.91 -15.86 25.78
N ARG C 57 -24.86 -15.30 26.98
CA ARG C 57 -23.67 -14.61 27.47
C ARG C 57 -23.53 -14.84 28.96
N GLU C 58 -22.32 -15.08 29.43
CA GLU C 58 -22.10 -15.15 30.87
C GLU C 58 -21.96 -13.75 31.46
N TRP C 59 -22.82 -13.42 32.41
CA TRP C 59 -22.68 -12.16 33.12
C TRP C 59 -22.54 -12.45 34.61
N GLN C 60 -21.61 -11.76 35.27
CA GLN C 60 -21.38 -11.83 36.72
C GLN C 60 -21.89 -13.06 37.47
N GLY C 61 -21.57 -14.26 36.99
CA GLY C 61 -22.03 -15.46 37.68
C GLY C 61 -23.30 -16.04 37.11
N ARG C 62 -24.01 -15.23 36.33
CA ARG C 62 -25.30 -15.64 35.80
C ARG C 62 -25.15 -15.89 34.30
N ASP C 63 -26.00 -16.73 33.76
CA ASP C 63 -26.04 -16.97 32.33
C ASP C 63 -27.21 -16.21 31.70
N LEU C 64 -26.90 -15.25 30.83
CA LEU C 64 -27.94 -14.47 30.16
C LEU C 64 -28.31 -15.13 28.85
N LEU C 65 -29.61 -15.34 28.64
CA LEU C 65 -30.10 -15.95 27.42
C LEU C 65 -31.00 -14.94 26.72
N VAL C 66 -30.58 -14.50 25.53
CA VAL C 66 -31.28 -13.42 24.84
C VAL C 66 -32.00 -13.91 23.61
N VAL C 67 -33.32 -13.74 23.60
CA VAL C 67 -34.14 -14.15 22.47
C VAL C 67 -34.54 -12.93 21.65
N ASP C 68 -34.01 -12.85 20.43
CA ASP C 68 -34.30 -11.73 19.55
C ASP C 68 -35.45 -12.11 18.63
N THR C 69 -36.42 -11.22 18.47
CA THR C 69 -37.63 -11.52 17.72
C THR C 69 -37.78 -10.67 16.48
N PRO C 70 -38.47 -11.19 15.46
CA PRO C 70 -38.84 -10.40 14.28
C PRO C 70 -39.93 -9.39 14.61
N GLY C 71 -39.97 -8.29 13.87
CA GLY C 71 -41.02 -7.30 14.04
C GLY C 71 -42.35 -8.01 13.95
N LEU C 72 -43.22 -7.76 14.92
CA LEU C 72 -44.40 -8.59 15.13
C LEU C 72 -45.37 -8.57 13.95
N PHE C 73 -45.58 -7.40 13.35
CA PHE C 73 -46.52 -7.33 12.24
C PHE C 73 -45.84 -6.95 10.92
N ASP C 74 -45.78 -7.93 10.04
CA ASP C 74 -45.10 -7.85 8.76
C ASP C 74 -45.88 -7.08 7.71
N THR C 75 -45.37 -7.08 6.48
CA THR C 75 -45.99 -6.36 5.37
C THR C 75 -47.46 -6.72 5.12
N LYS C 76 -47.71 -7.96 4.74
CA LYS C 76 -49.07 -8.47 4.71
C LYS C 76 -49.26 -9.19 6.02
N GLU C 77 -50.35 -8.90 6.74
CA GLU C 77 -50.48 -9.43 8.08
C GLU C 77 -50.95 -10.87 7.96
N SER C 78 -50.03 -11.78 8.24
CA SER C 78 -50.25 -13.19 8.05
C SER C 78 -50.34 -13.88 9.40
N LEU C 79 -51.48 -14.48 9.66
CA LEU C 79 -51.72 -15.16 10.93
C LEU C 79 -50.73 -16.30 11.02
N ASP C 80 -50.38 -16.85 9.87
CA ASP C 80 -49.43 -17.96 9.78
C ASP C 80 -48.06 -17.57 10.32
N THR C 81 -47.45 -16.54 9.73
CA THR C 81 -46.13 -16.11 10.15
C THR C 81 -46.13 -15.66 11.61
N THR C 82 -47.13 -14.86 11.97
CA THR C 82 -47.29 -14.39 13.36
C THR C 82 -47.35 -15.54 14.34
N CYS C 83 -48.19 -16.53 14.06
CA CYS C 83 -48.28 -17.70 14.93
C CYS C 83 -46.96 -18.47 14.98
N LYS C 84 -46.27 -18.56 13.84
CA LYS C 84 -45.00 -19.28 13.74
C LYS C 84 -43.92 -18.66 14.62
N GLU C 85 -43.69 -17.36 14.47
CA GLU C 85 -42.63 -16.68 15.21
C GLU C 85 -42.93 -16.62 16.71
N ILE C 86 -44.20 -16.38 17.05
CA ILE C 86 -44.64 -16.45 18.43
C ILE C 86 -44.29 -17.83 19.00
N SER C 87 -44.65 -18.88 18.27
CA SER C 87 -44.36 -20.24 18.70
C SER C 87 -42.86 -20.45 18.93
N ARG C 88 -42.06 -19.99 17.97
CA ARG C 88 -40.60 -20.07 18.10
C ARG C 88 -40.08 -19.28 19.29
N CYS C 89 -40.62 -18.08 19.50
CA CYS C 89 -40.25 -17.26 20.65
C CYS C 89 -40.57 -18.00 21.95
N ILE C 90 -41.75 -18.58 22.01
CA ILE C 90 -42.17 -19.37 23.17
C ILE C 90 -41.23 -20.54 23.44
N ILE C 91 -40.96 -21.33 22.40
CA ILE C 91 -40.08 -22.49 22.53
C ILE C 91 -38.67 -22.12 23.03
N SER C 92 -38.08 -21.10 22.41
CA SER C 92 -36.74 -20.64 22.77
C SER C 92 -36.69 -20.12 24.20
N SER C 93 -37.75 -19.47 24.65
CA SER C 93 -37.75 -18.85 25.97
C SER C 93 -38.20 -19.81 27.08
N CYS C 94 -38.58 -21.02 26.69
CA CYS C 94 -39.02 -22.04 27.65
C CYS C 94 -37.93 -22.33 28.67
N PRO C 95 -38.31 -22.76 29.90
CA PRO C 95 -39.66 -22.98 30.44
C PRO C 95 -40.43 -21.69 30.69
N GLY C 96 -39.73 -20.57 30.75
CA GLY C 96 -40.38 -19.28 30.80
C GLY C 96 -39.36 -18.15 30.80
N PRO C 97 -39.76 -16.98 30.28
CA PRO C 97 -38.88 -15.83 30.30
C PRO C 97 -38.88 -15.18 31.68
N HIS C 98 -37.75 -14.62 32.06
CA HIS C 98 -37.70 -13.82 33.28
C HIS C 98 -38.19 -12.42 32.96
N ALA C 99 -37.81 -11.93 31.79
CA ALA C 99 -38.25 -10.61 31.35
C ALA C 99 -38.73 -10.58 29.90
N ILE C 100 -39.89 -9.98 29.69
CA ILE C 100 -40.30 -9.60 28.35
C ILE C 100 -39.99 -8.12 28.20
N VAL C 101 -39.00 -7.81 27.36
CA VAL C 101 -38.59 -6.42 27.19
C VAL C 101 -39.18 -5.83 25.94
N LEU C 102 -40.03 -4.82 26.14
CA LEU C 102 -40.63 -4.10 25.04
C LEU C 102 -39.67 -3.00 24.61
N VAL C 103 -39.19 -3.09 23.38
CA VAL C 103 -38.19 -2.14 22.88
C VAL C 103 -38.85 -1.06 22.03
N LEU C 104 -38.70 0.19 22.47
CA LEU C 104 -39.27 1.33 21.77
C LEU C 104 -38.17 2.30 21.40
N GLN C 105 -38.41 3.10 20.38
CA GLN C 105 -37.54 4.24 20.09
C GLN C 105 -37.79 5.24 21.19
N LEU C 106 -36.81 6.11 21.47
CA LEU C 106 -36.97 7.11 22.51
C LEU C 106 -38.10 8.00 22.07
N GLY C 107 -39.02 8.33 22.98
CA GLY C 107 -40.17 9.10 22.55
C GLY C 107 -41.39 8.22 22.34
N ARG C 108 -41.94 8.28 21.14
CA ARG C 108 -43.27 7.77 20.82
C ARG C 108 -43.64 6.34 21.17
N TYR C 109 -44.91 6.19 21.52
CA TYR C 109 -45.56 4.89 21.69
C TYR C 109 -46.57 4.78 20.55
N THR C 110 -46.41 3.78 19.70
CA THR C 110 -47.20 3.70 18.48
C THR C 110 -48.13 2.48 18.39
N GLU C 111 -48.96 2.46 17.36
CA GLU C 111 -49.98 1.42 17.22
C GLU C 111 -49.38 0.03 17.09
N GLU C 112 -48.22 -0.07 16.43
CA GLU C 112 -47.54 -1.35 16.29
C GLU C 112 -47.12 -1.86 17.67
N GLU C 113 -46.70 -0.94 18.52
CA GLU C 113 -46.37 -1.29 19.90
C GLU C 113 -47.63 -1.57 20.70
N GLN C 114 -48.71 -0.83 20.41
CA GLN C 114 -50.00 -1.08 21.04
C GLN C 114 -50.50 -2.48 20.68
N LYS C 115 -50.44 -2.79 19.39
CA LYS C 115 -50.88 -4.09 18.89
C LYS C 115 -50.01 -5.20 19.46
N THR C 116 -48.72 -4.90 19.61
CA THR C 116 -47.77 -5.85 20.16
C THR C 116 -48.08 -6.16 21.62
N VAL C 117 -48.26 -5.11 22.42
CA VAL C 117 -48.64 -5.28 23.82
C VAL C 117 -49.98 -5.98 23.93
N ALA C 118 -50.94 -5.54 23.12
CA ALA C 118 -52.25 -6.15 23.10
C ALA C 118 -52.18 -7.64 22.78
N LEU C 119 -51.38 -7.99 21.78
CA LEU C 119 -51.19 -9.38 21.39
C LEU C 119 -50.62 -10.22 22.54
N ILE C 120 -49.55 -9.72 23.13
CA ILE C 120 -48.91 -10.39 24.26
C ILE C 120 -49.90 -10.66 25.38
N LYS C 121 -50.67 -9.62 25.72
CA LYS C 121 -51.76 -9.77 26.67
C LYS C 121 -52.74 -10.85 26.23
N ALA C 122 -53.10 -10.82 24.95
CA ALA C 122 -54.11 -11.73 24.41
C ALA C 122 -53.68 -13.18 24.48
N VAL C 123 -52.44 -13.44 24.12
CA VAL C 123 -51.90 -14.79 24.09
C VAL C 123 -51.54 -15.31 25.49
N PHE C 124 -50.94 -14.45 26.30
CA PHE C 124 -50.42 -14.87 27.60
C PHE C 124 -51.26 -14.44 28.81
N GLY C 125 -51.87 -13.26 28.75
CA GLY C 125 -52.68 -12.77 29.84
C GLY C 125 -52.20 -11.44 30.35
N LYS C 126 -52.91 -10.87 31.33
CA LYS C 126 -52.46 -9.65 31.98
C LYS C 126 -51.31 -9.95 32.93
N SER C 127 -51.17 -11.21 33.31
CA SER C 127 -50.14 -11.63 34.23
C SER C 127 -48.76 -11.58 33.57
N ALA C 128 -48.76 -11.36 32.26
CA ALA C 128 -47.53 -11.25 31.49
C ALA C 128 -46.91 -9.86 31.64
N MET C 129 -47.73 -8.87 31.97
CA MET C 129 -47.27 -7.49 32.06
C MET C 129 -46.56 -7.20 33.37
N LYS C 130 -46.58 -8.16 34.28
CA LYS C 130 -45.79 -8.05 35.51
C LYS C 130 -44.34 -8.36 35.22
N HIS C 131 -44.10 -9.18 34.20
CA HIS C 131 -42.76 -9.56 33.79
C HIS C 131 -42.23 -8.72 32.64
N MET C 132 -43.01 -7.74 32.22
CA MET C 132 -42.59 -6.83 31.17
C MET C 132 -41.80 -5.64 31.69
N VAL C 133 -40.71 -5.32 31.01
CA VAL C 133 -40.02 -4.07 31.27
C VAL C 133 -39.92 -3.28 29.97
N ILE C 134 -39.89 -1.97 30.08
CA ILE C 134 -39.81 -1.11 28.92
C ILE C 134 -38.37 -0.64 28.72
N LEU C 135 -37.88 -0.77 27.49
CA LEU C 135 -36.55 -0.27 27.14
C LEU C 135 -36.65 0.69 25.98
N PHE C 136 -36.05 1.87 26.14
CA PHE C 136 -36.03 2.84 25.07
C PHE C 136 -34.65 2.83 24.42
N THR C 137 -34.60 3.11 23.13
CA THR C 137 -33.33 3.18 22.42
C THR C 137 -33.11 4.61 21.99
N ARG C 138 -31.98 4.86 21.35
CA ARG C 138 -31.58 6.20 20.92
C ARG C 138 -31.48 7.13 22.12
N LYS C 139 -30.97 6.60 23.22
CA LYS C 139 -30.80 7.37 24.45
C LYS C 139 -29.93 8.60 24.27
N GLU C 140 -28.97 8.53 23.37
CA GLU C 140 -28.03 9.62 23.18
C GLU C 140 -28.68 10.83 22.52
N GLU C 141 -29.94 10.67 22.10
CA GLU C 141 -30.62 11.68 21.29
C GLU C 141 -31.13 12.85 22.13
N LEU C 142 -31.29 12.62 23.43
CA LEU C 142 -31.71 13.69 24.32
C LEU C 142 -30.49 14.54 24.66
N GLU C 143 -29.31 13.94 24.46
CA GLU C 143 -28.02 14.63 24.59
C GLU C 143 -27.70 15.09 26.01
N GLY C 144 -27.78 14.16 26.96
CA GLY C 144 -27.43 14.46 28.33
C GLY C 144 -28.59 14.79 29.25
N GLN C 145 -29.79 14.88 28.71
CA GLN C 145 -30.98 15.27 29.48
C GLN C 145 -31.49 14.05 30.24
N SER C 146 -32.14 14.26 31.37
CA SER C 146 -32.52 13.13 32.20
C SER C 146 -33.62 12.29 31.60
N PHE C 147 -33.42 10.98 31.66
CA PHE C 147 -34.40 10.00 31.21
C PHE C 147 -35.66 10.13 32.05
N HIS C 148 -35.44 10.34 33.35
CA HIS C 148 -36.51 10.51 34.32
C HIS C 148 -37.42 11.68 33.95
N ASP C 149 -36.83 12.86 33.83
CA ASP C 149 -37.57 14.05 33.42
C ASP C 149 -38.22 13.89 32.04
N PHE C 150 -37.58 13.11 31.18
CA PHE C 150 -38.07 12.90 29.82
C PHE C 150 -39.42 12.20 29.76
N ILE C 151 -39.52 11.04 30.41
CA ILE C 151 -40.78 10.30 30.45
C ILE C 151 -41.74 10.87 31.50
N ALA C 152 -41.28 11.84 32.26
CA ALA C 152 -42.16 12.56 33.18
C ALA C 152 -42.94 13.60 32.39
N ASP C 153 -42.37 14.03 31.27
CA ASP C 153 -42.99 14.98 30.35
C ASP C 153 -43.87 14.25 29.37
N ALA C 154 -44.08 12.96 29.61
CA ALA C 154 -44.70 12.07 28.62
C ALA C 154 -46.17 12.35 28.33
N ASP C 155 -46.72 11.56 27.42
CA ASP C 155 -48.10 11.70 26.97
C ASP C 155 -48.95 10.58 27.59
N VAL C 156 -50.24 10.58 27.27
CA VAL C 156 -51.20 9.69 27.94
C VAL C 156 -50.97 8.20 27.69
N GLY C 157 -50.78 7.83 26.43
CA GLY C 157 -50.62 6.43 26.09
C GLY C 157 -49.34 5.84 26.67
N LEU C 158 -48.25 6.56 26.50
CA LEU C 158 -46.96 6.15 27.03
C LEU C 158 -47.00 6.07 28.56
N LYS C 159 -47.65 7.05 29.18
CA LYS C 159 -47.81 7.05 30.64
C LYS C 159 -48.57 5.82 31.12
N SER C 160 -49.63 5.48 30.39
CA SER C 160 -50.45 4.32 30.70
C SER C 160 -49.65 3.01 30.67
N ILE C 161 -48.97 2.75 29.56
CA ILE C 161 -48.22 1.50 29.39
C ILE C 161 -47.06 1.36 30.38
N VAL C 162 -46.41 2.48 30.68
CA VAL C 162 -45.39 2.51 31.71
C VAL C 162 -45.98 2.10 33.06
N LYS C 163 -47.15 2.65 33.37
CA LYS C 163 -47.88 2.30 34.58
C LYS C 163 -48.14 0.80 34.62
N GLU C 164 -48.61 0.26 33.50
CA GLU C 164 -48.89 -1.17 33.37
C GLU C 164 -47.64 -1.99 33.63
N CYS C 165 -46.50 -1.47 33.20
CA CYS C 165 -45.24 -2.15 33.39
C CYS C 165 -44.60 -1.80 34.74
N GLY C 166 -45.31 -1.03 35.54
CA GLY C 166 -44.88 -0.78 36.91
C GLY C 166 -43.75 0.21 37.00
N ASN C 167 -43.69 1.12 36.03
CA ASN C 167 -42.60 2.08 35.92
C ASN C 167 -41.23 1.41 35.87
N ARG C 168 -41.16 0.31 35.14
CA ARG C 168 -39.89 -0.32 34.87
C ARG C 168 -39.44 0.11 33.51
N CYS C 169 -38.49 1.03 33.47
CA CYS C 169 -38.02 1.59 32.22
C CYS C 169 -36.51 1.78 32.28
N CYS C 170 -35.83 1.45 31.18
CA CYS C 170 -34.42 1.74 31.09
C CYS C 170 -34.17 2.24 29.69
N ALA C 171 -33.06 2.93 29.49
CA ALA C 171 -32.69 3.38 28.15
C ALA C 171 -31.30 2.91 27.77
N PHE C 172 -31.13 2.64 26.48
CA PHE C 172 -29.89 2.12 25.93
C PHE C 172 -29.40 3.05 24.84
N SER C 173 -28.09 3.19 24.72
CA SER C 173 -27.51 3.78 23.53
C SER C 173 -26.72 2.70 22.81
N ASN C 174 -27.24 2.24 21.69
CA ASN C 174 -26.56 1.23 20.90
C ASN C 174 -25.83 1.88 19.76
N SER C 175 -25.10 2.94 20.05
CA SER C 175 -24.45 3.69 19.00
C SER C 175 -22.99 3.27 19.03
N LYS C 176 -22.32 3.36 17.88
CA LYS C 176 -20.95 2.88 17.82
C LYS C 176 -20.04 3.87 18.51
N LYS C 177 -20.52 5.10 18.64
CA LYS C 177 -19.78 6.15 19.33
C LYS C 177 -20.10 6.11 20.82
N THR C 178 -20.88 5.12 21.22
CA THR C 178 -21.20 4.93 22.63
C THR C 178 -20.24 3.87 23.14
N SER C 179 -19.61 4.15 24.27
CA SER C 179 -18.48 3.36 24.76
C SER C 179 -18.86 1.98 25.25
N LYS C 180 -17.86 1.10 25.34
CA LYS C 180 -18.03 -0.26 25.83
C LYS C 180 -18.52 -0.25 27.27
N ALA C 181 -17.84 0.54 28.10
CA ALA C 181 -18.11 0.56 29.53
C ALA C 181 -19.43 1.24 29.80
N GLU C 182 -19.73 2.29 29.04
CA GLU C 182 -21.02 2.94 29.10
C GLU C 182 -22.13 1.93 28.77
N LYS C 183 -21.97 1.22 27.67
CA LYS C 183 -22.91 0.18 27.26
C LYS C 183 -23.09 -0.91 28.33
N GLU C 184 -21.99 -1.42 28.88
CA GLU C 184 -22.04 -2.46 29.90
C GLU C 184 -22.73 -1.98 31.17
N SER C 185 -22.64 -0.68 31.44
CA SER C 185 -23.34 -0.07 32.57
C SER C 185 -24.84 -0.08 32.30
N GLN C 186 -25.21 0.22 31.06
CA GLN C 186 -26.60 0.17 30.63
C GLN C 186 -27.12 -1.26 30.78
N VAL C 187 -26.29 -2.22 30.40
CA VAL C 187 -26.60 -3.63 30.54
C VAL C 187 -26.82 -4.01 32.01
N GLN C 188 -25.95 -3.52 32.88
CA GLN C 188 -26.06 -3.76 34.31
C GLN C 188 -27.35 -3.16 34.87
N GLU C 189 -27.68 -1.95 34.40
CA GLU C 189 -28.91 -1.28 34.77
C GLU C 189 -30.10 -2.19 34.47
N LEU C 190 -30.15 -2.71 33.24
CA LEU C 190 -31.20 -3.62 32.80
C LEU C 190 -31.30 -4.88 33.66
N VAL C 191 -30.18 -5.57 33.82
CA VAL C 191 -30.12 -6.80 34.61
C VAL C 191 -30.57 -6.57 36.04
N GLU C 192 -30.09 -5.49 36.64
CA GLU C 192 -30.50 -5.11 37.99
C GLU C 192 -32.00 -4.90 38.04
N LEU C 193 -32.52 -4.14 37.08
CA LEU C 193 -33.95 -3.90 36.95
C LEU C 193 -34.75 -5.20 36.87
N ILE C 194 -34.28 -6.12 36.05
CA ILE C 194 -34.93 -7.41 35.89
C ILE C 194 -34.92 -8.22 37.18
N GLU C 195 -33.77 -8.26 37.86
CA GLU C 195 -33.64 -9.01 39.10
C GLU C 195 -34.52 -8.45 40.20
N LYS C 196 -34.64 -7.13 40.24
CA LYS C 196 -35.57 -6.46 41.16
C LYS C 196 -36.97 -6.93 40.86
N MET C 197 -37.38 -6.78 39.60
CA MET C 197 -38.69 -7.21 39.14
C MET C 197 -38.95 -8.68 39.47
N VAL C 198 -37.96 -9.53 39.21
CA VAL C 198 -38.09 -10.96 39.49
C VAL C 198 -38.31 -11.21 40.98
N GLN C 199 -37.56 -10.51 41.82
CA GLN C 199 -37.72 -10.62 43.27
C GLN C 199 -39.12 -10.19 43.70
N CYS C 200 -39.58 -9.07 43.15
CA CYS C 200 -40.92 -8.58 43.45
C CYS C 200 -41.99 -9.53 42.92
N ASN C 201 -41.61 -10.38 41.98
CA ASN C 201 -42.51 -11.39 41.43
C ASN C 201 -42.39 -12.74 42.14
N GLU C 202 -41.77 -12.71 43.32
CA GLU C 202 -41.51 -13.91 44.14
C GLU C 202 -40.43 -14.82 43.55
N GLY C 203 -39.55 -14.26 42.75
CA GLY C 203 -38.32 -14.93 42.39
C GLY C 203 -38.40 -15.99 41.32
N ALA C 204 -39.43 -15.94 40.49
CA ALA C 204 -39.58 -16.94 39.44
C ALA C 204 -39.94 -16.30 38.10
N TYR C 205 -39.71 -17.04 37.02
CA TYR C 205 -39.95 -16.55 35.66
C TYR C 205 -41.43 -16.51 35.33
N PHE C 206 -41.75 -16.14 34.10
CA PHE C 206 -43.14 -16.17 33.64
C PHE C 206 -43.53 -17.55 33.16
N SER C 207 -44.53 -18.15 33.79
CA SER C 207 -45.02 -19.45 33.35
C SER C 207 -46.54 -19.50 33.35
N ASP C 208 -47.11 -19.85 32.21
CA ASP C 208 -48.55 -19.95 32.10
C ASP C 208 -48.92 -21.32 31.55
N ASP C 209 -50.20 -21.54 31.32
CA ASP C 209 -50.67 -22.82 30.78
C ASP C 209 -49.91 -23.21 29.53
N ILE C 210 -49.69 -22.25 28.65
CA ILE C 210 -48.87 -22.47 27.45
C ILE C 210 -47.47 -22.98 27.80
N TYR C 211 -46.69 -22.14 28.46
CA TYR C 211 -45.29 -22.47 28.81
C TYR C 211 -45.16 -23.80 29.54
N LYS C 212 -46.03 -24.05 30.51
CA LYS C 212 -46.05 -25.33 31.23
C LYS C 212 -46.28 -26.49 30.27
N ASP C 213 -47.25 -26.33 29.37
CA ASP C 213 -47.54 -27.35 28.36
C ASP C 213 -46.33 -27.67 27.48
N THR C 214 -45.83 -26.65 26.80
CA THR C 214 -44.74 -26.81 25.83
C THR C 214 -43.45 -27.30 26.48
N GLU C 215 -43.26 -26.98 27.74
CA GLU C 215 -42.11 -27.47 28.49
C GLU C 215 -42.22 -28.97 28.73
N GLU C 216 -43.41 -29.40 29.13
CA GLU C 216 -43.71 -30.82 29.31
C GLU C 216 -43.48 -31.59 28.01
N ARG C 217 -43.96 -31.02 26.91
CA ARG C 217 -43.74 -31.59 25.59
C ARG C 217 -42.25 -31.73 25.30
N LEU C 218 -41.50 -30.64 25.49
CA LEU C 218 -40.06 -30.64 25.31
C LEU C 218 -39.37 -31.73 26.11
N LYS C 219 -39.76 -31.87 27.38
CA LYS C 219 -39.20 -32.90 28.25
C LYS C 219 -39.55 -34.29 27.74
N GLN C 220 -40.80 -34.46 27.35
CA GLN C 220 -41.28 -35.72 26.77
C GLN C 220 -40.43 -36.14 25.59
N ARG C 221 -40.27 -35.22 24.63
CA ARG C 221 -39.49 -35.50 23.43
C ARG C 221 -38.03 -35.76 23.75
N GLU C 222 -37.52 -35.04 24.75
CA GLU C 222 -36.15 -35.24 25.22
C GLU C 222 -35.94 -36.66 25.75
N GLU C 223 -36.87 -37.11 26.59
CA GLU C 223 -36.79 -38.45 27.16
C GLU C 223 -36.90 -39.53 26.08
N VAL C 224 -37.80 -39.31 25.13
CA VAL C 224 -37.94 -40.20 23.97
C VAL C 224 -36.64 -40.30 23.19
N LEU C 225 -36.10 -39.14 22.80
CA LEU C 225 -34.84 -39.08 22.07
C LEU C 225 -33.72 -39.73 22.87
N ARG C 226 -33.82 -39.65 24.20
CA ARG C 226 -32.86 -40.29 25.08
C ARG C 226 -33.00 -41.81 25.01
N LYS C 227 -34.24 -42.30 24.99
CA LYS C 227 -34.49 -43.74 24.85
C LYS C 227 -33.98 -44.26 23.52
N ILE C 228 -34.25 -43.51 22.44
CA ILE C 228 -33.74 -43.84 21.11
C ILE C 228 -32.20 -43.87 21.09
N TYR C 229 -31.60 -42.77 21.53
CA TYR C 229 -30.14 -42.61 21.45
C TYR C 229 -29.39 -43.67 22.25
N THR C 230 -29.96 -44.10 23.38
CA THR C 230 -29.35 -45.17 24.16
C THR C 230 -29.39 -46.46 23.35
N ASP C 231 -30.54 -46.76 22.76
CA ASP C 231 -30.72 -47.99 21.99
C ASP C 231 -29.81 -48.05 20.77
N GLN C 232 -29.37 -46.90 20.29
CA GLN C 232 -28.38 -46.86 19.22
C GLN C 232 -27.06 -47.40 19.74
N LEU C 233 -26.64 -46.87 20.89
CA LEU C 233 -25.38 -47.26 21.54
C LEU C 233 -25.49 -48.54 22.38
N ASN C 234 -26.64 -48.75 22.99
CA ASN C 234 -26.88 -49.94 23.82
C ASN C 234 -26.96 -51.22 23.01
N GLU C 235 -27.21 -51.08 21.70
CA GLU C 235 -27.37 -52.25 20.86
C GLU C 235 -26.62 -52.09 19.53
N ASN C 268 -27.47 -29.96 21.93
CA ASN C 268 -27.65 -31.21 21.22
C ASN C 268 -29.09 -31.73 21.30
N ILE C 269 -29.38 -32.53 22.31
CA ILE C 269 -30.67 -33.21 22.43
C ILE C 269 -31.87 -32.25 22.46
N ARG C 270 -31.72 -31.13 23.16
CA ARG C 270 -32.80 -30.16 23.32
C ARG C 270 -33.22 -29.51 22.00
N GLU C 271 -32.22 -29.11 21.21
CA GLU C 271 -32.45 -28.46 19.92
C GLU C 271 -33.26 -29.31 18.94
N GLU C 272 -32.94 -30.59 18.87
CA GLU C 272 -33.70 -31.50 18.02
C GLU C 272 -35.15 -31.57 18.46
N ALA C 273 -35.36 -31.53 19.77
CA ALA C 273 -36.72 -31.49 20.34
C ALA C 273 -37.45 -30.21 19.94
N GLU C 274 -36.75 -29.09 20.08
CA GLU C 274 -37.30 -27.77 19.73
C GLU C 274 -37.75 -27.75 18.27
N ARG C 275 -37.07 -28.54 17.44
CA ARG C 275 -37.43 -28.69 16.03
C ARG C 275 -38.67 -29.57 15.86
N ASN C 276 -38.81 -30.57 16.73
CA ASN C 276 -39.91 -31.51 16.63
C ASN C 276 -41.25 -31.03 17.20
N ILE C 277 -41.20 -30.26 18.28
CA ILE C 277 -42.39 -29.84 19.02
C ILE C 277 -43.18 -28.72 18.32
N PHE C 278 -42.53 -28.12 17.34
CA PHE C 278 -43.01 -26.89 16.70
C PHE C 278 -44.50 -26.91 16.29
N LYS C 279 -44.89 -27.87 15.44
CA LYS C 279 -46.24 -27.86 14.86
C LYS C 279 -47.37 -27.96 15.89
N ASP C 280 -47.13 -28.67 16.98
CA ASP C 280 -48.11 -28.77 18.05
C ASP C 280 -48.35 -27.42 18.69
N VAL C 281 -47.25 -26.72 18.96
CA VAL C 281 -47.30 -25.39 19.54
C VAL C 281 -47.95 -24.39 18.59
N PHE C 282 -47.66 -24.50 17.29
CA PHE C 282 -48.28 -23.62 16.31
C PHE C 282 -49.79 -23.72 16.38
N ASN C 283 -50.30 -24.95 16.39
CA ASN C 283 -51.73 -25.20 16.42
C ASN C 283 -52.37 -24.62 17.67
N ARG C 284 -51.69 -24.78 18.80
CA ARG C 284 -52.12 -24.22 20.08
C ARG C 284 -52.28 -22.70 20.02
N ILE C 285 -51.25 -22.02 19.49
CA ILE C 285 -51.29 -20.58 19.32
C ILE C 285 -52.34 -20.21 18.27
N TRP C 286 -52.48 -21.03 17.23
CA TRP C 286 -53.41 -20.75 16.15
C TRP C 286 -54.84 -20.72 16.66
N LYS C 287 -55.16 -21.59 17.61
CA LYS C 287 -56.45 -21.61 18.26
C LYS C 287 -56.86 -20.23 18.75
N MET C 288 -56.05 -19.67 19.64
CA MET C 288 -56.33 -18.37 20.24
C MET C 288 -56.42 -17.25 19.20
N LEU C 289 -55.36 -17.09 18.41
CA LEU C 289 -55.24 -15.96 17.52
C LEU C 289 -56.25 -15.93 16.36
N SER C 290 -56.70 -17.11 15.90
CA SER C 290 -57.62 -17.18 14.75
C SER C 290 -58.95 -16.50 15.06
N GLU C 291 -59.45 -16.74 16.25
CA GLU C 291 -60.66 -16.05 16.72
C GLU C 291 -60.40 -14.53 16.87
N ILE C 292 -59.25 -14.19 17.42
CA ILE C 292 -58.91 -12.81 17.76
C ILE C 292 -58.44 -11.96 16.56
N TRP C 293 -57.82 -12.60 15.58
CA TRP C 293 -56.98 -11.93 14.58
C TRP C 293 -57.58 -10.74 13.83
N HIS C 294 -58.89 -10.60 13.82
CA HIS C 294 -59.51 -9.51 13.05
C HIS C 294 -59.20 -8.10 13.54
N ARG C 295 -58.78 -7.97 14.79
CA ARG C 295 -58.45 -6.65 15.34
C ARG C 295 -57.09 -6.11 14.92
N PHE C 296 -56.12 -6.99 14.72
CA PHE C 296 -54.74 -6.57 14.49
C PHE C 296 -54.31 -6.32 13.04
N LEU C 297 -55.21 -5.87 12.18
CA LEU C 297 -54.81 -5.54 10.82
C LEU C 297 -55.18 -4.12 10.42
N SER C 298 -54.50 -3.60 9.39
CA SER C 298 -54.74 -2.25 8.91
C SER C 298 -55.79 -2.25 7.79
N LEU D 14 -43.51 29.60 -3.66
CA LEU D 14 -43.66 28.14 -3.53
C LEU D 14 -44.23 27.79 -2.17
N ARG D 15 -45.27 26.97 -2.15
CA ARG D 15 -45.95 26.61 -0.91
C ARG D 15 -45.83 25.13 -0.60
N ILE D 16 -45.21 24.82 0.54
CA ILE D 16 -45.00 23.44 0.94
C ILE D 16 -45.60 23.17 2.31
N VAL D 17 -46.36 22.08 2.45
CA VAL D 17 -46.87 21.72 3.76
C VAL D 17 -46.30 20.38 4.18
N LEU D 18 -45.86 20.30 5.43
CA LEU D 18 -45.19 19.09 5.91
C LEU D 18 -46.12 18.30 6.81
N VAL D 19 -46.53 17.13 6.35
CA VAL D 19 -47.42 16.27 7.13
C VAL D 19 -46.76 14.93 7.41
N GLY D 20 -47.23 14.25 8.44
CA GLY D 20 -46.68 12.98 8.86
C GLY D 20 -47.06 12.71 10.29
N LYS D 21 -46.60 11.59 10.84
CA LYS D 21 -46.92 11.23 12.21
C LYS D 21 -46.17 12.10 13.20
N THR D 22 -46.31 11.80 14.48
CA THR D 22 -45.64 12.58 15.52
C THR D 22 -44.24 12.05 15.79
N GLY D 23 -43.24 12.92 15.70
CA GLY D 23 -41.86 12.54 15.99
C GLY D 23 -41.01 12.22 14.78
N SER D 24 -41.55 12.45 13.58
CA SER D 24 -40.88 12.05 12.35
C SER D 24 -39.79 13.02 11.91
N GLY D 25 -39.74 14.19 12.55
CA GLY D 25 -38.76 15.20 12.20
C GLY D 25 -39.30 16.29 11.29
N LYS D 26 -40.60 16.51 11.34
CA LYS D 26 -41.27 17.54 10.56
C LYS D 26 -40.71 18.93 10.83
N SER D 27 -40.62 19.30 12.11
CA SER D 27 -40.15 20.61 12.50
C SER D 27 -38.67 20.79 12.14
N ALA D 28 -37.89 19.75 12.39
CA ALA D 28 -36.48 19.71 11.99
C ALA D 28 -36.31 19.97 10.51
N THR D 29 -37.07 19.22 9.71
CA THR D 29 -37.06 19.40 8.27
C THR D 29 -37.42 20.82 7.86
N ALA D 30 -38.44 21.37 8.51
CA ALA D 30 -38.81 22.76 8.30
C ALA D 30 -37.66 23.71 8.59
N ASN D 31 -36.98 23.49 9.72
CA ASN D 31 -35.83 24.31 10.11
C ASN D 31 -34.70 24.27 9.09
N THR D 32 -34.33 23.07 8.65
CA THR D 32 -33.23 22.93 7.72
C THR D 32 -33.57 23.46 6.33
N ILE D 33 -34.85 23.51 6.01
CA ILE D 33 -35.31 24.12 4.77
C ILE D 33 -35.21 25.64 4.86
N LEU D 34 -35.60 26.17 6.01
CA LEU D 34 -35.61 27.61 6.22
C LEU D 34 -34.22 28.12 6.56
N GLY D 35 -33.28 27.20 6.72
CA GLY D 35 -31.87 27.55 6.86
C GLY D 35 -31.42 27.80 8.29
N GLU D 36 -32.35 28.11 9.17
CA GLU D 36 -32.03 28.33 10.57
C GLU D 36 -33.12 27.78 11.47
N GLU D 37 -32.88 27.82 12.78
CA GLU D 37 -33.82 27.22 13.72
C GLU D 37 -34.91 28.24 14.08
N ILE D 38 -36.12 27.96 13.58
CA ILE D 38 -37.24 28.85 13.78
C ILE D 38 -38.29 28.13 14.62
N PHE D 39 -38.82 27.05 14.08
CA PHE D 39 -39.77 26.23 14.82
C PHE D 39 -39.04 25.39 15.85
N ASP D 40 -39.77 24.84 16.82
CA ASP D 40 -39.15 24.04 17.86
C ASP D 40 -39.05 22.59 17.45
N SER D 41 -37.82 22.10 17.30
CA SER D 41 -37.59 20.69 17.04
C SER D 41 -36.75 20.09 18.15
N ARG D 42 -37.35 19.17 18.91
CA ARG D 42 -36.62 18.47 19.96
C ARG D 42 -37.26 17.11 20.20
N ILE D 43 -36.62 16.29 21.01
CA ILE D 43 -37.14 14.95 21.26
C ILE D 43 -38.01 14.94 22.51
N ALA D 44 -39.18 14.31 22.41
CA ALA D 44 -40.15 14.36 23.49
C ALA D 44 -41.04 13.13 23.52
N ALA D 45 -41.63 12.86 24.68
CA ALA D 45 -42.62 11.80 24.80
C ALA D 45 -44.01 12.40 24.65
N GLN D 46 -44.06 13.70 24.37
CA GLN D 46 -45.29 14.39 24.06
C GLN D 46 -45.12 15.09 22.72
N ALA D 47 -46.18 15.70 22.21
CA ALA D 47 -46.09 16.46 20.98
C ALA D 47 -45.40 17.79 21.25
N VAL D 48 -44.33 18.05 20.52
CA VAL D 48 -43.63 19.33 20.65
C VAL D 48 -44.38 20.40 19.84
N THR D 49 -45.07 19.95 18.77
CA THR D 49 -45.90 20.83 17.98
C THR D 49 -47.37 20.42 18.13
N LYS D 50 -48.15 21.24 18.83
CA LYS D 50 -49.58 21.01 18.95
C LYS D 50 -50.38 21.90 18.01
N ASN D 51 -49.69 22.79 17.32
CA ASN D 51 -50.34 23.81 16.51
C ASN D 51 -49.63 24.07 15.20
N CYS D 52 -50.41 24.26 14.14
CA CYS D 52 -49.85 24.60 12.84
C CYS D 52 -49.03 25.88 12.93
N GLN D 53 -47.80 25.81 12.45
CA GLN D 53 -46.93 26.97 12.40
C GLN D 53 -46.35 27.08 11.00
N LYS D 54 -46.22 28.30 10.49
CA LYS D 54 -45.73 28.51 9.14
C LYS D 54 -44.70 29.64 9.08
N ALA D 55 -43.83 29.59 8.07
CA ALA D 55 -42.78 30.59 7.93
C ALA D 55 -42.35 30.79 6.49
N SER D 56 -41.42 31.73 6.29
CA SER D 56 -40.86 31.99 4.97
C SER D 56 -39.34 32.14 5.04
N ARG D 62 -37.24 32.70 -5.61
CA ARG D 62 -38.57 32.31 -5.18
C ARG D 62 -38.77 32.56 -3.68
N ASP D 63 -40.02 32.73 -3.28
CA ASP D 63 -40.36 32.82 -1.87
C ASP D 63 -40.90 31.49 -1.38
N LEU D 64 -40.18 30.87 -0.46
CA LEU D 64 -40.59 29.57 0.07
C LEU D 64 -41.44 29.75 1.31
N LEU D 65 -42.60 29.11 1.32
CA LEU D 65 -43.52 29.18 2.45
C LEU D 65 -43.73 27.78 3.01
N VAL D 66 -43.29 27.58 4.25
CA VAL D 66 -43.26 26.26 4.85
C VAL D 66 -44.28 26.15 5.97
N VAL D 67 -45.22 25.22 5.82
CA VAL D 67 -46.25 24.98 6.83
C VAL D 67 -45.93 23.75 7.66
N ASP D 68 -45.65 23.97 8.95
CA ASP D 68 -45.34 22.88 9.86
C ASP D 68 -46.60 22.44 10.60
N THR D 69 -46.81 21.13 10.68
CA THR D 69 -48.04 20.59 11.26
C THR D 69 -47.75 19.71 12.47
N PRO D 70 -48.73 19.60 13.39
CA PRO D 70 -48.69 18.64 14.49
C PRO D 70 -48.90 17.22 13.99
N GLY D 71 -48.35 16.23 14.68
CA GLY D 71 -48.54 14.84 14.30
C GLY D 71 -50.00 14.45 14.19
N LEU D 72 -50.38 13.86 13.06
CA LEU D 72 -51.78 13.68 12.71
C LEU D 72 -52.52 12.70 13.61
N PHE D 73 -51.94 11.52 13.82
CA PHE D 73 -52.61 10.50 14.63
C PHE D 73 -51.83 10.09 15.88
N ASP D 74 -52.56 10.01 16.99
CA ASP D 74 -51.98 9.70 18.29
C ASP D 74 -52.46 8.35 18.80
N THR D 75 -51.99 7.97 19.98
CA THR D 75 -52.47 6.78 20.66
C THR D 75 -53.98 6.95 20.87
N LYS D 76 -54.35 8.07 21.49
CA LYS D 76 -55.76 8.44 21.60
C LYS D 76 -56.18 9.30 20.43
N GLU D 77 -57.24 8.86 19.77
CA GLU D 77 -57.74 9.47 18.53
C GLU D 77 -58.82 10.55 18.73
N SER D 78 -58.48 11.82 18.49
CA SER D 78 -59.44 12.91 18.72
C SER D 78 -59.87 13.62 17.43
N LEU D 79 -61.15 13.51 17.09
CA LEU D 79 -61.71 14.13 15.89
C LEU D 79 -61.73 15.66 15.93
N ASP D 80 -61.98 16.22 17.12
CA ASP D 80 -62.07 17.67 17.29
C ASP D 80 -60.75 18.32 16.93
N THR D 81 -59.69 17.87 17.61
CA THR D 81 -58.35 18.38 17.38
C THR D 81 -57.91 18.16 15.93
N THR D 82 -58.18 16.96 15.41
CA THR D 82 -57.85 16.63 14.03
C THR D 82 -58.44 17.61 13.03
N CYS D 83 -59.74 17.88 13.16
CA CYS D 83 -60.43 18.84 12.31
C CYS D 83 -59.85 20.23 12.44
N LYS D 84 -59.49 20.61 13.67
CA LYS D 84 -58.91 21.93 13.93
C LYS D 84 -57.61 22.13 13.18
N GLU D 85 -56.68 21.19 13.35
CA GLU D 85 -55.36 21.31 12.76
C GLU D 85 -55.39 21.19 11.24
N ILE D 86 -56.23 20.30 10.71
CA ILE D 86 -56.43 20.21 9.28
C ILE D 86 -56.90 21.55 8.71
N SER D 87 -57.90 22.13 9.35
CA SER D 87 -58.44 23.43 8.93
C SER D 87 -57.35 24.49 8.91
N ARG D 88 -56.55 24.53 9.97
CA ARG D 88 -55.45 25.46 10.09
C ARG D 88 -54.40 25.28 8.99
N CYS D 89 -54.06 24.03 8.72
CA CYS D 89 -53.13 23.69 7.65
C CYS D 89 -53.66 24.19 6.32
N ILE D 90 -54.93 23.92 6.06
CA ILE D 90 -55.61 24.39 4.85
C ILE D 90 -55.56 25.92 4.71
N ILE D 91 -55.94 26.63 5.78
CA ILE D 91 -55.93 28.09 5.79
C ILE D 91 -54.53 28.65 5.52
N SER D 92 -53.55 28.12 6.23
CA SER D 92 -52.16 28.55 6.07
C SER D 92 -51.64 28.28 4.67
N SER D 93 -52.10 27.18 4.07
CA SER D 93 -51.63 26.74 2.76
C SER D 93 -52.41 27.37 1.60
N CYS D 94 -53.44 28.14 1.93
CA CYS D 94 -54.25 28.80 0.90
C CYS D 94 -53.41 29.72 0.03
N PRO D 95 -53.81 29.92 -1.25
CA PRO D 95 -54.95 29.32 -1.96
C PRO D 95 -54.75 27.84 -2.31
N GLY D 96 -53.50 27.39 -2.30
CA GLY D 96 -53.20 25.98 -2.43
C GLY D 96 -51.72 25.66 -2.30
N PRO D 97 -51.40 24.45 -1.83
CA PRO D 97 -50.00 24.05 -1.69
C PRO D 97 -49.42 23.63 -3.03
N HIS D 98 -48.12 23.86 -3.23
CA HIS D 98 -47.46 23.33 -4.41
C HIS D 98 -47.02 21.90 -4.10
N ALA D 99 -46.56 21.67 -2.88
CA ALA D 99 -46.16 20.34 -2.47
C ALA D 99 -46.71 19.93 -1.09
N ILE D 100 -47.27 18.73 -1.04
CA ILE D 100 -47.57 18.06 0.23
C ILE D 100 -46.48 17.05 0.51
N VAL D 101 -45.67 17.33 1.52
CA VAL D 101 -44.54 16.46 1.83
C VAL D 101 -44.85 15.52 3.00
N LEU D 102 -44.86 14.22 2.70
CA LEU D 102 -45.05 13.21 3.74
C LEU D 102 -43.70 12.86 4.35
N VAL D 103 -43.55 13.14 5.64
CA VAL D 103 -42.27 12.96 6.32
C VAL D 103 -42.22 11.66 7.13
N LEU D 104 -41.26 10.80 6.79
CA LEU D 104 -41.09 9.53 7.48
C LEU D 104 -39.68 9.43 8.05
N GLN D 105 -39.51 8.60 9.07
CA GLN D 105 -38.18 8.19 9.48
C GLN D 105 -37.67 7.26 8.40
N LEU D 106 -36.35 7.18 8.27
CA LEU D 106 -35.75 6.34 7.25
C LEU D 106 -36.17 4.90 7.49
N GLY D 107 -36.52 4.22 6.40
CA GLY D 107 -37.02 2.86 6.49
C GLY D 107 -38.53 2.73 6.40
N ARG D 108 -39.08 1.94 7.32
CA ARG D 108 -40.46 1.45 7.24
C ARG D 108 -41.55 2.50 7.12
N TYR D 109 -42.63 2.07 6.47
CA TYR D 109 -43.86 2.85 6.31
C TYR D 109 -44.89 2.30 7.27
N THR D 110 -45.38 3.12 8.19
CA THR D 110 -46.20 2.62 9.29
C THR D 110 -47.64 3.08 9.22
N GLU D 111 -48.46 2.57 10.13
CA GLU D 111 -49.90 2.78 10.12
C GLU D 111 -50.27 4.24 10.24
N GLU D 112 -49.53 4.99 11.04
CA GLU D 112 -49.78 6.41 11.20
C GLU D 112 -49.59 7.13 9.87
N GLU D 113 -48.61 6.71 9.09
CA GLU D 113 -48.45 7.28 7.76
C GLU D 113 -49.54 6.77 6.80
N GLN D 114 -49.97 5.52 6.98
CA GLN D 114 -51.07 4.98 6.20
C GLN D 114 -52.34 5.80 6.44
N LYS D 115 -52.65 5.99 7.73
CA LYS D 115 -53.84 6.73 8.13
C LYS D 115 -53.72 8.17 7.67
N THR D 116 -52.51 8.70 7.69
CA THR D 116 -52.28 10.07 7.26
C THR D 116 -52.56 10.21 5.77
N VAL D 117 -51.96 9.33 4.98
CA VAL D 117 -52.17 9.33 3.55
C VAL D 117 -53.64 9.09 3.20
N ALA D 118 -54.25 8.10 3.84
CA ALA D 118 -55.66 7.80 3.65
C ALA D 118 -56.55 9.00 3.94
N LEU D 119 -56.27 9.71 5.03
CA LEU D 119 -57.01 10.91 5.39
C LEU D 119 -56.89 11.98 4.31
N ILE D 120 -55.67 12.25 3.87
CA ILE D 120 -55.40 13.24 2.83
C ILE D 120 -56.21 12.94 1.57
N LYS D 121 -56.19 11.68 1.14
CA LYS D 121 -57.00 11.22 0.04
C LYS D 121 -58.48 11.50 0.31
N ALA D 122 -58.93 11.16 1.51
CA ALA D 122 -60.35 11.28 1.85
C ALA D 122 -60.85 12.72 1.84
N VAL D 123 -60.08 13.62 2.43
CA VAL D 123 -60.46 15.02 2.52
C VAL D 123 -60.27 15.74 1.19
N PHE D 124 -59.16 15.47 0.52
CA PHE D 124 -58.81 16.21 -0.69
C PHE D 124 -59.06 15.44 -2.00
N GLY D 125 -58.84 14.13 -2.00
CA GLY D 125 -59.04 13.34 -3.21
C GLY D 125 -57.80 12.59 -3.62
N LYS D 126 -57.91 11.81 -4.70
CA LYS D 126 -56.77 11.11 -5.26
C LYS D 126 -55.85 12.07 -6.03
N SER D 127 -56.39 13.22 -6.43
CA SER D 127 -55.61 14.20 -7.17
C SER D 127 -54.60 14.91 -6.28
N ALA D 128 -54.70 14.69 -4.98
CA ALA D 128 -53.78 15.30 -4.02
C ALA D 128 -52.45 14.55 -4.00
N MET D 129 -52.49 13.29 -4.40
CA MET D 129 -51.31 12.43 -4.35
C MET D 129 -50.37 12.70 -5.52
N LYS D 130 -50.81 13.53 -6.45
CA LYS D 130 -49.97 13.98 -7.53
C LYS D 130 -49.01 15.06 -7.04
N HIS D 131 -49.46 15.82 -6.04
CA HIS D 131 -48.65 16.88 -5.47
C HIS D 131 -47.93 16.42 -4.20
N MET D 132 -48.08 15.14 -3.87
CA MET D 132 -47.38 14.61 -2.71
C MET D 132 -45.97 14.17 -3.08
N VAL D 133 -45.01 14.54 -2.24
CA VAL D 133 -43.64 14.04 -2.35
C VAL D 133 -43.26 13.38 -1.03
N ILE D 134 -42.42 12.36 -1.10
CA ILE D 134 -42.00 11.65 0.10
C ILE D 134 -40.63 12.12 0.58
N LEU D 135 -40.54 12.45 1.86
CA LEU D 135 -39.26 12.84 2.44
C LEU D 135 -38.93 11.97 3.63
N PHE D 136 -37.73 11.41 3.62
CA PHE D 136 -37.24 10.59 4.72
C PHE D 136 -36.25 11.40 5.54
N THR D 137 -36.16 11.12 6.83
CA THR D 137 -35.18 11.78 7.69
C THR D 137 -34.16 10.79 8.21
N ARG D 138 -33.20 11.26 8.98
CA ARG D 138 -32.11 10.44 9.50
C ARG D 138 -31.29 9.84 8.37
N LYS D 139 -31.04 10.65 7.33
CA LYS D 139 -30.27 10.21 6.17
C LYS D 139 -28.87 9.73 6.57
N GLU D 140 -28.32 10.30 7.63
CA GLU D 140 -26.96 9.94 8.07
C GLU D 140 -26.87 8.54 8.69
N GLU D 141 -28.01 7.88 8.83
CA GLU D 141 -28.08 6.60 9.53
C GLU D 141 -27.70 5.40 8.66
N LEU D 142 -27.70 5.56 7.34
CA LEU D 142 -27.39 4.44 6.46
C LEU D 142 -25.91 4.13 6.32
N GLU D 143 -25.08 5.13 6.58
CA GLU D 143 -23.63 4.93 6.63
C GLU D 143 -23.05 4.46 5.30
N GLY D 144 -23.28 3.20 4.95
CA GLY D 144 -22.75 2.69 3.69
C GLY D 144 -23.75 2.44 2.57
N GLN D 145 -25.05 2.50 2.86
CA GLN D 145 -26.05 2.28 1.81
C GLN D 145 -26.50 3.58 1.13
N SER D 146 -26.74 3.50 -0.17
CA SER D 146 -27.24 4.63 -0.93
C SER D 146 -28.74 4.72 -0.68
N PHE D 147 -29.29 5.93 -0.62
CA PHE D 147 -30.74 6.06 -0.46
C PHE D 147 -31.43 5.35 -1.63
N HIS D 148 -30.85 5.45 -2.82
CA HIS D 148 -31.36 4.76 -3.99
C HIS D 148 -31.43 3.26 -3.73
N ASP D 149 -30.31 2.65 -3.38
CA ASP D 149 -30.24 1.23 -3.00
C ASP D 149 -31.18 0.90 -1.86
N PHE D 150 -31.36 1.84 -0.95
CA PHE D 150 -32.15 1.63 0.25
C PHE D 150 -33.64 1.38 0.00
N ILE D 151 -34.29 2.29 -0.72
CA ILE D 151 -35.71 2.16 -1.03
C ILE D 151 -35.95 1.19 -2.19
N ALA D 152 -34.87 0.75 -2.81
CA ALA D 152 -34.95 -0.29 -3.82
C ALA D 152 -35.06 -1.64 -3.14
N ASP D 153 -34.53 -1.71 -1.94
CA ASP D 153 -34.57 -2.91 -1.13
C ASP D 153 -35.85 -2.90 -0.29
N ALA D 154 -36.72 -1.94 -0.59
CA ALA D 154 -37.88 -1.67 0.27
C ALA D 154 -38.92 -2.76 0.26
N ASP D 155 -39.98 -2.54 1.02
CA ASP D 155 -41.03 -3.53 1.20
C ASP D 155 -42.24 -3.13 0.37
N VAL D 156 -43.27 -3.96 0.40
CA VAL D 156 -44.42 -3.83 -0.49
C VAL D 156 -45.20 -2.54 -0.31
N GLY D 157 -45.50 -2.21 0.94
CA GLY D 157 -46.27 -1.02 1.26
C GLY D 157 -45.54 0.25 0.91
N LEU D 158 -44.26 0.32 1.29
CA LEU D 158 -43.42 1.46 0.96
C LEU D 158 -43.27 1.61 -0.55
N LYS D 159 -43.08 0.50 -1.24
CA LYS D 159 -43.00 0.49 -2.70
C LYS D 159 -44.29 1.05 -3.29
N SER D 160 -45.42 0.61 -2.75
CA SER D 160 -46.74 1.05 -3.21
C SER D 160 -46.93 2.56 -3.10
N ILE D 161 -46.70 3.11 -1.92
CA ILE D 161 -46.90 4.54 -1.69
C ILE D 161 -45.93 5.39 -2.51
N VAL D 162 -44.71 4.90 -2.67
CA VAL D 162 -43.74 5.55 -3.53
C VAL D 162 -44.24 5.61 -4.98
N LYS D 163 -44.81 4.49 -5.45
CA LYS D 163 -45.41 4.43 -6.78
C LYS D 163 -46.50 5.48 -6.91
N GLU D 164 -47.39 5.51 -5.93
CA GLU D 164 -48.50 6.47 -5.91
C GLU D 164 -47.98 7.90 -5.94
N CYS D 165 -46.85 8.12 -5.28
CA CYS D 165 -46.24 9.44 -5.23
C CYS D 165 -45.36 9.69 -6.45
N GLY D 166 -45.33 8.73 -7.37
CA GLY D 166 -44.68 8.91 -8.65
C GLY D 166 -43.17 8.80 -8.59
N ASN D 167 -42.67 8.02 -7.63
CA ASN D 167 -41.24 7.93 -7.37
C ASN D 167 -40.59 9.28 -7.11
N ARG D 168 -41.30 10.13 -6.37
CA ARG D 168 -40.72 11.37 -5.88
C ARG D 168 -40.31 11.20 -4.42
N CYS D 169 -39.01 11.02 -4.19
CA CYS D 169 -38.51 10.77 -2.85
C CYS D 169 -37.21 11.50 -2.62
N CYS D 170 -37.05 12.07 -1.43
CA CYS D 170 -35.80 12.70 -1.05
C CYS D 170 -35.48 12.35 0.40
N ALA D 171 -34.21 12.49 0.79
CA ALA D 171 -33.83 12.27 2.18
C ALA D 171 -33.07 13.47 2.75
N PHE D 172 -33.27 13.72 4.03
CA PHE D 172 -32.71 14.87 4.71
C PHE D 172 -31.89 14.43 5.91
N SER D 173 -30.82 15.15 6.20
CA SER D 173 -30.14 15.01 7.48
C SER D 173 -30.30 16.31 8.26
N ASN D 174 -31.10 16.27 9.32
CA ASN D 174 -31.32 17.45 10.15
C ASN D 174 -30.42 17.40 11.38
N THR D 178 -24.23 17.48 10.65
CA THR D 178 -24.39 17.60 9.20
C THR D 178 -24.25 19.05 8.77
N SER D 179 -23.43 19.29 7.75
CA SER D 179 -23.00 20.64 7.37
C SER D 179 -24.08 21.51 6.74
N LYS D 180 -23.82 22.81 6.74
CA LYS D 180 -24.71 23.81 6.16
C LYS D 180 -24.87 23.55 4.67
N ALA D 181 -23.76 23.31 3.99
CA ALA D 181 -23.76 23.17 2.54
C ALA D 181 -24.45 21.88 2.09
N GLU D 182 -24.21 20.80 2.83
CA GLU D 182 -24.91 19.54 2.60
C GLU D 182 -26.41 19.73 2.75
N LYS D 183 -26.79 20.35 3.87
CA LYS D 183 -28.20 20.65 4.15
C LYS D 183 -28.83 21.48 3.04
N GLU D 184 -28.16 22.55 2.63
CA GLU D 184 -28.66 23.41 1.56
C GLU D 184 -28.72 22.67 0.25
N SER D 185 -27.85 21.68 0.10
CA SER D 185 -27.86 20.81 -1.08
C SER D 185 -29.12 19.95 -1.06
N GLN D 186 -29.46 19.43 0.11
CA GLN D 186 -30.69 18.66 0.29
C GLN D 186 -31.92 19.51 0.00
N VAL D 187 -31.88 20.76 0.46
CA VAL D 187 -32.96 21.71 0.22
C VAL D 187 -33.17 21.96 -1.25
N GLN D 188 -32.07 22.18 -1.96
CA GLN D 188 -32.10 22.40 -3.40
C GLN D 188 -32.66 21.18 -4.12
N GLU D 189 -32.25 20.00 -3.67
CA GLU D 189 -32.75 18.73 -4.19
C GLU D 189 -34.28 18.70 -4.10
N LEU D 190 -34.80 18.97 -2.91
CA LEU D 190 -36.24 19.04 -2.67
C LEU D 190 -36.94 20.06 -3.54
N VAL D 191 -36.43 21.28 -3.54
CA VAL D 191 -37.01 22.38 -4.32
C VAL D 191 -37.06 22.02 -5.80
N GLU D 192 -35.97 21.47 -6.31
CA GLU D 192 -35.91 21.03 -7.70
C GLU D 192 -36.97 19.97 -7.99
N LEU D 193 -37.04 18.97 -7.12
CA LEU D 193 -38.04 17.90 -7.23
C LEU D 193 -39.45 18.45 -7.31
N ILE D 194 -39.75 19.41 -6.44
CA ILE D 194 -41.06 20.04 -6.40
C ILE D 194 -41.37 20.81 -7.68
N GLU D 195 -40.41 21.57 -8.17
CA GLU D 195 -40.59 22.35 -9.39
C GLU D 195 -40.80 21.45 -10.60
N LYS D 196 -40.09 20.33 -10.64
CA LYS D 196 -40.31 19.30 -11.65
C LYS D 196 -41.74 18.80 -11.59
N MET D 197 -42.14 18.34 -10.41
CA MET D 197 -43.49 17.84 -10.17
C MET D 197 -44.53 18.87 -10.59
N VAL D 198 -44.33 20.11 -10.19
CA VAL D 198 -45.22 21.20 -10.57
C VAL D 198 -45.22 21.42 -12.09
N GLY D 203 -48.35 23.23 -14.05
CA GLY D 203 -47.63 24.42 -13.65
C GLY D 203 -48.35 25.22 -12.59
N ALA D 204 -49.25 24.58 -11.87
CA ALA D 204 -50.02 25.26 -10.83
C ALA D 204 -50.09 24.44 -9.54
N TYR D 205 -50.45 25.11 -8.45
CA TYR D 205 -50.53 24.47 -7.14
C TYR D 205 -51.75 23.55 -7.03
N PHE D 206 -51.94 22.95 -5.85
CA PHE D 206 -53.10 22.11 -5.61
C PHE D 206 -54.31 22.94 -5.21
N SER D 207 -55.38 22.85 -6.00
CA SER D 207 -56.61 23.55 -5.69
C SER D 207 -57.82 22.66 -5.89
N ASP D 208 -58.63 22.53 -4.84
CA ASP D 208 -59.84 21.73 -4.88
C ASP D 208 -61.03 22.55 -4.44
N ASP D 209 -62.20 21.93 -4.40
CA ASP D 209 -63.42 22.60 -3.97
C ASP D 209 -63.21 23.29 -2.62
N ILE D 210 -62.55 22.60 -1.70
CA ILE D 210 -62.18 23.18 -0.41
C ILE D 210 -61.35 24.45 -0.55
N TYR D 211 -60.15 24.30 -1.09
CA TYR D 211 -59.21 25.42 -1.23
C TYR D 211 -59.78 26.62 -1.96
N LYS D 212 -60.49 26.37 -3.06
CA LYS D 212 -61.14 27.42 -3.83
C LYS D 212 -62.18 28.14 -2.96
N ASP D 213 -62.98 27.36 -2.24
CA ASP D 213 -63.98 27.91 -1.34
C ASP D 213 -63.38 28.85 -0.29
N THR D 214 -62.51 28.32 0.54
CA THR D 214 -61.93 29.09 1.64
C THR D 214 -61.08 30.26 1.16
N GLU D 215 -60.52 30.15 -0.04
CA GLU D 215 -59.80 31.26 -0.64
C GLU D 215 -60.76 32.39 -0.97
N GLU D 216 -61.90 32.03 -1.54
CA GLU D 216 -62.96 32.99 -1.83
C GLU D 216 -63.40 33.67 -0.54
N ARG D 217 -63.58 32.85 0.50
CA ARG D 217 -63.91 33.36 1.84
C ARG D 217 -62.86 34.34 2.34
N LEU D 218 -61.60 33.92 2.32
CA LEU D 218 -60.48 34.75 2.73
C LEU D 218 -60.49 36.12 2.03
N LYS D 219 -60.71 36.08 0.71
CA LYS D 219 -60.76 37.32 -0.08
C LYS D 219 -61.93 38.19 0.35
N GLN D 220 -63.08 37.56 0.58
CA GLN D 220 -64.27 38.25 1.04
C GLN D 220 -64.00 39.04 2.31
N ARG D 221 -63.45 38.39 3.33
CA ARG D 221 -63.13 39.04 4.60
C ARG D 221 -62.05 40.10 4.41
N PHE D 278 -62.49 30.75 10.12
CA PHE D 278 -62.03 29.50 10.74
C PHE D 278 -63.18 28.53 11.01
N LYS D 279 -64.16 28.97 11.79
CA LYS D 279 -65.24 28.10 12.23
C LYS D 279 -66.05 27.54 11.06
N ASP D 280 -66.15 28.34 9.99
CA ASP D 280 -66.83 27.89 8.79
C ASP D 280 -66.06 26.72 8.19
N VAL D 281 -64.75 26.86 8.10
CA VAL D 281 -63.88 25.80 7.58
C VAL D 281 -63.91 24.56 8.48
N PHE D 282 -63.88 24.79 9.78
CA PHE D 282 -63.94 23.69 10.75
C PHE D 282 -65.18 22.82 10.56
N ASN D 283 -66.33 23.47 10.44
CA ASN D 283 -67.59 22.77 10.23
C ASN D 283 -67.58 22.01 8.91
N ARG D 284 -67.05 22.65 7.88
CA ARG D 284 -66.93 22.02 6.56
C ARG D 284 -66.13 20.73 6.64
N ILE D 285 -64.97 20.78 7.29
CA ILE D 285 -64.14 19.59 7.47
C ILE D 285 -64.85 18.59 8.36
N TRP D 286 -65.53 19.11 9.38
CA TRP D 286 -66.23 18.26 10.34
C TRP D 286 -67.34 17.46 9.65
N LYS D 287 -67.99 18.08 8.67
CA LYS D 287 -68.96 17.36 7.84
C LYS D 287 -68.36 16.06 7.34
N MET D 288 -67.26 16.21 6.59
CA MET D 288 -66.58 15.09 5.96
C MET D 288 -66.04 14.08 6.97
N LEU D 289 -65.23 14.56 7.90
CA LEU D 289 -64.53 13.66 8.81
C LEU D 289 -65.45 12.92 9.77
N SER D 290 -66.58 13.53 10.12
CA SER D 290 -67.50 12.88 11.07
C SER D 290 -68.04 11.58 10.47
N GLU D 291 -68.37 11.61 9.19
CA GLU D 291 -68.77 10.40 8.48
C GLU D 291 -67.63 9.39 8.33
N ILE D 292 -66.43 9.88 8.04
CA ILE D 292 -65.30 9.00 7.78
C ILE D 292 -64.62 8.46 9.04
N TRP D 293 -64.66 9.22 10.13
CA TRP D 293 -63.73 9.03 11.26
C TRP D 293 -63.63 7.61 11.84
N HIS D 294 -64.64 6.78 11.62
CA HIS D 294 -64.61 5.42 12.14
C HIS D 294 -63.59 4.54 11.38
N ARG D 295 -63.15 5.01 10.22
CA ARG D 295 -62.24 4.26 9.37
C ARG D 295 -60.82 4.17 9.94
N PHE D 296 -60.43 5.17 10.72
CA PHE D 296 -59.08 5.22 11.31
C PHE D 296 -59.10 4.99 12.80
N LEU D 297 -59.56 3.81 13.23
CA LEU D 297 -59.59 3.47 14.63
C LEU D 297 -58.68 2.27 14.87
N SER D 298 -58.28 2.05 16.12
CA SER D 298 -57.29 1.03 16.42
C SER D 298 -57.87 -0.37 16.60
N LYS D 299 -59.00 -0.43 17.31
CA LYS D 299 -59.70 -1.69 17.60
C LYS D 299 -58.91 -2.66 18.51
N CYS D 300 -57.61 -2.44 18.65
CA CYS D 300 -56.80 -3.23 19.59
C CYS D 300 -56.57 -2.42 20.85
N LYS D 301 -57.10 -1.20 20.87
CA LYS D 301 -56.86 -0.29 21.98
C LYS D 301 -57.67 -0.54 23.26
N PHE D 302 -58.68 -1.40 23.19
CA PHE D 302 -59.46 -1.70 24.40
C PHE D 302 -58.69 -2.54 25.44
N TYR D 303 -57.61 -3.17 25.02
CA TYR D 303 -56.79 -3.95 25.94
C TYR D 303 -56.13 -3.02 26.96
N SER D 304 -55.91 -1.77 26.55
CA SER D 304 -55.29 -0.77 27.43
C SER D 304 -56.14 -0.52 28.67
N ARG E 12 37.52 -32.53 5.35
CA ARG E 12 36.69 -31.65 4.51
C ARG E 12 37.23 -30.23 4.44
N SER E 13 38.21 -30.03 3.57
CA SER E 13 38.71 -28.72 3.21
C SER E 13 38.11 -28.29 1.87
N LEU E 14 37.82 -27.00 1.72
CA LEU E 14 37.21 -26.51 0.50
C LEU E 14 38.12 -25.40 -0.02
N ARG E 15 38.50 -25.51 -1.29
CA ARG E 15 39.47 -24.59 -1.87
C ARG E 15 38.88 -23.73 -2.97
N ILE E 16 38.91 -22.42 -2.74
CA ILE E 16 38.32 -21.48 -3.66
C ILE E 16 39.35 -20.46 -4.11
N VAL E 17 39.45 -20.22 -5.41
CA VAL E 17 40.34 -19.19 -5.91
C VAL E 17 39.53 -18.11 -6.63
N LEU E 18 39.83 -16.85 -6.34
CA LEU E 18 39.07 -15.76 -6.91
C LEU E 18 39.85 -15.06 -8.01
N VAL E 19 39.38 -15.18 -9.24
CA VAL E 19 40.08 -14.56 -10.36
C VAL E 19 39.21 -13.53 -11.08
N GLY E 20 39.86 -12.61 -11.78
CA GLY E 20 39.16 -11.57 -12.50
C GLY E 20 40.08 -10.40 -12.76
N LYS E 21 39.54 -9.35 -13.38
CA LYS E 21 40.32 -8.16 -13.66
C LYS E 21 40.53 -7.37 -12.38
N THR E 22 41.18 -6.21 -12.51
CA THR E 22 41.45 -5.37 -11.36
C THR E 22 40.29 -4.42 -11.09
N GLY E 23 39.83 -4.39 -9.85
CA GLY E 23 38.77 -3.47 -9.45
C GLY E 23 37.38 -4.09 -9.41
N SER E 24 37.33 -5.41 -9.61
CA SER E 24 36.04 -6.11 -9.71
C SER E 24 35.41 -6.44 -8.36
N GLY E 25 36.19 -6.28 -7.29
CA GLY E 25 35.72 -6.60 -5.96
C GLY E 25 36.16 -7.97 -5.45
N LYS E 26 37.26 -8.47 -6.00
CA LYS E 26 37.83 -9.75 -5.58
C LYS E 26 38.17 -9.80 -4.10
N SER E 27 38.93 -8.82 -3.63
CA SER E 27 39.37 -8.78 -2.24
C SER E 27 38.19 -8.58 -1.30
N ALA E 28 37.29 -7.68 -1.68
CA ALA E 28 36.04 -7.46 -0.97
C ALA E 28 35.26 -8.78 -0.84
N THR E 29 35.10 -9.47 -1.96
CA THR E 29 34.44 -10.77 -1.98
C THR E 29 35.10 -11.76 -1.03
N ALA E 30 36.42 -11.80 -1.05
CA ALA E 30 37.18 -12.63 -0.13
C ALA E 30 36.86 -12.29 1.32
N ASN E 31 36.84 -10.99 1.62
CA ASN E 31 36.56 -10.52 2.97
C ASN E 31 35.19 -10.95 3.48
N THR E 32 34.15 -10.75 2.66
CA THR E 32 32.80 -11.09 3.07
C THR E 32 32.58 -12.58 3.19
N ILE E 33 33.38 -13.35 2.45
CA ILE E 33 33.37 -14.80 2.58
C ILE E 33 34.04 -15.17 3.90
N LEU E 34 35.12 -14.47 4.21
CA LEU E 34 35.90 -14.75 5.41
C LEU E 34 35.30 -14.13 6.67
N GLY E 35 34.23 -13.36 6.50
CA GLY E 35 33.45 -12.90 7.63
C GLY E 35 33.96 -11.62 8.28
N GLU E 36 35.23 -11.31 8.04
CA GLU E 36 35.81 -10.07 8.54
C GLU E 36 36.81 -9.53 7.55
N GLU E 37 37.33 -8.35 7.82
CA GLU E 37 38.23 -7.69 6.89
C GLU E 37 39.66 -8.18 7.12
N ILE E 38 40.16 -8.96 6.17
CA ILE E 38 41.48 -9.57 6.26
C ILE E 38 42.39 -9.00 5.19
N PHE E 39 42.02 -9.24 3.94
CA PHE E 39 42.75 -8.68 2.81
C PHE E 39 42.36 -7.21 2.63
N ASP E 40 43.15 -6.48 1.87
CA ASP E 40 42.90 -5.06 1.67
C ASP E 40 41.98 -4.83 0.48
N SER E 41 40.79 -4.30 0.76
CA SER E 41 39.87 -3.92 -0.30
C SER E 41 39.56 -2.43 -0.23
N ARG E 42 40.00 -1.68 -1.23
CA ARG E 42 39.69 -0.25 -1.31
C ARG E 42 39.73 0.20 -2.76
N ILE E 43 39.31 1.43 -3.02
CA ILE E 43 39.26 1.93 -4.39
C ILE E 43 40.55 2.66 -4.75
N ALA E 44 41.08 2.36 -5.93
CA ALA E 44 42.39 2.89 -6.31
C ALA E 44 42.55 3.05 -7.82
N ALA E 45 43.50 3.89 -8.20
CA ALA E 45 43.87 4.05 -9.60
C ALA E 45 45.02 3.11 -9.94
N GLN E 46 45.39 2.30 -8.96
CA GLN E 46 46.36 1.23 -9.15
C GLN E 46 45.76 -0.08 -8.66
N ALA E 47 46.48 -1.17 -8.86
CA ALA E 47 46.07 -2.44 -8.28
C ALA E 47 46.40 -2.38 -6.80
N VAL E 48 45.41 -2.61 -5.95
CA VAL E 48 45.67 -2.61 -4.52
C VAL E 48 46.30 -3.93 -4.11
N THR E 49 46.02 -4.97 -4.88
CA THR E 49 46.59 -6.29 -4.63
C THR E 49 47.53 -6.60 -5.78
N LYS E 50 48.83 -6.60 -5.47
CA LYS E 50 49.85 -6.94 -6.45
C LYS E 50 50.33 -8.38 -6.26
N ASN E 51 49.85 -9.03 -5.21
CA ASN E 51 50.35 -10.35 -4.87
C ASN E 51 49.24 -11.28 -4.38
N CYS E 52 49.30 -12.54 -4.80
CA CYS E 52 48.34 -13.54 -4.34
C CYS E 52 48.37 -13.64 -2.83
N GLN E 53 47.21 -13.52 -2.20
CA GLN E 53 47.12 -13.67 -0.76
C GLN E 53 46.02 -14.65 -0.44
N LYS E 54 46.23 -15.48 0.58
CA LYS E 54 45.24 -16.49 0.92
C LYS E 54 45.01 -16.53 2.41
N ALA E 55 43.84 -17.03 2.79
CA ALA E 55 43.45 -17.14 4.18
C ALA E 55 42.51 -18.30 4.33
N SER E 56 42.11 -18.59 5.56
CA SER E 56 41.16 -19.67 5.78
C SER E 56 40.08 -19.27 6.78
N ARG E 57 38.93 -19.90 6.64
CA ARG E 57 37.82 -19.74 7.58
C ARG E 57 37.12 -21.08 7.77
N GLU E 58 36.81 -21.37 9.03
CA GLU E 58 36.05 -22.56 9.37
C GLU E 58 34.56 -22.27 9.17
N TRP E 59 33.90 -23.04 8.32
CA TRP E 59 32.48 -22.89 8.11
C TRP E 59 31.80 -24.22 8.40
N GLN E 60 30.64 -24.16 9.05
CA GLN E 60 29.76 -25.30 9.34
C GLN E 60 30.33 -26.72 9.35
N GLY E 61 31.65 -26.86 9.50
CA GLY E 61 32.23 -28.20 9.53
C GLY E 61 33.42 -28.29 8.59
N ARG E 62 33.47 -27.33 7.66
CA ARG E 62 34.43 -27.34 6.59
C ARG E 62 35.45 -26.25 6.85
N ASP E 63 36.65 -26.41 6.30
CA ASP E 63 37.63 -25.36 6.35
C ASP E 63 37.66 -24.68 4.99
N LEU E 64 37.29 -23.41 4.95
CA LEU E 64 37.26 -22.69 3.69
C LEU E 64 38.60 -22.01 3.46
N LEU E 65 39.19 -22.24 2.29
CA LEU E 65 40.48 -21.68 1.95
C LEU E 65 40.31 -20.76 0.76
N VAL E 66 40.55 -19.47 0.99
CA VAL E 66 40.27 -18.47 -0.02
C VAL E 66 41.56 -17.86 -0.56
N VAL E 67 41.77 -18.01 -1.87
CA VAL E 67 42.93 -17.46 -2.53
C VAL E 67 42.54 -16.21 -3.29
N ASP E 68 43.05 -15.07 -2.84
CA ASP E 68 42.77 -13.80 -3.50
C ASP E 68 43.89 -13.50 -4.50
N THR E 69 43.52 -13.04 -5.69
CA THR E 69 44.48 -12.83 -6.76
C THR E 69 44.52 -11.35 -7.17
N PRO E 70 45.68 -10.91 -7.71
CA PRO E 70 45.80 -9.59 -8.34
C PRO E 70 45.08 -9.56 -9.68
N GLY E 71 44.63 -8.39 -10.12
CA GLY E 71 43.99 -8.26 -11.42
C GLY E 71 44.90 -8.80 -12.51
N LEU E 72 44.36 -9.69 -13.35
CA LEU E 72 45.17 -10.47 -14.26
C LEU E 72 45.88 -9.67 -15.36
N PHE E 73 45.14 -8.79 -16.01
CA PHE E 73 45.69 -8.02 -17.13
C PHE E 73 45.65 -6.52 -16.86
N ASP E 74 46.32 -5.76 -17.73
CA ASP E 74 46.40 -4.31 -17.62
C ASP E 74 46.69 -3.65 -18.95
N THR E 75 46.79 -2.33 -18.92
CA THR E 75 47.14 -1.54 -20.08
C THR E 75 48.49 -1.96 -20.62
N LYS E 76 49.51 -1.93 -19.74
CA LYS E 76 50.80 -2.46 -20.09
C LYS E 76 50.82 -3.93 -19.64
N GLU E 77 51.05 -4.82 -20.61
CA GLU E 77 50.97 -6.26 -20.45
C GLU E 77 52.31 -6.96 -20.14
N SER E 78 52.47 -7.48 -18.93
CA SER E 78 53.75 -8.08 -18.54
C SER E 78 53.64 -9.60 -18.36
N LEU E 79 54.36 -10.33 -19.21
CA LEU E 79 54.40 -11.79 -19.17
C LEU E 79 55.06 -12.30 -17.89
N ASP E 80 56.06 -11.56 -17.40
CA ASP E 80 56.77 -11.93 -16.19
C ASP E 80 55.85 -11.96 -14.97
N THR E 81 55.20 -10.83 -14.71
CA THR E 81 54.31 -10.71 -13.56
C THR E 81 53.15 -11.69 -13.65
N THR E 82 52.55 -11.78 -14.83
CA THR E 82 51.47 -12.73 -15.09
C THR E 82 51.88 -14.15 -14.74
N CYS E 83 53.05 -14.58 -15.24
CA CYS E 83 53.57 -15.92 -14.95
C CYS E 83 53.79 -16.11 -13.46
N LYS E 84 54.29 -15.07 -12.79
CA LYS E 84 54.57 -15.13 -11.36
C LYS E 84 53.32 -15.39 -10.56
N GLU E 85 52.31 -14.55 -10.76
CA GLU E 85 51.08 -14.61 -9.99
C GLU E 85 50.27 -15.88 -10.29
N ILE E 86 50.24 -16.29 -11.56
CA ILE E 86 49.63 -17.55 -11.92
C ILE E 86 50.29 -18.70 -11.16
N SER E 87 51.61 -18.73 -11.19
CA SER E 87 52.38 -19.76 -10.49
C SER E 87 52.08 -19.76 -9.00
N ARG E 88 52.08 -18.59 -8.39
CA ARG E 88 51.75 -18.46 -6.97
C ARG E 88 50.32 -18.90 -6.69
N CYS E 89 49.39 -18.52 -7.55
CA CYS E 89 47.99 -18.93 -7.43
C CYS E 89 47.85 -20.45 -7.46
N ILE E 90 48.52 -21.06 -8.41
CA ILE E 90 48.55 -22.52 -8.54
C ILE E 90 49.08 -23.18 -7.28
N ILE E 91 50.22 -22.69 -6.80
CA ILE E 91 50.86 -23.22 -5.59
C ILE E 91 49.95 -23.13 -4.36
N SER E 92 49.35 -21.96 -4.13
CA SER E 92 48.46 -21.76 -2.99
C SER E 92 47.22 -22.65 -3.06
N SER E 93 46.74 -22.90 -4.27
CA SER E 93 45.50 -23.65 -4.48
C SER E 93 45.73 -25.15 -4.56
N CYS E 94 46.99 -25.56 -4.52
CA CYS E 94 47.35 -26.98 -4.55
C CYS E 94 46.70 -27.74 -3.40
N PRO E 95 46.42 -29.04 -3.59
CA PRO E 95 46.62 -29.88 -4.78
C PRO E 95 45.65 -29.53 -5.92
N GLY E 96 44.56 -28.85 -5.61
CA GLY E 96 43.69 -28.33 -6.64
C GLY E 96 42.55 -27.52 -6.05
N PRO E 97 42.03 -26.56 -6.82
CA PRO E 97 40.90 -25.78 -6.34
C PRO E 97 39.61 -26.55 -6.50
N HIS E 98 38.66 -26.34 -5.59
CA HIS E 98 37.33 -26.88 -5.76
C HIS E 98 36.53 -25.96 -6.66
N ALA E 99 36.74 -24.66 -6.48
CA ALA E 99 36.07 -23.66 -7.30
C ALA E 99 37.00 -22.56 -7.83
N ILE E 100 36.90 -22.31 -9.13
CA ILE E 100 37.46 -21.11 -9.73
C ILE E 100 36.34 -20.09 -9.88
N VAL E 101 36.40 -19.03 -9.09
CA VAL E 101 35.34 -18.03 -9.10
C VAL E 101 35.71 -16.83 -9.95
N LEU E 102 34.99 -16.64 -11.05
CA LEU E 102 35.22 -15.48 -11.89
C LEU E 102 34.40 -14.31 -11.35
N VAL E 103 35.09 -13.27 -10.92
CA VAL E 103 34.43 -12.13 -10.28
C VAL E 103 34.24 -10.95 -11.23
N LEU E 104 32.99 -10.57 -11.43
CA LEU E 104 32.66 -9.47 -12.31
C LEU E 104 31.87 -8.41 -11.55
N GLN E 105 31.90 -7.17 -12.02
CA GLN E 105 30.94 -6.18 -11.58
C GLN E 105 29.60 -6.58 -12.19
N LEU E 106 28.50 -6.14 -11.58
CA LEU E 106 27.17 -6.48 -12.07
C LEU E 106 26.97 -5.95 -13.49
N GLY E 107 26.39 -6.77 -14.36
CA GLY E 107 26.22 -6.35 -15.73
C GLY E 107 27.26 -6.86 -16.70
N ARG E 108 27.83 -5.91 -17.42
CA ARG E 108 28.64 -6.13 -18.61
C ARG E 108 29.79 -7.10 -18.39
N TYR E 109 30.13 -7.81 -19.46
CA TYR E 109 31.24 -8.75 -19.48
C TYR E 109 32.35 -8.08 -20.28
N THR E 110 33.54 -7.91 -19.70
CA THR E 110 34.52 -7.08 -20.37
C THR E 110 35.70 -7.87 -20.93
N GLU E 111 36.53 -7.18 -21.70
CA GLU E 111 37.62 -7.80 -22.44
C GLU E 111 38.66 -8.45 -21.53
N GLU E 112 38.93 -7.82 -20.39
CA GLU E 112 39.88 -8.35 -19.42
C GLU E 112 39.40 -9.70 -18.90
N GLU E 113 38.09 -9.78 -18.73
CA GLU E 113 37.43 -11.01 -18.32
C GLU E 113 37.41 -12.07 -19.41
N GLN E 114 37.27 -11.62 -20.66
CA GLN E 114 37.38 -12.53 -21.79
C GLN E 114 38.79 -13.13 -21.83
N LYS E 115 39.80 -12.28 -21.75
CA LYS E 115 41.19 -12.73 -21.80
C LYS E 115 41.52 -13.60 -20.60
N THR E 116 40.95 -13.27 -19.44
CA THR E 116 41.17 -14.04 -18.23
C THR E 116 40.61 -15.46 -18.36
N VAL E 117 39.37 -15.56 -18.82
CA VAL E 117 38.75 -16.86 -19.05
C VAL E 117 39.53 -17.65 -20.09
N ALA E 118 39.89 -16.99 -21.18
CA ALA E 118 40.68 -17.58 -22.24
C ALA E 118 42.01 -18.13 -21.73
N LEU E 119 42.69 -17.33 -20.89
CA LEU E 119 43.95 -17.73 -20.29
C LEU E 119 43.79 -18.99 -19.45
N ILE E 120 42.78 -18.99 -18.59
CA ILE E 120 42.51 -20.15 -17.74
C ILE E 120 42.33 -21.40 -18.59
N LYS E 121 41.53 -21.28 -19.65
CA LYS E 121 41.36 -22.34 -20.62
C LYS E 121 42.71 -22.79 -21.19
N ALA E 122 43.53 -21.83 -21.60
CA ALA E 122 44.79 -22.14 -22.26
C ALA E 122 45.76 -22.85 -21.32
N VAL E 123 45.86 -22.36 -20.08
CA VAL E 123 46.79 -22.94 -19.12
C VAL E 123 46.28 -24.25 -18.55
N PHE E 124 44.99 -24.30 -18.20
CA PHE E 124 44.41 -25.45 -17.49
C PHE E 124 43.55 -26.39 -18.36
N GLY E 125 42.88 -25.85 -19.36
CA GLY E 125 42.07 -26.68 -20.24
C GLY E 125 40.64 -26.24 -20.27
N LYS E 126 39.83 -26.91 -21.10
CA LYS E 126 38.40 -26.67 -21.11
C LYS E 126 37.75 -27.31 -19.89
N SER E 127 38.43 -28.28 -19.30
CA SER E 127 37.91 -29.00 -18.14
C SER E 127 37.93 -28.14 -16.89
N ALA E 128 38.57 -26.97 -16.98
CA ALA E 128 38.63 -26.07 -15.84
C ALA E 128 37.33 -25.29 -15.71
N MET E 129 36.62 -25.14 -16.81
CA MET E 129 35.39 -24.33 -16.82
C MET E 129 34.22 -25.09 -16.22
N LYS E 130 34.43 -26.36 -15.91
CA LYS E 130 33.45 -27.15 -15.18
C LYS E 130 33.51 -26.76 -13.72
N HIS E 131 34.69 -26.32 -13.28
CA HIS E 131 34.88 -25.91 -11.89
C HIS E 131 34.78 -24.40 -11.73
N MET E 132 34.46 -23.71 -12.83
CA MET E 132 34.28 -22.27 -12.76
C MET E 132 32.85 -21.90 -12.36
N VAL E 133 32.72 -20.98 -11.42
CA VAL E 133 31.44 -20.39 -11.11
C VAL E 133 31.54 -18.88 -11.29
N ILE E 134 30.43 -18.25 -11.66
CA ILE E 134 30.42 -16.81 -11.88
C ILE E 134 29.88 -16.08 -10.66
N LEU E 135 30.58 -15.04 -10.24
CA LEU E 135 30.14 -14.22 -9.13
C LEU E 135 30.06 -12.77 -9.57
N PHE E 136 28.92 -12.14 -9.31
CA PHE E 136 28.72 -10.73 -9.62
C PHE E 136 28.80 -9.92 -8.33
N THR E 137 29.30 -8.69 -8.41
CA THR E 137 29.36 -7.83 -7.25
C THR E 137 28.43 -6.64 -7.47
N ARG E 138 28.33 -5.78 -6.46
CA ARG E 138 27.44 -4.63 -6.51
C ARG E 138 25.98 -5.07 -6.68
N LYS E 139 25.61 -6.14 -5.99
CA LYS E 139 24.25 -6.67 -6.03
C LYS E 139 23.23 -5.61 -5.61
N GLU E 140 23.65 -4.71 -4.71
CA GLU E 140 22.74 -3.70 -4.18
C GLU E 140 22.41 -2.60 -5.19
N GLU E 141 23.03 -2.64 -6.37
CA GLU E 141 22.84 -1.57 -7.35
C GLU E 141 21.52 -1.69 -8.11
N LEU E 142 20.96 -2.89 -8.15
CA LEU E 142 19.69 -3.09 -8.85
C LEU E 142 18.51 -2.67 -7.99
N GLU E 143 18.73 -2.65 -6.68
CA GLU E 143 17.74 -2.19 -5.71
C GLU E 143 16.48 -3.05 -5.69
N GLY E 144 16.63 -4.34 -5.44
CA GLY E 144 15.46 -5.19 -5.35
C GLY E 144 15.10 -5.94 -6.61
N GLN E 145 15.84 -5.70 -7.70
CA GLN E 145 15.50 -6.35 -8.96
C GLN E 145 16.03 -7.77 -8.87
N SER E 146 15.35 -8.71 -9.51
CA SER E 146 15.78 -10.09 -9.40
C SER E 146 17.03 -10.30 -10.22
N PHE E 147 17.98 -11.04 -9.64
CA PHE E 147 19.21 -11.38 -10.33
C PHE E 147 18.82 -12.21 -11.53
N HIS E 148 17.82 -13.06 -11.32
CA HIS E 148 17.26 -13.92 -12.36
C HIS E 148 16.76 -13.12 -13.55
N ASP E 149 15.84 -12.19 -13.30
CA ASP E 149 15.32 -11.32 -14.36
C ASP E 149 16.46 -10.53 -15.00
N PHE E 150 17.45 -10.17 -14.19
CA PHE E 150 18.57 -9.35 -14.63
C PHE E 150 19.46 -10.05 -15.67
N ILE E 151 19.96 -11.23 -15.33
CA ILE E 151 20.81 -11.97 -16.27
C ILE E 151 20.00 -12.68 -17.35
N ALA E 152 18.69 -12.67 -17.21
CA ALA E 152 17.81 -13.19 -18.27
C ALA E 152 17.71 -12.12 -19.34
N ASP E 153 17.93 -10.87 -18.92
CA ASP E 153 17.92 -9.73 -19.81
C ASP E 153 19.32 -9.50 -20.38
N ALA E 154 20.22 -10.44 -20.13
CA ALA E 154 21.65 -10.27 -20.44
C ALA E 154 21.96 -10.26 -21.93
N ASP E 155 23.24 -10.12 -22.25
CA ASP E 155 23.67 -10.02 -23.64
C ASP E 155 24.27 -11.33 -24.12
N VAL E 156 24.69 -11.36 -25.38
CA VAL E 156 25.13 -12.59 -26.03
C VAL E 156 26.38 -13.17 -25.37
N GLY E 157 27.37 -12.31 -25.13
CA GLY E 157 28.62 -12.75 -24.56
C GLY E 157 28.45 -13.25 -23.14
N LEU E 158 27.71 -12.47 -22.34
CA LEU E 158 27.41 -12.86 -20.96
C LEU E 158 26.61 -14.16 -20.93
N LYS E 159 25.66 -14.29 -21.84
CA LYS E 159 24.86 -15.50 -21.99
C LYS E 159 25.75 -16.69 -22.30
N SER E 160 26.69 -16.49 -23.21
CA SER E 160 27.64 -17.53 -23.62
C SER E 160 28.47 -18.05 -22.46
N ILE E 161 29.15 -17.15 -21.75
CA ILE E 161 30.04 -17.55 -20.67
C ILE E 161 29.30 -18.19 -19.49
N VAL E 162 28.09 -17.69 -19.20
CA VAL E 162 27.24 -18.31 -18.19
C VAL E 162 26.91 -19.76 -18.58
N LYS E 163 26.60 -19.96 -19.86
CA LYS E 163 26.37 -21.29 -20.40
C LYS E 163 27.58 -22.18 -20.16
N GLU E 164 28.76 -21.67 -20.50
CA GLU E 164 30.01 -22.40 -20.32
C GLU E 164 30.23 -22.77 -18.86
N CYS E 165 29.83 -21.89 -17.95
CA CYS E 165 29.98 -22.12 -16.52
C CYS E 165 28.81 -22.92 -15.96
N GLY E 166 27.91 -23.34 -16.84
CA GLY E 166 26.84 -24.26 -16.46
C GLY E 166 25.71 -23.59 -15.71
N ASN E 167 25.50 -22.30 -15.99
CA ASN E 167 24.52 -21.49 -15.27
C ASN E 167 24.75 -21.51 -13.76
N ARG E 168 26.02 -21.46 -13.37
CA ARG E 168 26.37 -21.27 -11.96
C ARG E 168 26.73 -19.82 -11.76
N CYS E 169 25.81 -19.05 -11.19
CA CYS E 169 26.02 -17.63 -10.97
C CYS E 169 25.45 -17.24 -9.63
N CYS E 170 26.17 -16.40 -8.92
CA CYS E 170 25.69 -15.87 -7.66
C CYS E 170 26.01 -14.40 -7.60
N ALA E 171 25.34 -13.65 -6.74
CA ALA E 171 25.65 -12.25 -6.57
C ALA E 171 25.95 -11.91 -5.11
N PHE E 172 26.87 -10.97 -4.92
CA PHE E 172 27.34 -10.56 -3.61
C PHE E 172 27.16 -9.07 -3.42
N SER E 173 26.83 -8.66 -2.19
CA SER E 173 26.94 -7.27 -1.80
C SER E 173 28.04 -7.17 -0.76
N ASN E 174 29.19 -6.63 -1.14
CA ASN E 174 30.31 -6.51 -0.21
C ASN E 174 30.42 -5.12 0.35
N SER E 175 29.30 -4.53 0.71
CA SER E 175 29.28 -3.13 1.13
C SER E 175 29.12 -3.05 2.64
N LYS E 176 29.59 -1.95 3.23
CA LYS E 176 29.53 -1.78 4.67
C LYS E 176 28.10 -1.50 5.05
N LYS E 177 27.30 -1.12 4.05
CA LYS E 177 25.89 -0.83 4.25
C LYS E 177 25.02 -2.09 4.11
N THR E 178 25.66 -3.22 3.83
CA THR E 178 24.97 -4.50 3.73
C THR E 178 25.19 -5.31 5.00
N SER E 179 24.13 -5.88 5.55
CA SER E 179 24.18 -6.48 6.89
C SER E 179 25.00 -7.78 6.95
N LYS E 180 25.38 -8.16 8.16
CA LYS E 180 26.15 -9.38 8.40
C LYS E 180 25.36 -10.59 7.93
N ALA E 181 24.09 -10.65 8.30
CA ALA E 181 23.28 -11.84 8.05
C ALA E 181 22.99 -12.05 6.58
N GLU E 182 22.72 -10.95 5.88
CA GLU E 182 22.56 -11.00 4.42
C GLU E 182 23.82 -11.54 3.75
N LYS E 183 24.96 -10.98 4.13
CA LYS E 183 26.26 -11.39 3.61
C LYS E 183 26.49 -12.89 3.80
N GLU E 184 26.25 -13.37 5.02
CA GLU E 184 26.45 -14.79 5.32
C GLU E 184 25.48 -15.67 4.53
N SER E 185 24.31 -15.11 4.20
CA SER E 185 23.36 -15.80 3.35
C SER E 185 23.92 -15.93 1.94
N GLN E 186 24.55 -14.86 1.46
CA GLN E 186 25.22 -14.88 0.17
C GLN E 186 26.36 -15.89 0.16
N VAL E 187 27.12 -15.94 1.24
CA VAL E 187 28.22 -16.89 1.37
C VAL E 187 27.73 -18.33 1.31
N GLN E 188 26.66 -18.62 2.04
CA GLN E 188 26.06 -19.95 2.01
C GLN E 188 25.56 -20.29 0.62
N GLU E 189 24.97 -19.31 -0.05
CA GLU E 189 24.53 -19.48 -1.43
C GLU E 189 25.69 -19.98 -2.27
N LEU E 190 26.82 -19.26 -2.17
CA LEU E 190 28.05 -19.62 -2.87
C LEU E 190 28.55 -21.01 -2.49
N VAL E 191 28.66 -21.26 -1.18
CA VAL E 191 29.15 -22.55 -0.70
C VAL E 191 28.30 -23.72 -1.18
N GLU E 192 26.98 -23.57 -1.09
CA GLU E 192 26.05 -24.60 -1.57
C GLU E 192 26.23 -24.84 -3.07
N LEU E 193 26.27 -23.75 -3.83
CA LEU E 193 26.49 -23.80 -5.27
C LEU E 193 27.76 -24.57 -5.63
N ILE E 194 28.83 -24.30 -4.88
CA ILE E 194 30.10 -24.98 -5.07
C ILE E 194 30.03 -26.47 -4.76
N GLU E 195 29.40 -26.82 -3.65
CA GLU E 195 29.25 -28.22 -3.25
C GLU E 195 28.40 -29.00 -4.24
N LYS E 196 27.36 -28.35 -4.76
CA LYS E 196 26.55 -28.92 -5.84
C LYS E 196 27.43 -29.22 -7.04
N MET E 197 28.14 -28.21 -7.50
CA MET E 197 29.05 -28.33 -8.63
C MET E 197 30.05 -29.46 -8.43
N VAL E 198 30.63 -29.53 -7.24
CA VAL E 198 31.60 -30.56 -6.90
C VAL E 198 31.00 -31.97 -6.96
N GLN E 199 29.80 -32.14 -6.43
CA GLN E 199 29.10 -33.43 -6.46
C GLN E 199 28.81 -33.86 -7.89
N CYS E 200 28.31 -32.93 -8.70
CA CYS E 200 28.05 -33.19 -10.11
C CYS E 200 29.35 -33.41 -10.87
N ASN E 201 30.46 -32.97 -10.27
CA ASN E 201 31.79 -33.16 -10.83
C ASN E 201 32.47 -34.41 -10.29
N GLU E 202 31.68 -35.27 -9.67
CA GLU E 202 32.14 -36.51 -9.03
C GLU E 202 32.92 -36.31 -7.74
N GLY E 203 32.69 -35.20 -7.07
CA GLY E 203 33.10 -35.05 -5.68
C GLY E 203 34.57 -34.76 -5.42
N ALA E 204 35.27 -34.26 -6.43
CA ALA E 204 36.69 -33.95 -6.28
C ALA E 204 37.04 -32.59 -6.86
N TYR E 205 38.18 -32.05 -6.45
CA TYR E 205 38.61 -30.74 -6.90
C TYR E 205 39.12 -30.78 -8.35
N PHE E 206 39.59 -29.63 -8.84
CA PHE E 206 40.20 -29.56 -10.16
C PHE E 206 41.65 -30.01 -10.11
N SER E 207 41.98 -31.05 -10.87
CA SER E 207 43.35 -31.52 -10.94
C SER E 207 43.74 -31.83 -12.38
N ASP E 208 44.81 -31.20 -12.84
CA ASP E 208 45.32 -31.41 -14.19
C ASP E 208 46.79 -31.78 -14.12
N ASP E 209 47.42 -31.93 -15.29
CA ASP E 209 48.84 -32.27 -15.36
C ASP E 209 49.71 -31.31 -14.53
N ILE E 210 49.42 -30.02 -14.64
CA ILE E 210 50.09 -29.02 -13.80
C ILE E 210 49.95 -29.29 -12.30
N TYR E 211 48.72 -29.23 -11.80
CA TYR E 211 48.46 -29.40 -10.36
C TYR E 211 49.06 -30.69 -9.77
N LYS E 212 48.91 -31.79 -10.48
CA LYS E 212 49.48 -33.07 -10.06
C LYS E 212 51.01 -32.99 -9.96
N ASP E 213 51.63 -32.39 -10.96
CA ASP E 213 53.07 -32.20 -10.97
C ASP E 213 53.55 -31.43 -9.76
N THR E 214 53.08 -30.19 -9.62
CA THR E 214 53.53 -29.32 -8.55
C THR E 214 53.18 -29.85 -7.16
N GLU E 215 52.11 -30.64 -7.07
CA GLU E 215 51.77 -31.30 -5.81
C GLU E 215 52.83 -32.34 -5.47
N GLU E 216 53.22 -33.13 -6.47
CA GLU E 216 54.30 -34.10 -6.28
C GLU E 216 55.58 -33.41 -5.84
N ARG E 217 55.89 -32.30 -6.52
CA ARG E 217 57.05 -31.48 -6.15
C ARG E 217 56.95 -31.01 -4.71
N LEU E 218 55.82 -30.40 -4.37
CA LEU E 218 55.57 -29.93 -3.02
C LEU E 218 55.83 -31.04 -2.02
N LYS E 219 55.31 -32.23 -2.32
CA LYS E 219 55.49 -33.39 -1.44
C LYS E 219 56.96 -33.78 -1.32
N GLN E 220 57.68 -33.77 -2.44
CA GLN E 220 59.10 -34.07 -2.46
C GLN E 220 59.91 -33.16 -1.52
N ARG E 221 59.73 -31.86 -1.67
CA ARG E 221 60.44 -30.86 -0.87
C ARG E 221 60.07 -30.99 0.60
N GLU E 222 58.82 -31.36 0.83
CA GLU E 222 58.33 -31.62 2.19
C GLU E 222 59.11 -32.74 2.86
N GLU E 223 59.25 -33.86 2.14
CA GLU E 223 59.98 -35.01 2.65
C GLU E 223 61.46 -34.69 2.84
N VAL E 224 62.01 -33.92 1.89
CA VAL E 224 63.39 -33.45 2.00
C VAL E 224 63.61 -32.63 3.27
N LEU E 225 62.78 -31.59 3.44
CA LEU E 225 62.84 -30.74 4.61
C LEU E 225 62.61 -31.51 5.92
N ARG E 226 61.80 -32.56 5.84
CA ARG E 226 61.56 -33.42 7.00
C ARG E 226 62.82 -34.19 7.36
N LYS E 227 63.50 -34.70 6.33
CA LYS E 227 64.77 -35.38 6.51
C LYS E 227 65.82 -34.45 7.11
N ILE E 228 65.87 -33.22 6.59
CA ILE E 228 66.77 -32.20 7.13
C ILE E 228 66.45 -31.91 8.60
N TYR E 229 65.19 -31.59 8.87
CA TYR E 229 64.76 -31.19 10.20
C TYR E 229 65.00 -32.28 11.26
N THR E 230 64.87 -33.54 10.85
CA THR E 230 65.19 -34.65 11.74
C THR E 230 66.69 -34.70 12.06
N ASP E 231 67.53 -34.57 11.04
CA ASP E 231 68.97 -34.61 11.23
C ASP E 231 69.43 -33.41 12.05
N GLN E 232 68.68 -32.33 11.95
CA GLN E 232 68.86 -31.13 12.77
C GLN E 232 68.52 -31.46 14.22
N LEU E 233 67.44 -32.22 14.37
CA LEU E 233 66.92 -32.54 15.70
C LEU E 233 67.81 -33.57 16.38
N ASN E 234 68.39 -34.47 15.60
CA ASN E 234 69.35 -35.41 16.17
C ASN E 234 70.64 -34.70 16.52
N GLU E 235 70.88 -33.55 15.90
CA GLU E 235 72.10 -32.78 16.14
C GLU E 235 71.96 -32.12 17.50
N GLU E 236 70.90 -31.33 17.64
CA GLU E 236 70.59 -30.64 18.87
C GLU E 236 70.41 -31.56 20.08
N ILE E 237 69.81 -32.72 19.86
CA ILE E 237 69.64 -33.70 20.94
C ILE E 237 70.98 -34.27 21.44
N LYS E 238 71.86 -34.64 20.51
CA LYS E 238 73.17 -35.18 20.87
C LYS E 238 73.92 -34.20 21.79
N LEU E 239 73.70 -32.92 21.56
CA LEU E 239 74.25 -31.83 22.37
C LEU E 239 73.79 -31.93 23.81
N VAL E 240 72.48 -32.11 23.96
CA VAL E 240 71.83 -32.04 25.27
C VAL E 240 72.33 -33.10 26.26
N GLU E 241 72.69 -34.29 25.79
CA GLU E 241 73.24 -35.32 26.68
C GLU E 241 74.63 -34.93 27.18
N SER E 247 70.70 -31.76 33.48
CA SER E 247 70.94 -33.20 33.62
C SER E 247 69.67 -33.92 34.07
N GLU E 248 69.59 -35.21 33.75
CA GLU E 248 68.45 -36.07 34.14
C GLU E 248 67.13 -35.61 33.53
N GLU E 249 66.23 -35.14 34.39
CA GLU E 249 64.95 -34.60 33.95
C GLU E 249 65.12 -33.36 33.09
N GLU E 250 66.16 -32.59 33.38
CA GLU E 250 66.44 -31.36 32.65
C GLU E 250 66.73 -31.65 31.19
N LYS E 251 67.62 -32.61 30.95
CA LYS E 251 67.91 -33.09 29.61
C LYS E 251 66.63 -33.58 28.94
N GLU E 252 65.82 -34.34 29.68
CA GLU E 252 64.60 -34.92 29.13
C GLU E 252 63.56 -33.87 28.73
N LYS E 253 63.30 -32.90 29.59
CA LYS E 253 62.40 -31.79 29.27
C LYS E 253 62.95 -30.87 28.17
N GLU E 254 64.26 -30.61 28.19
CA GLU E 254 64.91 -29.85 27.11
C GLU E 254 64.70 -30.54 25.76
N ILE E 255 65.02 -31.84 25.71
CA ILE E 255 64.76 -32.66 24.52
C ILE E 255 63.31 -32.58 24.09
N LYS E 256 62.42 -32.61 25.08
CA LYS E 256 60.99 -32.53 24.85
C LYS E 256 60.67 -31.25 24.08
N LEU E 257 61.23 -30.13 24.54
CA LEU E 257 61.07 -28.84 23.88
C LEU E 257 61.55 -28.85 22.43
N LEU E 258 62.76 -29.39 22.24
CA LEU E 258 63.34 -29.56 20.91
C LEU E 258 62.36 -30.27 19.99
N LYS E 259 61.87 -31.41 20.46
CA LYS E 259 60.89 -32.21 19.73
C LYS E 259 59.60 -31.42 19.44
N LEU E 260 59.19 -30.59 20.40
CA LEU E 260 58.01 -29.74 20.22
C LEU E 260 58.23 -28.75 19.07
N LYS E 261 59.36 -28.07 19.09
CA LYS E 261 59.74 -27.16 18.02
C LYS E 261 59.77 -27.92 16.69
N TYR E 262 60.19 -29.18 16.75
CA TYR E 262 60.22 -30.06 15.58
C TYR E 262 58.83 -30.35 15.02
N ASP E 263 57.91 -30.78 15.88
CA ASP E 263 56.53 -31.07 15.44
C ASP E 263 55.86 -29.79 14.98
N GLU E 264 56.41 -28.66 15.42
CA GLU E 264 55.92 -27.36 15.01
C GLU E 264 56.38 -27.05 13.59
N LYS E 265 57.59 -27.50 13.25
CA LYS E 265 58.06 -27.22 11.91
C LYS E 265 57.59 -28.30 10.95
N ILE E 266 56.93 -29.33 11.46
CA ILE E 266 56.36 -30.33 10.56
C ILE E 266 54.94 -29.95 10.14
N LYS E 267 54.13 -29.50 11.09
CA LYS E 267 52.79 -29.04 10.79
C LYS E 267 52.82 -27.86 9.84
N ASN E 268 53.86 -27.05 9.93
CA ASN E 268 53.99 -25.86 9.11
C ASN E 268 54.78 -26.00 7.80
N ILE E 269 55.19 -27.23 7.44
CA ILE E 269 56.08 -27.45 6.29
C ILE E 269 55.61 -26.93 4.92
N ARG E 270 54.33 -27.08 4.64
CA ARG E 270 53.82 -26.81 3.29
C ARG E 270 54.14 -25.39 2.83
N GLU E 271 53.95 -24.41 3.71
CA GLU E 271 54.21 -23.01 3.36
C GLU E 271 55.64 -22.76 2.90
N GLU E 272 56.62 -23.30 3.62
CA GLU E 272 58.02 -23.15 3.22
C GLU E 272 58.29 -23.82 1.88
N ALA E 273 57.64 -24.96 1.66
CA ALA E 273 57.72 -25.65 0.37
C ALA E 273 57.14 -24.77 -0.71
N GLU E 274 55.99 -24.19 -0.44
CA GLU E 274 55.30 -23.31 -1.38
C GLU E 274 56.15 -22.12 -1.84
N ARG E 275 56.99 -21.59 -0.95
CA ARG E 275 57.87 -20.47 -1.30
C ARG E 275 59.13 -20.93 -2.07
N ASN E 276 59.63 -22.09 -1.68
CA ASN E 276 60.87 -22.65 -2.21
C ASN E 276 60.72 -23.32 -3.58
N ILE E 277 59.55 -23.89 -3.81
CA ILE E 277 59.24 -24.67 -5.01
C ILE E 277 59.07 -23.79 -6.25
N PHE E 278 58.97 -22.49 -5.99
CA PHE E 278 58.51 -21.47 -6.93
C PHE E 278 59.13 -21.47 -8.35
N LYS E 279 60.45 -21.37 -8.45
CA LYS E 279 61.10 -21.16 -9.75
C LYS E 279 60.85 -22.24 -10.80
N ASP E 280 60.70 -23.49 -10.34
CA ASP E 280 60.40 -24.59 -11.24
C ASP E 280 59.03 -24.41 -11.87
N VAL E 281 58.06 -24.05 -11.04
CA VAL E 281 56.71 -23.78 -11.51
C VAL E 281 56.67 -22.58 -12.45
N PHE E 282 57.44 -21.54 -12.12
CA PHE E 282 57.52 -20.35 -12.95
C PHE E 282 57.98 -20.70 -14.37
N ASN E 283 59.04 -21.49 -14.48
CA ASN E 283 59.56 -21.92 -15.77
C ASN E 283 58.55 -22.75 -16.53
N ARG E 284 57.87 -23.65 -15.83
CA ARG E 284 56.82 -24.47 -16.42
C ARG E 284 55.73 -23.60 -17.04
N ILE E 285 55.26 -22.62 -16.27
CA ILE E 285 54.24 -21.70 -16.75
C ILE E 285 54.80 -20.85 -17.88
N TRP E 286 56.07 -20.47 -17.77
CA TRP E 286 56.72 -19.63 -18.75
C TRP E 286 56.79 -20.32 -20.12
N LYS E 287 57.01 -21.63 -20.12
CA LYS E 287 56.96 -22.42 -21.35
C LYS E 287 55.67 -22.17 -22.12
N MET E 288 54.55 -22.47 -21.48
CA MET E 288 53.24 -22.35 -22.11
C MET E 288 52.94 -20.92 -22.53
N LEU E 289 53.01 -20.00 -21.57
CA LEU E 289 52.57 -18.63 -21.84
C LEU E 289 53.45 -17.88 -22.84
N SER E 290 54.73 -18.20 -22.91
CA SER E 290 55.63 -17.51 -23.84
C SER E 290 55.22 -17.78 -25.30
N GLU E 291 54.84 -19.02 -25.58
CA GLU E 291 54.29 -19.35 -26.91
C GLU E 291 52.95 -18.67 -27.17
N ILE E 292 52.10 -18.65 -26.15
CA ILE E 292 50.74 -18.14 -26.30
C ILE E 292 50.65 -16.62 -26.25
N TRP E 293 51.55 -15.99 -25.52
CA TRP E 293 51.35 -14.61 -25.06
C TRP E 293 50.95 -13.58 -26.12
N HIS E 294 51.22 -13.86 -27.39
CA HIS E 294 50.82 -12.93 -28.45
C HIS E 294 49.31 -13.00 -28.62
N ARG E 295 48.72 -14.07 -28.09
CA ARG E 295 47.28 -14.28 -28.21
C ARG E 295 46.49 -13.29 -27.38
N PHE E 296 47.07 -12.84 -26.28
CA PHE E 296 46.40 -11.92 -25.37
C PHE E 296 47.10 -10.57 -25.39
N LEU E 297 47.27 -10.00 -26.58
CA LEU E 297 47.89 -8.69 -26.72
C LEU E 297 47.00 -7.71 -27.44
N SER E 298 47.25 -6.43 -27.23
CA SER E 298 46.46 -5.38 -27.84
C SER E 298 47.07 -4.94 -29.15
N LYS E 299 46.29 -5.00 -30.23
CA LYS E 299 46.77 -4.62 -31.55
C LYS E 299 46.72 -3.10 -31.71
N CYS E 300 46.09 -2.44 -30.73
CA CYS E 300 46.00 -0.99 -30.69
C CYS E 300 47.11 -0.45 -29.81
N LYS E 301 46.83 0.69 -29.18
CA LYS E 301 47.74 1.36 -28.24
C LYS E 301 48.92 2.13 -28.86
N PHE E 302 49.04 2.15 -30.19
CA PHE E 302 50.13 2.88 -30.82
C PHE E 302 50.07 4.36 -30.44
N SER F 13 27.32 28.63 -28.81
CA SER F 13 26.98 27.22 -28.78
C SER F 13 28.17 26.35 -28.38
N LEU F 14 27.88 25.32 -27.61
CA LEU F 14 28.90 24.39 -27.13
C LEU F 14 28.45 22.97 -27.49
N ARG F 15 29.32 22.22 -28.15
CA ARG F 15 28.98 20.86 -28.58
C ARG F 15 29.87 19.82 -27.91
N ILE F 16 29.23 18.94 -27.16
CA ILE F 16 29.93 17.91 -26.42
C ILE F 16 29.42 16.52 -26.81
N VAL F 17 30.34 15.59 -27.08
CA VAL F 17 29.94 14.22 -27.34
C VAL F 17 30.54 13.30 -26.28
N LEU F 18 29.74 12.36 -25.78
CA LEU F 18 30.19 11.48 -24.70
C LEU F 18 30.49 10.06 -25.21
N VAL F 19 31.76 9.69 -25.20
CA VAL F 19 32.17 8.36 -25.67
C VAL F 19 32.86 7.54 -24.57
N GLY F 20 32.85 6.23 -24.73
CA GLY F 20 33.44 5.33 -23.76
C GLY F 20 32.84 3.93 -23.94
N LYS F 21 33.22 2.99 -23.09
CA LYS F 21 32.67 1.64 -23.21
C LYS F 21 31.23 1.62 -22.68
N THR F 22 30.62 0.44 -22.67
CA THR F 22 29.26 0.31 -22.18
C THR F 22 29.25 0.07 -20.66
N GLY F 23 28.46 0.88 -19.95
CA GLY F 23 28.31 0.74 -18.51
C GLY F 23 29.13 1.73 -17.72
N SER F 24 29.75 2.66 -18.43
CA SER F 24 30.68 3.61 -17.82
C SER F 24 29.97 4.80 -17.18
N GLY F 25 28.69 4.97 -17.47
CA GLY F 25 27.94 6.09 -16.92
C GLY F 25 27.82 7.26 -17.89
N LYS F 26 27.93 6.99 -19.17
CA LYS F 26 27.78 8.02 -20.21
C LYS F 26 26.44 8.73 -20.13
N SER F 27 25.38 7.93 -20.14
CA SER F 27 24.02 8.46 -20.16
C SER F 27 23.69 9.22 -18.89
N ALA F 28 24.09 8.64 -17.75
CA ALA F 28 23.96 9.29 -16.45
C ALA F 28 24.64 10.66 -16.44
N THR F 29 25.88 10.69 -16.90
CA THR F 29 26.64 11.92 -17.03
C THR F 29 25.93 12.95 -17.91
N ALA F 30 25.37 12.49 -19.02
CA ALA F 30 24.56 13.35 -19.87
C ALA F 30 23.38 13.95 -19.09
N ASN F 31 22.71 13.09 -18.32
CA ASN F 31 21.57 13.52 -17.52
C ASN F 31 21.92 14.61 -16.52
N THR F 32 22.99 14.39 -15.76
CA THR F 32 23.39 15.35 -14.74
C THR F 32 23.94 16.63 -15.36
N ILE F 33 24.41 16.54 -16.59
CA ILE F 33 24.81 17.72 -17.35
C ILE F 33 23.56 18.46 -17.78
N LEU F 34 22.56 17.70 -18.21
CA LEU F 34 21.32 18.28 -18.71
C LEU F 34 20.38 18.65 -17.55
N GLY F 35 20.78 18.33 -16.33
CA GLY F 35 20.12 18.83 -15.14
C GLY F 35 18.94 18.02 -14.67
N GLU F 36 18.35 17.25 -15.58
CA GLU F 36 17.24 16.36 -15.25
C GLU F 36 17.39 15.09 -16.06
N GLU F 37 16.53 14.11 -15.79
CA GLU F 37 16.67 12.81 -16.42
C GLU F 37 15.97 12.78 -17.78
N ILE F 38 16.78 12.72 -18.84
CA ILE F 38 16.27 12.76 -20.21
C ILE F 38 16.54 11.43 -20.89
N PHE F 39 17.82 11.10 -21.04
CA PHE F 39 18.21 9.80 -21.59
C PHE F 39 18.03 8.72 -20.55
N ASP F 40 18.01 7.47 -20.97
CA ASP F 40 17.80 6.38 -20.03
C ASP F 40 19.13 5.91 -19.47
N SER F 41 19.29 6.10 -18.17
CA SER F 41 20.46 5.58 -17.49
C SER F 41 20.02 4.60 -16.40
N ARG F 42 20.38 3.34 -16.58
CA ARG F 42 20.09 2.32 -15.57
C ARG F 42 21.11 1.20 -15.68
N ILE F 43 21.08 0.27 -14.74
CA ILE F 43 22.03 -0.83 -14.74
C ILE F 43 21.44 -2.02 -15.47
N ALA F 44 22.26 -2.63 -16.32
CA ALA F 44 21.80 -3.70 -17.19
C ALA F 44 22.93 -4.67 -17.52
N ALA F 45 22.57 -5.87 -17.94
CA ALA F 45 23.59 -6.80 -18.40
C ALA F 45 23.76 -6.70 -19.92
N GLN F 46 23.02 -5.79 -20.53
CA GLN F 46 23.19 -5.46 -21.94
C GLN F 46 23.32 -3.94 -22.06
N ALA F 47 23.54 -3.45 -23.28
CA ALA F 47 23.60 -2.01 -23.49
C ALA F 47 22.20 -1.40 -23.42
N VAL F 48 22.04 -0.41 -22.54
CA VAL F 48 20.77 0.29 -22.41
C VAL F 48 20.62 1.29 -23.54
N THR F 49 21.75 1.75 -24.06
CA THR F 49 21.76 2.67 -25.19
C THR F 49 22.33 1.96 -26.41
N LYS F 50 21.48 1.64 -27.38
CA LYS F 50 21.91 1.03 -28.63
C LYS F 50 22.02 2.06 -29.76
N ASN F 51 21.61 3.28 -29.47
CA ASN F 51 21.50 4.32 -30.49
C ASN F 51 21.91 5.69 -29.99
N CYS F 52 22.60 6.44 -30.84
CA CYS F 52 22.99 7.80 -30.52
C CYS F 52 21.77 8.66 -30.23
N GLN F 53 21.79 9.32 -29.08
CA GLN F 53 20.71 10.23 -28.71
C GLN F 53 21.33 11.55 -28.30
N LYS F 54 20.67 12.65 -28.64
CA LYS F 54 21.20 13.97 -28.33
C LYS F 54 20.12 14.87 -27.77
N ALA F 55 20.55 15.88 -27.03
CA ALA F 55 19.64 16.82 -26.41
C ALA F 55 20.32 18.16 -26.24
N SER F 56 19.58 19.15 -25.73
CA SER F 56 20.18 20.45 -25.49
C SER F 56 19.77 21.01 -24.14
N ARG F 57 20.66 21.83 -23.58
CA ARG F 57 20.35 22.57 -22.37
C ARG F 57 20.97 23.95 -22.48
N GLU F 58 20.20 24.94 -22.08
CA GLU F 58 20.69 26.30 -22.05
C GLU F 58 21.46 26.48 -20.74
N TRP F 59 22.74 26.82 -20.82
CA TRP F 59 23.51 27.09 -19.62
C TRP F 59 24.06 28.50 -19.77
N GLN F 60 24.03 29.24 -18.66
CA GLN F 60 24.61 30.59 -18.53
C GLN F 60 24.86 31.37 -19.82
N GLY F 61 23.87 31.43 -20.71
CA GLY F 61 24.07 32.16 -21.95
C GLY F 61 24.43 31.27 -23.11
N ARG F 62 24.86 30.06 -22.82
CA ARG F 62 25.36 29.15 -23.84
C ARG F 62 24.34 28.07 -24.08
N ASP F 63 24.33 27.52 -25.28
CA ASP F 63 23.48 26.39 -25.57
C ASP F 63 24.36 25.15 -25.58
N LEU F 64 24.11 24.26 -24.63
CA LEU F 64 24.91 23.04 -24.52
C LEU F 64 24.22 21.94 -25.32
N LEU F 65 24.98 21.29 -26.20
CA LEU F 65 24.43 20.21 -27.01
C LEU F 65 25.17 18.93 -26.67
N VAL F 66 24.46 17.98 -26.08
CA VAL F 66 25.08 16.77 -25.56
C VAL F 66 24.67 15.55 -26.36
N VAL F 67 25.66 14.88 -26.94
CA VAL F 67 25.43 13.68 -27.72
C VAL F 67 25.81 12.42 -26.93
N ASP F 68 24.81 11.60 -26.62
CA ASP F 68 25.04 10.36 -25.87
C ASP F 68 25.23 9.20 -26.85
N THR F 69 26.24 8.37 -26.58
CA THR F 69 26.61 7.30 -27.50
C THR F 69 26.46 5.93 -26.87
N PRO F 70 26.23 4.91 -27.70
CA PRO F 70 26.23 3.51 -27.28
C PRO F 70 27.64 3.02 -26.99
N GLY F 71 27.77 2.02 -26.13
CA GLY F 71 29.06 1.43 -25.84
C GLY F 71 29.70 1.00 -27.14
N LEU F 72 30.95 1.42 -27.34
CA LEU F 72 31.61 1.31 -28.63
C LEU F 72 31.83 -0.11 -29.14
N PHE F 73 32.27 -1.00 -28.25
CA PHE F 73 32.56 -2.37 -28.65
C PHE F 73 31.67 -3.39 -27.94
N SER F 78 31.00 -5.82 -33.90
CA SER F 78 30.31 -5.74 -35.17
C SER F 78 30.66 -4.47 -35.92
N LEU F 79 31.27 -4.63 -37.09
CA LEU F 79 31.69 -3.50 -37.91
C LEU F 79 30.51 -2.68 -38.46
N ASP F 80 29.41 -3.37 -38.77
CA ASP F 80 28.21 -2.72 -39.30
C ASP F 80 27.65 -1.73 -38.30
N THR F 81 27.34 -2.24 -37.10
CA THR F 81 26.78 -1.42 -36.03
C THR F 81 27.74 -0.32 -35.66
N THR F 82 29.02 -0.66 -35.55
CA THR F 82 30.06 0.30 -35.21
C THR F 82 30.06 1.49 -36.16
N CYS F 83 30.10 1.22 -37.46
CA CYS F 83 30.06 2.28 -38.47
C CYS F 83 28.80 3.11 -38.39
N LYS F 84 27.67 2.46 -38.13
CA LYS F 84 26.38 3.14 -38.05
C LYS F 84 26.37 4.19 -36.95
N GLU F 85 26.73 3.77 -35.74
CA GLU F 85 26.70 4.63 -34.58
C GLU F 85 27.74 5.73 -34.69
N ILE F 86 28.91 5.39 -35.22
CA ILE F 86 29.94 6.39 -35.51
C ILE F 86 29.39 7.46 -36.44
N SER F 87 28.77 7.03 -37.53
CA SER F 87 28.19 7.97 -38.50
C SER F 87 27.15 8.87 -37.85
N ARG F 88 26.28 8.27 -37.04
CA ARG F 88 25.25 9.00 -36.31
C ARG F 88 25.86 10.01 -35.35
N CYS F 89 26.90 9.60 -34.64
CA CYS F 89 27.61 10.49 -33.73
C CYS F 89 28.17 11.68 -34.48
N ILE F 90 28.82 11.41 -35.61
CA ILE F 90 29.37 12.46 -36.46
C ILE F 90 28.30 13.43 -36.93
N ILE F 91 27.21 12.90 -37.48
CA ILE F 91 26.10 13.71 -37.98
C ILE F 91 25.52 14.59 -36.87
N SER F 92 25.25 13.99 -35.72
CA SER F 92 24.69 14.73 -34.59
C SER F 92 25.65 15.82 -34.10
N SER F 93 26.94 15.53 -34.17
CA SER F 93 27.95 16.45 -33.65
C SER F 93 28.41 17.48 -34.68
N CYS F 94 27.91 17.38 -35.91
CA CYS F 94 28.24 18.33 -36.96
C CYS F 94 27.86 19.76 -36.56
N PRO F 95 28.58 20.77 -37.08
CA PRO F 95 29.72 20.71 -38.00
C PRO F 95 31.00 20.20 -37.33
N GLY F 96 31.05 20.26 -36.01
CA GLY F 96 32.13 19.63 -35.27
C GLY F 96 31.93 19.76 -33.78
N PRO F 97 32.47 18.80 -33.01
CA PRO F 97 32.35 18.86 -31.56
C PRO F 97 33.37 19.82 -30.95
N HIS F 98 32.99 20.46 -29.85
CA HIS F 98 33.93 21.28 -29.10
C HIS F 98 34.71 20.37 -28.15
N ALA F 99 34.01 19.42 -27.54
CA ALA F 99 34.66 18.46 -26.65
C ALA F 99 34.26 17.00 -26.92
N ILE F 100 35.27 16.15 -27.01
CA ILE F 100 35.08 14.71 -26.97
C ILE F 100 35.39 14.24 -25.55
N VAL F 101 34.37 13.80 -24.84
CA VAL F 101 34.54 13.39 -23.45
C VAL F 101 34.64 11.88 -23.30
N LEU F 102 35.79 11.42 -22.84
CA LEU F 102 35.99 10.00 -22.56
C LEU F 102 35.51 9.68 -21.15
N VAL F 103 34.50 8.84 -21.03
CA VAL F 103 33.89 8.55 -19.75
C VAL F 103 34.40 7.22 -19.18
N LEU F 104 35.00 7.29 -17.99
CA LEU F 104 35.54 6.11 -17.33
C LEU F 104 34.93 5.95 -15.95
N GLN F 105 34.91 4.72 -15.44
CA GLN F 105 34.64 4.50 -14.02
C GLN F 105 35.88 4.97 -13.28
N LEU F 106 35.72 5.34 -12.01
CA LEU F 106 36.85 5.82 -11.22
C LEU F 106 37.90 4.73 -11.06
N GLY F 107 39.17 5.11 -11.24
CA GLY F 107 40.25 4.15 -11.19
C GLY F 107 40.73 3.75 -12.57
N TYR F 109 41.56 2.41 -16.21
CA TYR F 109 41.63 2.56 -17.67
C TYR F 109 41.77 1.18 -18.29
N THR F 110 40.79 0.79 -19.08
CA THR F 110 40.69 -0.58 -19.58
C THR F 110 40.81 -0.74 -21.09
N GLU F 111 40.82 -1.99 -21.54
CA GLU F 111 41.06 -2.33 -22.94
C GLU F 111 40.02 -1.76 -23.89
N GLU F 112 38.76 -1.74 -23.45
CA GLU F 112 37.68 -1.18 -24.28
C GLU F 112 37.88 0.30 -24.52
N GLU F 113 38.36 0.99 -23.49
CA GLU F 113 38.66 2.41 -23.60
C GLU F 113 39.91 2.63 -24.45
N GLN F 114 40.85 1.70 -24.35
CA GLN F 114 42.04 1.73 -25.19
C GLN F 114 41.64 1.65 -26.64
N LYS F 115 40.79 0.68 -26.96
CA LYS F 115 40.31 0.49 -28.32
C LYS F 115 39.48 1.68 -28.76
N THR F 116 38.72 2.24 -27.81
CA THR F 116 37.87 3.39 -28.09
C THR F 116 38.71 4.61 -28.46
N VAL F 117 39.70 4.90 -27.63
CA VAL F 117 40.63 6.00 -27.90
C VAL F 117 41.38 5.76 -29.21
N ALA F 118 41.86 4.53 -29.38
CA ALA F 118 42.55 4.13 -30.60
C ALA F 118 41.70 4.36 -31.84
N LEU F 119 40.43 3.96 -31.76
CA LEU F 119 39.50 4.14 -32.86
C LEU F 119 39.33 5.62 -33.21
N ILE F 120 39.12 6.44 -32.19
CA ILE F 120 38.98 7.88 -32.37
C ILE F 120 40.17 8.48 -33.12
N LYS F 121 41.37 8.11 -32.67
CA LYS F 121 42.61 8.49 -33.33
C LYS F 121 42.65 8.04 -34.79
N ALA F 122 42.27 6.79 -35.04
CA ALA F 122 42.35 6.22 -36.38
C ALA F 122 41.40 6.93 -37.34
N VAL F 123 40.17 7.18 -36.89
CA VAL F 123 39.17 7.80 -37.75
C VAL F 123 39.41 9.29 -37.89
N PHE F 124 39.73 9.95 -36.78
CA PHE F 124 39.81 11.41 -36.78
C PHE F 124 41.25 11.99 -36.77
N GLY F 125 42.17 11.30 -36.10
CA GLY F 125 43.55 11.77 -36.05
C GLY F 125 44.04 12.01 -34.63
N LYS F 126 45.30 12.42 -34.52
CA LYS F 126 45.85 12.82 -33.24
C LYS F 126 45.33 14.20 -32.85
N SER F 127 44.86 14.95 -33.83
CA SER F 127 44.35 16.30 -33.60
C SER F 127 43.01 16.25 -32.88
N ALA F 128 42.43 15.06 -32.78
CA ALA F 128 41.17 14.87 -32.08
C ALA F 128 41.41 14.79 -30.58
N MET F 129 42.62 14.38 -30.20
CA MET F 129 42.96 14.20 -28.80
C MET F 129 43.29 15.52 -28.10
N LYS F 130 43.35 16.59 -28.88
CA LYS F 130 43.48 17.92 -28.32
C LYS F 130 42.13 18.37 -27.78
N HIS F 131 41.07 17.85 -28.39
CA HIS F 131 39.71 18.19 -27.96
C HIS F 131 39.12 17.14 -27.02
N MET F 132 39.91 16.15 -26.66
CA MET F 132 39.47 15.13 -25.72
C MET F 132 39.69 15.56 -24.28
N VAL F 133 38.66 15.36 -23.46
CA VAL F 133 38.79 15.53 -22.02
C VAL F 133 38.39 14.24 -21.32
N ILE F 134 38.99 13.98 -20.17
CA ILE F 134 38.70 12.77 -19.40
C ILE F 134 37.73 13.05 -18.27
N LEU F 135 36.69 12.22 -18.18
CA LEU F 135 35.72 12.32 -17.09
C LEU F 135 35.58 10.99 -16.36
N PHE F 136 35.71 11.04 -15.04
CA PHE F 136 35.56 9.84 -14.23
C PHE F 136 34.21 9.92 -13.54
N THR F 137 33.59 8.77 -13.30
CA THR F 137 32.32 8.74 -12.59
C THR F 137 32.50 8.04 -11.25
N ARG F 138 31.42 7.95 -10.48
CA ARG F 138 31.47 7.34 -9.14
C ARG F 138 32.44 8.08 -8.23
N LYS F 139 32.44 9.41 -8.34
CA LYS F 139 33.30 10.26 -7.53
C LYS F 139 33.09 10.06 -6.04
N GLU F 140 31.87 9.68 -5.66
CA GLU F 140 31.55 9.52 -4.25
C GLU F 140 32.20 8.28 -3.64
N GLU F 141 32.89 7.48 -4.46
CA GLU F 141 33.42 6.21 -3.99
C GLU F 141 34.72 6.40 -3.21
N LEU F 142 35.41 7.51 -3.45
CA LEU F 142 36.65 7.78 -2.74
C LEU F 142 36.37 8.35 -1.36
N GLU F 143 35.17 8.91 -1.22
CA GLU F 143 34.67 9.38 0.07
C GLU F 143 35.52 10.53 0.63
N SER F 146 40.94 12.89 -2.06
CA SER F 146 41.04 13.90 -3.11
C SER F 146 41.20 13.25 -4.48
N PHE F 147 40.49 13.80 -5.46
CA PHE F 147 40.61 13.36 -6.84
C PHE F 147 42.03 13.60 -7.33
N HIS F 148 42.59 14.74 -6.92
CA HIS F 148 43.96 15.11 -7.24
C HIS F 148 44.93 14.04 -6.74
N ASP F 149 44.85 13.73 -5.45
CA ASP F 149 45.66 12.66 -4.84
C ASP F 149 45.41 11.33 -5.53
N PHE F 150 44.17 11.11 -5.96
CA PHE F 150 43.77 9.83 -6.54
C PHE F 150 44.46 9.50 -7.87
N ILE F 151 44.35 10.41 -8.83
CA ILE F 151 44.98 10.18 -10.13
C ILE F 151 46.47 10.46 -10.11
N ALA F 152 46.96 10.99 -8.99
CA ALA F 152 48.39 11.16 -8.81
C ALA F 152 49.01 9.83 -8.44
N ASP F 153 48.20 8.98 -7.83
CA ASP F 153 48.63 7.64 -7.41
C ASP F 153 48.42 6.63 -8.53
N ALA F 154 48.08 7.13 -9.72
CA ALA F 154 47.62 6.29 -10.83
C ALA F 154 48.69 5.39 -11.42
N ASP F 155 48.31 4.62 -12.44
CA ASP F 155 49.20 3.66 -13.08
C ASP F 155 49.67 4.19 -14.43
N VAL F 156 50.48 3.40 -15.12
CA VAL F 156 51.16 3.83 -16.34
C VAL F 156 50.21 4.17 -17.48
N GLY F 157 49.25 3.28 -17.74
CA GLY F 157 48.31 3.44 -18.84
C GLY F 157 47.39 4.62 -18.65
N LEU F 158 46.83 4.75 -17.46
CA LEU F 158 45.98 5.89 -17.12
C LEU F 158 46.77 7.21 -17.19
N LYS F 159 48.01 7.17 -16.69
CA LYS F 159 48.89 8.33 -16.73
C LYS F 159 49.15 8.78 -18.16
N SER F 160 49.41 7.82 -19.03
CA SER F 160 49.68 8.09 -20.44
C SER F 160 48.52 8.82 -21.12
N ILE F 161 47.32 8.26 -21.01
CA ILE F 161 46.15 8.84 -21.67
C ILE F 161 45.79 10.22 -21.09
N VAL F 162 45.99 10.38 -19.79
CA VAL F 162 45.81 11.68 -19.16
C VAL F 162 46.77 12.71 -19.78
N LYS F 163 48.03 12.31 -19.96
CA LYS F 163 49.02 13.15 -20.63
C LYS F 163 48.57 13.54 -22.02
N GLU F 164 48.12 12.55 -22.80
CA GLU F 164 47.64 12.77 -24.16
C GLU F 164 46.47 13.75 -24.18
N CYS F 165 45.64 13.69 -23.14
CA CYS F 165 44.49 14.58 -23.04
C CYS F 165 44.87 15.90 -22.39
N GLY F 166 46.16 16.05 -22.09
CA GLY F 166 46.67 17.33 -21.63
C GLY F 166 46.34 17.63 -20.18
N ASN F 167 46.19 16.57 -19.39
CA ASN F 167 45.75 16.67 -17.99
C ASN F 167 44.43 17.42 -17.83
N ARG F 168 43.50 17.16 -18.73
CA ARG F 168 42.15 17.65 -18.58
C ARG F 168 41.29 16.52 -18.04
N CYS F 169 40.98 16.59 -16.75
CA CYS F 169 40.20 15.55 -16.09
C CYS F 169 39.23 16.14 -15.09
N CYS F 170 38.01 15.60 -15.05
CA CYS F 170 37.03 15.99 -14.05
C CYS F 170 36.34 14.74 -13.54
N ALA F 171 35.71 14.84 -12.38
CA ALA F 171 34.95 13.73 -11.85
C ALA F 171 33.51 14.12 -11.55
N PHE F 172 32.60 13.17 -11.76
CA PHE F 172 31.18 13.40 -11.59
C PHE F 172 30.59 12.42 -10.59
N SER F 173 29.61 12.89 -9.83
CA SER F 173 28.77 11.98 -9.09
C SER F 173 27.39 12.07 -9.69
N ASN F 174 26.99 11.03 -10.42
CA ASN F 174 25.68 11.02 -11.03
C ASN F 174 24.70 10.25 -10.17
N SER F 175 25.15 9.90 -8.97
CA SER F 175 24.35 9.08 -8.09
C SER F 175 23.22 9.97 -7.62
N LYS F 176 22.11 9.33 -7.29
CA LYS F 176 20.90 10.03 -6.93
C LYS F 176 20.93 10.56 -5.48
N LYS F 177 21.87 10.05 -4.70
CA LYS F 177 22.05 10.50 -3.32
C LYS F 177 22.93 11.75 -3.29
N THR F 178 23.30 12.22 -4.48
CA THR F 178 24.12 13.41 -4.64
C THR F 178 23.29 14.65 -5.01
N SER F 179 23.57 15.77 -4.37
CA SER F 179 22.72 16.96 -4.42
C SER F 179 22.72 17.65 -5.78
N LYS F 180 21.71 18.49 -6.02
CA LYS F 180 21.59 19.25 -7.25
C LYS F 180 22.75 20.22 -7.43
N ALA F 181 23.05 20.96 -6.37
CA ALA F 181 24.03 22.03 -6.43
C ALA F 181 25.44 21.48 -6.62
N GLU F 182 25.72 20.37 -5.95
CA GLU F 182 26.98 19.67 -6.14
C GLU F 182 27.10 19.26 -7.60
N LYS F 183 26.06 18.62 -8.13
CA LYS F 183 26.02 18.18 -9.52
C LYS F 183 26.26 19.36 -10.46
N GLU F 184 25.55 20.46 -10.24
CA GLU F 184 25.71 21.66 -11.07
C GLU F 184 27.11 22.26 -10.92
N SER F 185 27.73 22.06 -9.75
CA SER F 185 29.10 22.50 -9.56
C SER F 185 30.02 21.67 -10.43
N GLN F 186 29.76 20.37 -10.46
CA GLN F 186 30.50 19.45 -11.31
C GLN F 186 30.32 19.80 -12.78
N VAL F 187 29.07 20.13 -13.15
CA VAL F 187 28.76 20.54 -14.51
C VAL F 187 29.54 21.79 -14.90
N GLN F 188 29.55 22.77 -14.00
CA GLN F 188 30.28 24.00 -14.23
C GLN F 188 31.77 23.75 -14.37
N GLU F 189 32.30 22.85 -13.55
CA GLU F 189 33.70 22.43 -13.62
C GLU F 189 34.03 21.96 -15.03
N LEU F 190 33.20 21.05 -15.55
CA LEU F 190 33.35 20.52 -16.90
C LEU F 190 33.28 21.61 -17.96
N VAL F 191 32.23 22.43 -17.90
CA VAL F 191 32.03 23.51 -18.87
C VAL F 191 33.23 24.47 -18.87
N GLU F 192 33.69 24.84 -17.68
CA GLU F 192 34.86 25.70 -17.55
C GLU F 192 36.08 25.03 -18.18
N LEU F 193 36.28 23.77 -17.84
CA LEU F 193 37.37 22.97 -18.39
C LEU F 193 37.34 22.97 -19.92
N ILE F 194 36.17 22.75 -20.48
CA ILE F 194 35.99 22.71 -21.93
C ILE F 194 36.30 24.05 -22.59
N GLU F 195 35.80 25.13 -22.01
CA GLU F 195 36.03 26.47 -22.55
C GLU F 195 37.51 26.84 -22.50
N LYS F 196 38.18 26.44 -21.44
CA LYS F 196 39.63 26.61 -21.32
C LYS F 196 40.31 25.88 -22.47
N MET F 197 40.00 24.60 -22.61
CA MET F 197 40.55 23.78 -23.68
C MET F 197 40.29 24.41 -25.05
N VAL F 198 39.06 24.85 -25.27
CA VAL F 198 38.67 25.51 -26.52
C VAL F 198 39.47 26.79 -26.72
N GLN F 199 39.64 27.54 -25.63
CA GLN F 199 40.40 28.78 -25.66
C GLN F 199 41.86 28.58 -26.07
N CYS F 200 42.51 27.58 -25.47
CA CYS F 200 43.87 27.23 -25.84
C CYS F 200 43.95 26.62 -27.23
N ASN F 201 42.79 26.16 -27.72
CA ASN F 201 42.71 25.53 -29.03
C ASN F 201 42.36 26.51 -30.16
N GLU F 202 42.50 27.80 -29.84
CA GLU F 202 42.18 28.91 -30.76
C GLU F 202 40.68 29.13 -31.01
N GLY F 203 39.85 28.68 -30.07
CA GLY F 203 38.47 29.14 -30.03
C GLY F 203 37.52 28.50 -31.03
N ALA F 204 37.87 27.32 -31.54
CA ALA F 204 37.01 26.65 -32.51
C ALA F 204 36.85 25.17 -32.19
N TYR F 205 35.79 24.57 -32.75
CA TYR F 205 35.50 23.17 -32.51
C TYR F 205 36.44 22.26 -33.30
N PHE F 206 36.23 20.95 -33.19
CA PHE F 206 37.00 19.99 -33.97
C PHE F 206 36.41 19.85 -35.36
N SER F 207 37.21 20.15 -36.38
CA SER F 207 36.77 19.98 -37.75
C SER F 207 37.86 19.33 -38.58
N ASP F 208 37.53 18.21 -39.21
CA ASP F 208 38.46 17.49 -40.05
C ASP F 208 37.82 17.27 -41.41
N ASP F 209 38.52 16.56 -42.30
CA ASP F 209 38.00 16.28 -43.64
C ASP F 209 36.60 15.66 -43.61
N ILE F 210 36.39 14.70 -42.71
CA ILE F 210 35.06 14.12 -42.52
C ILE F 210 34.01 15.18 -42.18
N TYR F 211 34.17 15.83 -41.03
CA TYR F 211 33.21 16.83 -40.57
C TYR F 211 32.92 17.94 -41.58
N LYS F 212 33.96 18.45 -42.23
CA LYS F 212 33.79 19.46 -43.27
C LYS F 212 32.95 18.91 -44.42
N ASP F 213 33.26 17.69 -44.85
CA ASP F 213 32.50 17.03 -45.90
C ASP F 213 31.01 16.89 -45.56
N THR F 214 30.73 16.19 -44.46
CA THR F 214 29.35 15.89 -44.07
C THR F 214 28.55 17.15 -43.76
N GLU F 215 29.23 18.19 -43.30
CA GLU F 215 28.57 19.48 -43.07
C GLU F 215 28.14 20.09 -44.39
N GLU F 216 29.04 20.04 -45.37
CA GLU F 216 28.72 20.50 -46.72
C GLU F 216 27.54 19.72 -47.29
N ARG F 217 27.57 18.40 -47.08
CA ARG F 217 26.46 17.53 -47.48
C ARG F 217 25.16 17.96 -46.82
N LEU F 218 25.19 18.11 -45.49
CA LEU F 218 24.03 18.58 -44.74
C LEU F 218 23.46 19.86 -45.32
N LYS F 219 24.34 20.82 -45.60
CA LYS F 219 23.94 22.11 -46.16
C LYS F 219 23.30 21.98 -47.53
N GLN F 220 23.89 21.13 -48.37
CA GLN F 220 23.36 20.87 -49.71
C GLN F 220 21.91 20.39 -49.69
N ARG F 221 21.67 19.34 -48.90
CA ARG F 221 20.33 18.74 -48.75
C ARG F 221 19.36 19.72 -48.07
N GLU F 222 19.89 20.53 -47.17
CA GLU F 222 19.10 21.58 -46.51
C GLU F 222 18.59 22.56 -47.56
N GLU F 223 19.48 22.98 -48.45
CA GLU F 223 19.13 23.89 -49.53
C GLU F 223 18.16 23.26 -50.53
N VAL F 224 18.41 21.98 -50.85
CA VAL F 224 17.52 21.21 -51.74
C VAL F 224 16.11 21.16 -51.17
N LEU F 225 16.00 20.71 -49.92
CA LEU F 225 14.71 20.63 -49.23
C LEU F 225 14.03 22.00 -49.15
N ARG F 226 14.83 23.05 -49.06
CA ARG F 226 14.29 24.42 -49.04
C ARG F 226 13.68 24.76 -50.39
N LYS F 227 14.38 24.38 -51.47
CA LYS F 227 13.89 24.58 -52.82
C LYS F 227 12.59 23.83 -53.04
N ILE F 228 12.56 22.58 -52.57
CA ILE F 228 11.34 21.76 -52.64
C ILE F 228 10.20 22.38 -51.85
N TYR F 229 10.46 22.69 -50.57
CA TYR F 229 9.41 23.19 -49.67
C TYR F 229 8.80 24.51 -50.16
N THR F 230 9.61 25.35 -50.77
CA THR F 230 9.12 26.59 -51.39
C THR F 230 8.19 26.26 -52.56
N ASP F 231 8.63 25.33 -53.40
CA ASP F 231 7.87 24.93 -54.59
C ASP F 231 6.54 24.27 -54.23
N GLN F 232 6.46 23.73 -53.01
CA GLN F 232 5.21 23.19 -52.50
C GLN F 232 4.18 24.31 -52.29
N ILE F 255 -4.43 30.36 -44.14
CA ILE F 255 -3.08 30.63 -44.62
C ILE F 255 -2.07 30.65 -43.47
N LYS F 256 -2.45 31.26 -42.35
CA LYS F 256 -1.60 31.31 -41.17
C LYS F 256 -1.23 29.92 -40.66
N LEU F 257 -2.24 29.06 -40.58
CA LEU F 257 -2.08 27.72 -40.06
C LEU F 257 -1.01 26.96 -40.86
N LEU F 258 -1.16 26.97 -42.18
CA LEU F 258 -0.17 26.39 -43.09
C LEU F 258 1.23 26.98 -42.90
N LYS F 259 1.30 28.31 -42.91
CA LYS F 259 2.57 29.02 -42.76
C LYS F 259 3.29 28.67 -41.47
N LEU F 260 2.54 28.52 -40.39
CA LEU F 260 3.10 28.09 -39.12
C LEU F 260 3.70 26.69 -39.24
N LYS F 261 2.89 25.78 -39.79
CA LYS F 261 3.29 24.40 -40.01
C LYS F 261 4.51 24.29 -40.91
N TYR F 262 4.60 25.15 -41.92
CA TYR F 262 5.77 25.23 -42.80
C TYR F 262 7.01 25.64 -42.02
N ASP F 263 6.86 26.71 -41.23
CA ASP F 263 7.97 27.26 -40.46
C ASP F 263 8.50 26.27 -39.41
N GLU F 264 7.61 25.49 -38.82
CA GLU F 264 8.01 24.49 -37.84
C GLU F 264 8.57 23.23 -38.53
N LYS F 265 8.33 23.12 -39.83
CA LYS F 265 8.86 22.01 -40.62
C LYS F 265 10.21 22.36 -41.24
N ILE F 266 10.48 23.65 -41.37
CA ILE F 266 11.75 24.09 -41.95
C ILE F 266 12.84 24.06 -40.88
N LYS F 267 12.44 24.18 -39.61
CA LYS F 267 13.38 24.08 -38.49
C LYS F 267 14.16 22.77 -38.53
N GLU F 271 17.42 18.68 -40.65
CA GLU F 271 17.16 17.49 -39.85
C GLU F 271 16.77 16.31 -40.73
N GLU F 272 15.86 16.55 -41.67
CA GLU F 272 15.49 15.55 -42.66
C GLU F 272 16.74 15.29 -43.49
N ALA F 273 17.53 16.34 -43.65
CA ALA F 273 18.83 16.24 -44.29
C ALA F 273 19.73 15.29 -43.49
N GLU F 274 19.79 15.47 -42.17
CA GLU F 274 20.61 14.62 -41.32
C GLU F 274 20.23 13.14 -41.43
N ARG F 275 18.96 12.86 -41.67
CA ARG F 275 18.53 11.47 -41.82
C ARG F 275 18.91 10.96 -43.21
N ASN F 276 18.83 11.85 -44.19
CA ASN F 276 19.09 11.51 -45.59
C ASN F 276 20.56 11.38 -45.95
N ILE F 277 21.41 12.16 -45.28
CA ILE F 277 22.84 12.22 -45.60
C ILE F 277 23.52 10.93 -45.15
N PHE F 278 22.81 10.20 -44.29
CA PHE F 278 23.34 9.03 -43.58
C PHE F 278 24.02 7.99 -44.48
N LYS F 279 23.29 7.48 -45.48
CA LYS F 279 23.72 6.32 -46.25
C LYS F 279 25.06 6.49 -46.99
N ASP F 280 25.33 7.70 -47.46
CA ASP F 280 26.64 8.00 -48.06
C ASP F 280 27.76 8.00 -47.01
N VAL F 281 27.50 8.65 -45.88
CA VAL F 281 28.48 8.75 -44.78
C VAL F 281 28.84 7.40 -44.20
N PHE F 282 27.85 6.52 -44.09
CA PHE F 282 28.10 5.15 -43.63
C PHE F 282 29.20 4.54 -44.48
N ASN F 283 29.08 4.71 -45.79
CA ASN F 283 30.05 4.19 -46.74
C ASN F 283 31.43 4.81 -46.54
N ARG F 284 31.47 6.12 -46.31
CA ARG F 284 32.72 6.83 -46.05
C ARG F 284 33.47 6.26 -44.85
N ILE F 285 32.77 6.08 -43.74
CA ILE F 285 33.36 5.48 -42.56
C ILE F 285 33.71 4.02 -42.82
N TRP F 286 32.85 3.36 -43.60
CA TRP F 286 33.04 1.94 -43.91
C TRP F 286 34.34 1.72 -44.67
N LYS F 287 34.68 2.66 -45.54
CA LYS F 287 35.96 2.66 -46.24
C LYS F 287 37.11 2.48 -45.26
N MET F 288 37.23 3.44 -44.35
CA MET F 288 38.30 3.48 -43.36
C MET F 288 38.29 2.27 -42.45
N LEU F 289 37.15 2.04 -41.80
CA LEU F 289 37.08 1.01 -40.75
C LEU F 289 37.24 -0.42 -41.26
N SER F 290 36.85 -0.69 -42.51
CA SER F 290 36.95 -2.03 -43.06
C SER F 290 38.40 -2.49 -43.17
N GLU F 291 39.28 -1.60 -43.61
CA GLU F 291 40.71 -1.88 -43.64
C GLU F 291 41.30 -2.05 -42.23
N ILE F 292 40.89 -1.19 -41.31
CA ILE F 292 41.48 -1.18 -39.98
C ILE F 292 40.94 -2.28 -39.06
N TRP F 293 39.69 -2.68 -39.30
CA TRP F 293 38.90 -3.42 -38.29
C TRP F 293 39.57 -4.66 -37.70
N HIS F 294 40.53 -5.23 -38.41
CA HIS F 294 41.24 -6.40 -37.89
C HIS F 294 42.18 -6.06 -36.74
N ARG F 295 42.49 -4.78 -36.59
CA ARG F 295 43.35 -4.33 -35.51
C ARG F 295 42.55 -4.37 -34.20
N PHE F 296 41.24 -4.21 -34.32
CA PHE F 296 40.37 -4.29 -33.15
C PHE F 296 39.00 -4.86 -33.53
MG MG G . 11.30 -1.21 7.89
PG GNP H . 9.71 0.02 5.47
O1G GNP H . 8.92 -1.19 5.92
O2G GNP H . 11.13 0.05 5.97
O3G GNP H . 9.77 0.25 3.98
N3B GNP H . 8.94 1.26 6.06
PB GNP H . 8.59 1.27 7.58
O1B GNP H . 7.34 0.52 7.81
O2B GNP H . 9.82 0.80 8.26
O3A GNP H . 8.35 2.70 8.02
PA GNP H . 9.37 3.42 8.92
O1A GNP H . 9.38 2.74 10.24
O2A GNP H . 10.66 3.52 8.20
O5' GNP H . 8.84 4.89 9.13
C5' GNP H . 8.17 5.61 8.09
C4' GNP H . 7.92 7.03 8.55
O4' GNP H . 6.65 7.08 9.24
C3' GNP H . 8.98 7.55 9.52
O3' GNP H . 9.77 8.57 8.91
C2' GNP H . 8.22 8.10 10.72
O2' GNP H . 8.49 9.48 10.95
C1' GNP H . 6.75 7.89 10.38
N9 GNP H . 6.02 7.25 11.48
C8 GNP H . 5.99 5.92 11.81
N7 GNP H . 5.25 5.67 12.86
C5 GNP H . 4.76 6.92 13.23
C6 GNP H . 3.91 7.29 14.30
O6 GNP H . 3.40 6.56 15.16
N1 GNP H . 3.67 8.66 14.31
C2 GNP H . 4.19 9.56 13.41
N2 GNP H . 3.85 10.85 13.56
N3 GNP H . 4.99 9.22 12.41
C4 GNP H . 5.23 7.89 12.39
MG MG I . -11.45 15.52 0.76
PG GNP J . -10.78 12.46 1.34
O1G GNP J . -11.08 12.41 -0.14
O2G GNP J . -11.40 13.61 2.09
O3G GNP J . -11.11 11.21 2.13
N3B GNP J . -9.21 12.55 1.47
PB GNP J . -8.39 13.91 1.64
O1B GNP J . -7.14 13.78 0.89
O2B GNP J . -9.29 15.04 1.28
O3A GNP J . -8.03 13.99 3.11
PA GNP J . -8.04 15.25 3.97
O1A GNP J . -7.74 16.42 3.12
O2A GNP J . -9.29 15.27 4.78
O5' GNP J . -6.85 15.11 4.98
C5' GNP J . -6.42 13.82 5.39
C4' GNP J . -5.62 13.90 6.67
O4' GNP J . -4.21 14.06 6.36
C3' GNP J . -6.02 15.05 7.57
O3' GNP J . -6.52 14.54 8.80
C2' GNP J . -4.77 15.88 7.81
O2' GNP J . -4.52 16.04 9.18
C1' GNP J . -3.64 15.08 7.15
N9 GNP J . -2.79 15.92 6.31
C8 GNP J . -3.08 16.40 5.05
N7 GNP J . -2.12 17.13 4.55
C5 GNP J . -1.14 17.14 5.53
C6 GNP J . 0.13 17.77 5.55
O6 GNP J . 0.66 18.46 4.67
N1 GNP J . 0.80 17.52 6.73
C2 GNP J . 0.31 16.76 7.77
N2 GNP J . 1.10 16.62 8.85
N3 GNP J . -0.87 16.17 7.76
C4 GNP J . -1.54 16.40 6.62
MG MG K . -33.65 -7.72 14.12
PG GNP L . -35.74 -5.62 12.74
O1G GNP L . -36.74 -6.62 13.24
O2G GNP L . -34.35 -6.16 12.49
O3G GNP L . -36.10 -4.90 11.47
N3B GNP L . -35.69 -4.46 13.81
PB GNP L . -34.58 -4.30 14.92
O1B GNP L . -35.22 -3.87 16.19
O2B GNP L . -33.76 -5.53 14.94
O3A GNP L . -33.73 -3.11 14.49
PA GNP L . -32.23 -3.19 14.22
O1A GNP L . -31.59 -3.88 15.36
O2A GNP L . -32.01 -3.72 12.85
O5' GNP L . -31.70 -1.71 14.24
C5' GNP L . -32.51 -0.66 13.75
C4' GNP L . -31.68 0.58 13.50
O4' GNP L . -31.72 1.43 14.67
C3' GNP L . -30.21 0.29 13.20
O3' GNP L . -29.93 0.70 11.87
C2' GNP L . -29.40 1.12 14.20
O2' GNP L . -28.52 2.01 13.55
C1' GNP L . -30.43 1.92 15.00
N9 GNP L . -30.30 1.83 16.45
C8 GNP L . -30.58 0.75 17.26
N7 GNP L . -30.36 0.99 18.53
C5 GNP L . -29.94 2.31 18.56
C6 GNP L . -29.56 3.13 19.64
O6 GNP L . -29.53 2.84 20.85
N1 GNP L . -29.19 4.41 19.24
C2 GNP L . -29.18 4.84 17.93
N2 GNP L . -28.80 6.11 17.71
N3 GNP L . -29.54 4.08 16.90
C4 GNP L . -29.90 2.83 17.29
MG MG M . -42.96 19.66 15.35
PG GNP N . -43.72 16.78 16.46
O1G GNP N . -43.59 15.30 16.71
O2G GNP N . -44.70 17.19 15.39
O3G GNP N . -44.10 17.62 17.67
N3B GNP N . -42.28 17.26 16.05
PB GNP N . -41.57 16.66 14.77
O1B GNP N . -42.27 15.44 14.31
O2B GNP N . -41.46 17.78 13.83
O3A GNP N . -40.17 16.22 15.18
PA GNP N . -39.20 17.28 15.68
O1A GNP N . -38.55 17.85 14.49
O2A GNP N . -39.92 18.18 16.61
O5' GNP N . -38.09 16.55 16.52
C5' GNP N . -37.47 15.38 16.01
C4' GNP N . -36.29 14.95 16.86
O4' GNP N . -35.51 13.99 16.12
C3' GNP N . -35.33 16.06 17.29
O3' GNP N . -34.94 15.88 18.63
C2' GNP N . -34.11 15.92 16.37
O2' GNP N . -32.90 16.00 17.09
C1' GNP N . -34.25 14.53 15.75
N9 GNP N . -34.12 14.53 14.30
C8 GNP N . -34.92 15.19 13.39
N7 GNP N . -34.55 15.02 12.16
C5 GNP N . -33.43 14.19 12.24
C6 GNP N . -32.61 13.67 11.23
O6 GNP N . -32.69 13.82 10.00
N1 GNP N . -31.59 12.88 11.76
C2 GNP N . -31.40 12.63 13.10
N2 GNP N . -30.36 11.85 13.43
N3 GNP N . -32.16 13.13 14.07
C4 GNP N . -33.16 13.89 13.56
MG MG O . 42.83 -7.40 -4.54
PG GNP P . 42.39 -5.45 -7.08
O1G GNP P . 42.98 -4.72 -8.26
O2G GNP P . 42.50 -6.95 -7.13
O3G GNP P . 42.93 -5.07 -5.73
N3B GNP P . 40.87 -5.03 -7.05
PB GNP P . 39.82 -5.81 -6.17
O1B GNP P . 39.14 -6.83 -7.01
O2B GNP P . 40.54 -6.28 -4.97
O3A GNP P . 38.74 -4.83 -5.75
PA GNP P . 38.77 -4.14 -4.40
O1A GNP P . 38.60 -5.19 -3.36
O2A GNP P . 39.96 -3.28 -4.32
O5' GNP P . 37.49 -3.21 -4.28
C5' GNP P . 37.29 -2.10 -5.15
C4' GNP P . 36.26 -1.15 -4.55
O4' GNP P . 34.94 -1.57 -4.95
C3' GNP P . 36.29 -1.07 -3.03
O3' GNP P . 36.62 0.24 -2.60
C2' GNP P . 34.88 -1.46 -2.57
O2' GNP P . 34.32 -0.44 -1.75
C1' GNP P . 34.06 -1.59 -3.85
N9 GNP P . 33.31 -2.84 -3.89
C8 GNP P . 33.80 -4.11 -3.92
N7 GNP P . 32.88 -5.03 -3.95
C5 GNP P . 31.69 -4.32 -3.95
C6 GNP P . 30.35 -4.76 -3.98
O6 GNP P . 29.94 -5.93 -4.02
N1 GNP P . 29.45 -3.70 -3.97
C2 GNP P . 29.80 -2.37 -3.93
N2 GNP P . 28.79 -1.49 -3.93
N3 GNP P . 31.04 -1.94 -3.90
C4 GNP P . 31.94 -2.96 -3.91
MG MG Q . 23.77 4.92 -22.26
PG GNP R . 25.26 1.92 -21.92
O1G GNP R . 26.54 2.36 -22.59
O2G GNP R . 24.00 2.15 -22.73
O3G GNP R . 25.20 0.47 -21.50
N3B GNP R . 25.16 2.72 -20.55
PB GNP R . 26.05 3.99 -20.26
O1B GNP R . 27.48 3.63 -20.36
O2B GNP R . 25.54 5.09 -21.09
O3A GNP R . 25.85 4.36 -18.81
PA GNP R . 24.47 4.52 -18.21
O1A GNP R . 24.34 5.92 -17.79
O2A GNP R . 23.45 3.97 -19.15
O5' GNP R . 24.47 3.64 -16.90
C5' GNP R . 24.02 4.20 -15.69
C4' GNP R . 24.49 3.38 -14.50
O4' GNP R . 25.82 3.80 -14.15
C3' GNP R . 23.62 3.54 -13.25
O3' GNP R . 23.02 2.30 -12.93
C2' GNP R . 24.56 3.97 -12.13
O2' GNP R . 24.60 3.00 -11.11
C1' GNP R . 25.93 4.10 -12.78
N9 GNP R . 26.51 5.43 -12.63
C8 GNP R . 26.71 6.37 -13.61
N7 GNP R . 27.25 7.48 -13.18
C5 GNP R . 27.43 7.26 -11.81
C6 GNP R . 27.97 8.09 -10.81
O6 GNP R . 28.43 9.24 -10.92
N1 GNP R . 27.96 7.47 -9.56
C2 GNP R . 27.49 6.21 -9.32
N2 GNP R . 27.57 5.77 -8.05
N3 GNP R . 26.99 5.41 -10.25
C4 GNP R . 26.98 6.00 -11.46
#